data_5J5Q
#
_entry.id   5J5Q
#
_cell.length_a   124.950
_cell.length_b   72.740
_cell.length_c   222.960
_cell.angle_alpha   90.00
_cell.angle_beta   91.89
_cell.angle_gamma   90.00
#
_symmetry.space_group_name_H-M   'C 1 2 1'
#
loop_
_entity.id
_entity.type
_entity.pdbx_description
1 polymer 'DNA topoisomerase 4 subunit B'
2 polymer "DNA (5'-D(*GP*CP*AP*TP*AP*TP*AP*TP*AP*TP*AP*TP*GP*C)-3')"
3 non-polymer 'PHOSPHOAMINOPHOSPHONIC ACID-ADENYLATE ESTER'
4 non-polymer 'MAGNESIUM ION'
#
loop_
_entity_poly.entity_id
_entity_poly.type
_entity_poly.pdbx_seq_one_letter_code
_entity_poly.pdbx_strand_id
1 'polypeptide(L)'
;AMSKKEININNYNDDAIQVLEGLDAVRKRPGMYIGSTDGAGLHHLVWEIVDNAVDEALSGFGDRIDVTINKDGSLTVQDH
GRGMPTGMHAMGIPTVEVIFTILHAGGKFGQGGYKTSGGLHGVGSSVVNALSSWLEVEITRDGAVYKQRFENGGKPVTTL
KKIGTAPKSKTGTKVTFMPDATIFSTTDFKYNTISERLNESAFLLKNVTLSLTDKRTDEAIEFHYENGVQDFVSYLNEDK
EILTPVLYFEGEDNGFQVEVALQYNDGFSDNILSFVNNVRTKDGGTHETGLKSAITKVMNDYARKTGLLKEKDKNLEGSD
YREGLAAVLSILVPEEHLQFEGQTKDKLGSPLARPVVDGIVADKLTFFLMENGELASNLIRKAIKARDAREAARKARDES
RNGHHHHHH
;
A,B,C,D
2 'polydeoxyribonucleotide' (DG)(DC)(DA)(DT)(DA)(DT)(DA)(DT)(DA)(DT)(DA)(DT)(DG)(DC) E,F
#
loop_
_chem_comp.id
_chem_comp.type
_chem_comp.name
_chem_comp.formula
ANP non-polymer 'PHOSPHOAMINOPHOSPHONIC ACID-ADENYLATE ESTER' 'C10 H17 N6 O12 P3'
DA DNA linking 2'-DEOXYADENOSINE-5'-MONOPHOSPHATE 'C10 H14 N5 O6 P'
DC DNA linking 2'-DEOXYCYTIDINE-5'-MONOPHOSPHATE 'C9 H14 N3 O7 P'
DG DNA linking 2'-DEOXYGUANOSINE-5'-MONOPHOSPHATE 'C10 H14 N5 O7 P'
DT DNA linking THYMIDINE-5'-MONOPHOSPHATE 'C10 H15 N2 O8 P'
MG non-polymer 'MAGNESIUM ION' 'Mg 2'
#
# COMPACT_ATOMS: atom_id res chain seq x y z
N GLU A 6 -29.84 25.06 34.39
CA GLU A 6 -28.83 24.79 35.41
C GLU A 6 -28.38 23.29 35.41
N ILE A 7 -27.09 23.02 35.26
CA ILE A 7 -26.63 21.67 34.96
C ILE A 7 -26.07 21.03 36.24
N ASN A 8 -26.74 19.96 36.72
CA ASN A 8 -26.35 19.32 37.94
C ASN A 8 -26.49 17.80 37.82
N ILE A 9 -26.05 17.06 38.84
CA ILE A 9 -26.34 15.63 38.89
C ILE A 9 -27.78 15.26 38.54
N ASN A 10 -28.73 16.13 38.83
CA ASN A 10 -30.11 15.72 38.69
C ASN A 10 -30.72 16.23 37.41
N ASN A 11 -29.95 16.97 36.68
CA ASN A 11 -30.37 17.54 35.42
C ASN A 11 -29.17 17.38 34.51
N TYR A 12 -29.16 16.26 33.76
CA TYR A 12 -28.07 15.78 32.89
C TYR A 12 -28.74 15.28 31.61
N ASN A 13 -29.03 16.22 30.72
CA ASN A 13 -29.47 15.88 29.39
C ASN A 13 -28.46 16.47 28.45
N ASP A 14 -28.87 16.71 27.20
CA ASP A 14 -27.91 16.94 26.15
C ASP A 14 -27.11 18.23 26.35
N ASP A 15 -27.42 19.14 27.25
CA ASP A 15 -26.46 20.20 27.44
C ASP A 15 -25.38 19.96 28.48
N ALA A 16 -25.31 18.77 29.06
CA ALA A 16 -24.26 18.49 30.03
C ALA A 16 -22.97 17.88 29.39
N ILE A 17 -23.00 17.73 28.06
CA ILE A 17 -21.93 17.27 27.19
C ILE A 17 -21.43 18.52 26.44
N GLN A 18 -20.15 18.87 26.65
CA GLN A 18 -19.55 20.03 26.05
C GLN A 18 -18.57 19.50 25.04
N VAL A 19 -18.44 20.14 23.91
CA VAL A 19 -17.52 19.72 22.91
C VAL A 19 -16.40 20.73 22.93
N LEU A 20 -15.17 20.31 23.26
CA LEU A 20 -14.07 21.27 23.25
C LEU A 20 -13.49 21.38 21.84
N GLU A 21 -13.46 22.60 21.27
CA GLU A 21 -12.62 22.87 20.09
C GLU A 21 -11.18 22.45 20.37
N GLY A 22 -10.52 21.86 19.39
CA GLY A 22 -9.18 21.30 19.66
C GLY A 22 -8.22 22.09 20.56
N LEU A 23 -7.79 23.29 20.10
CA LEU A 23 -6.78 23.94 20.90
C LEU A 23 -7.25 24.26 22.33
N ASP A 24 -8.57 24.50 22.54
CA ASP A 24 -9.09 24.59 23.90
C ASP A 24 -8.87 23.32 24.70
N ALA A 25 -8.98 22.14 24.05
CA ALA A 25 -8.75 20.86 24.75
C ALA A 25 -7.31 20.75 25.24
N VAL A 26 -6.32 21.18 24.41
CA VAL A 26 -4.98 21.05 25.00
C VAL A 26 -4.85 22.03 26.14
N ARG A 27 -5.59 23.16 26.14
CA ARG A 27 -5.51 24.05 27.32
C ARG A 27 -6.25 23.49 28.54
N LYS A 28 -7.33 22.74 28.33
CA LYS A 28 -8.15 22.18 29.41
C LYS A 28 -7.43 21.06 30.10
N ARG A 29 -6.67 20.25 29.32
CA ARG A 29 -6.03 19.01 29.78
C ARG A 29 -4.58 18.96 29.27
N PRO A 30 -3.77 20.04 29.58
CA PRO A 30 -2.30 20.03 29.36
C PRO A 30 -1.56 18.74 29.76
N GLY A 31 -1.98 18.05 30.84
CA GLY A 31 -1.35 16.75 31.12
C GLY A 31 -1.51 15.78 29.96
N MET A 32 -2.62 15.79 29.27
CA MET A 32 -2.70 14.76 28.27
C MET A 32 -1.66 14.99 27.16
N TYR A 33 -1.06 16.19 27.11
CA TYR A 33 -0.48 16.67 25.90
C TYR A 33 1.00 16.99 26.08
N ILE A 34 1.45 17.45 27.25
CA ILE A 34 2.88 17.57 27.55
C ILE A 34 3.22 17.06 28.94
N GLY A 35 2.22 16.49 29.64
CA GLY A 35 2.33 15.73 30.86
C GLY A 35 2.51 16.61 32.07
N SER A 36 3.02 17.80 31.89
CA SER A 36 2.96 18.54 33.13
C SER A 36 2.99 20.02 32.83
N THR A 37 2.61 20.80 33.81
CA THR A 37 2.61 22.19 33.50
C THR A 37 3.72 22.84 34.29
N ASP A 38 4.81 22.10 34.52
CA ASP A 38 6.00 22.66 35.21
C ASP A 38 7.22 22.87 34.25
N GLY A 39 8.39 23.13 34.85
CA GLY A 39 9.61 23.31 34.07
C GLY A 39 9.82 22.22 33.06
N ALA A 40 9.28 21.04 33.33
CA ALA A 40 9.45 19.94 32.41
C ALA A 40 8.52 20.05 31.25
N GLY A 41 7.31 20.54 31.53
CA GLY A 41 6.33 20.80 30.48
C GLY A 41 6.78 21.94 29.60
N LEU A 42 7.22 23.02 30.24
CA LEU A 42 7.78 24.12 29.52
C LEU A 42 8.88 23.64 28.57
N HIS A 43 9.81 22.77 29.07
CA HIS A 43 10.81 22.42 28.09
C HIS A 43 10.26 21.42 27.06
N HIS A 44 9.14 20.80 27.32
CA HIS A 44 8.59 20.06 26.19
C HIS A 44 8.25 20.96 25.04
N LEU A 45 7.69 22.15 25.33
CA LEU A 45 7.35 22.98 24.19
C LEU A 45 8.57 23.32 23.30
N VAL A 46 9.75 23.52 23.86
CA VAL A 46 10.92 23.62 22.98
C VAL A 46 11.11 22.35 22.17
N TRP A 47 11.23 21.22 22.84
CA TRP A 47 11.60 20.03 22.04
C TRP A 47 10.63 19.78 20.88
N GLU A 48 9.41 20.36 20.90
CA GLU A 48 8.51 19.93 19.82
C GLU A 48 8.84 20.65 18.54
N ILE A 49 9.35 21.86 18.75
CA ILE A 49 9.64 22.76 17.66
C ILE A 49 11.00 22.39 17.10
N VAL A 50 11.99 22.16 17.97
CA VAL A 50 13.22 21.52 17.47
C VAL A 50 12.94 20.17 16.75
N ASP A 51 12.12 19.27 17.31
CA ASP A 51 12.06 18.01 16.59
C ASP A 51 11.59 18.25 15.19
N ASN A 52 10.73 19.30 15.00
CA ASN A 52 10.11 19.66 13.68
C ASN A 52 11.19 20.11 12.65
N ALA A 53 12.27 20.70 13.18
CA ALA A 53 13.41 21.22 12.48
C ALA A 53 14.41 20.10 12.12
N VAL A 54 14.87 19.42 13.16
CA VAL A 54 15.44 18.08 12.97
C VAL A 54 14.72 17.22 11.92
N ASP A 55 13.38 17.25 11.89
CA ASP A 55 12.77 16.31 10.95
C ASP A 55 13.05 16.73 9.51
N GLU A 56 13.28 18.04 9.33
CA GLU A 56 13.60 18.54 8.01
C GLU A 56 14.99 18.04 7.63
N ALA A 57 15.98 18.34 8.47
CA ALA A 57 17.32 17.82 8.25
C ALA A 57 17.36 16.32 8.03
N LEU A 58 16.69 15.49 8.86
CA LEU A 58 16.68 14.09 8.49
C LEU A 58 16.09 13.83 7.12
N SER A 59 15.30 14.73 6.51
CA SER A 59 14.98 14.28 5.18
C SER A 59 15.87 14.92 4.18
N GLY A 60 16.76 15.79 4.65
CA GLY A 60 17.78 16.24 3.78
C GLY A 60 17.86 17.73 3.59
N PHE A 61 17.46 18.53 4.53
CA PHE A 61 17.08 19.90 4.21
C PHE A 61 17.43 20.76 5.40
N GLY A 62 18.58 21.39 5.35
CA GLY A 62 18.91 22.14 6.54
C GLY A 62 20.27 21.66 6.98
N ASP A 63 21.14 22.61 7.18
CA ASP A 63 22.46 22.31 7.63
C ASP A 63 22.65 23.01 8.92
N ARG A 64 21.57 23.55 9.45
CA ARG A 64 21.69 24.52 10.50
C ARG A 64 20.36 24.67 11.24
N ILE A 65 20.45 24.83 12.55
CA ILE A 65 19.28 24.98 13.43
C ILE A 65 19.63 25.78 14.65
N ASP A 66 19.14 27.02 14.72
CA ASP A 66 19.55 27.87 15.81
C ASP A 66 18.38 28.16 16.73
N VAL A 67 18.69 28.42 17.99
CA VAL A 67 17.70 28.50 19.08
C VAL A 67 18.05 29.70 19.93
N THR A 68 17.07 30.53 20.21
CA THR A 68 17.43 31.77 20.87
C THR A 68 16.44 31.96 22.01
N ILE A 69 16.94 32.32 23.18
CA ILE A 69 16.08 32.72 24.28
C ILE A 69 16.07 34.23 24.24
N ASN A 70 14.91 34.78 23.93
CA ASN A 70 14.82 36.16 23.66
C ASN A 70 14.91 36.91 25.00
N LYS A 71 15.26 38.22 24.96
CA LYS A 71 15.31 38.94 26.23
C LYS A 71 13.95 38.81 26.93
N ASP A 72 12.87 39.07 26.21
CA ASP A 72 11.53 39.02 26.76
C ASP A 72 11.12 37.62 27.20
N GLY A 73 11.96 36.58 27.05
CA GLY A 73 11.62 35.27 27.54
C GLY A 73 10.88 34.39 26.58
N SER A 74 10.52 34.90 25.42
CA SER A 74 10.18 33.99 24.33
C SER A 74 11.41 33.27 23.82
N LEU A 75 11.14 32.31 22.94
CA LEU A 75 12.18 31.50 22.39
C LEU A 75 11.89 31.32 20.91
N THR A 76 12.94 31.46 20.10
CA THR A 76 12.88 31.20 18.64
C THR A 76 13.59 29.88 18.29
N VAL A 77 13.12 29.23 17.24
CA VAL A 77 13.81 28.21 16.56
C VAL A 77 13.75 28.44 15.04
N GLN A 78 14.91 28.74 14.46
CA GLN A 78 15.09 28.87 13.01
C GLN A 78 15.75 27.63 12.40
N ASP A 79 15.22 27.15 11.28
CA ASP A 79 15.82 26.10 10.46
C ASP A 79 15.90 26.56 9.02
N HIS A 80 16.76 25.91 8.24
CA HIS A 80 16.82 26.21 6.81
C HIS A 80 16.27 25.05 5.95
N GLY A 81 15.27 24.38 6.46
CA GLY A 81 14.64 23.32 5.73
C GLY A 81 13.69 23.76 4.63
N ARG A 82 12.72 22.93 4.27
CA ARG A 82 12.06 23.30 3.05
C ARG A 82 11.05 24.45 3.28
N GLY A 83 10.71 24.72 4.57
CA GLY A 83 9.81 25.79 4.97
C GLY A 83 8.43 25.21 4.83
N MET A 84 7.51 25.67 5.67
CA MET A 84 6.22 25.04 5.59
C MET A 84 5.57 25.55 4.34
N PRO A 85 4.73 24.74 3.72
CA PRO A 85 3.98 25.16 2.55
C PRO A 85 3.30 26.50 2.77
N THR A 86 3.32 27.29 1.73
CA THR A 86 2.97 28.68 1.91
C THR A 86 1.60 28.98 1.35
N GLY A 87 0.95 28.02 0.70
CA GLY A 87 -0.34 28.31 0.13
C GLY A 87 -1.52 27.83 0.96
N MET A 88 -2.53 27.39 0.24
CA MET A 88 -3.85 27.33 0.81
C MET A 88 -4.19 25.91 1.02
N HIS A 89 -4.56 25.60 2.25
CA HIS A 89 -4.82 24.21 2.44
C HIS A 89 -6.22 23.88 1.97
N ALA A 90 -6.42 22.65 1.57
CA ALA A 90 -7.71 22.26 1.04
C ALA A 90 -8.82 22.28 2.08
N MET A 91 -8.56 22.57 3.32
CA MET A 91 -9.69 22.64 4.18
C MET A 91 -10.16 24.07 4.29
N GLY A 92 -9.57 24.94 3.47
CA GLY A 92 -9.94 26.29 3.35
C GLY A 92 -9.19 27.24 4.27
N ILE A 93 -7.92 26.99 4.53
CA ILE A 93 -7.18 27.98 5.29
C ILE A 93 -5.70 27.77 4.99
N PRO A 94 -4.88 28.79 5.10
CA PRO A 94 -3.45 28.59 4.84
C PRO A 94 -2.93 27.28 5.48
N THR A 95 -1.98 26.63 4.81
CA THR A 95 -1.45 25.42 5.39
C THR A 95 -0.73 25.75 6.70
N VAL A 96 0.05 26.86 6.74
CA VAL A 96 0.69 27.24 8.00
C VAL A 96 -0.33 27.20 9.10
N GLU A 97 -1.52 27.83 8.86
CA GLU A 97 -2.56 27.77 9.87
C GLU A 97 -2.89 26.31 10.27
N VAL A 98 -3.26 25.47 9.27
CA VAL A 98 -3.52 24.06 9.56
C VAL A 98 -2.44 23.45 10.47
N ILE A 99 -1.15 23.72 10.21
CA ILE A 99 -0.17 23.23 11.15
C ILE A 99 -0.49 23.76 12.53
N PHE A 100 -0.47 25.09 12.72
CA PHE A 100 -0.48 25.62 14.10
C PHE A 100 -1.83 25.59 14.82
N THR A 101 -2.93 25.28 14.17
CA THR A 101 -4.19 25.33 14.90
C THR A 101 -5.09 24.10 14.83
N ILE A 102 -4.86 23.09 13.97
CA ILE A 102 -5.70 21.89 13.87
C ILE A 102 -4.92 20.69 14.37
N LEU A 103 -5.57 19.88 15.22
CA LEU A 103 -4.88 18.73 15.82
C LEU A 103 -5.05 17.58 14.83
N HIS A 104 -4.02 16.75 14.77
CA HIS A 104 -3.97 15.57 13.94
C HIS A 104 -3.72 15.87 12.51
N ALA A 105 -2.68 16.66 12.27
CA ALA A 105 -2.45 17.14 10.90
C ALA A 105 -0.97 17.30 10.69
N GLY A 106 -0.49 16.77 9.56
CA GLY A 106 0.87 17.02 9.13
C GLY A 106 1.26 16.22 7.89
N GLY A 107 2.58 16.14 7.71
CA GLY A 107 3.05 15.51 6.54
C GLY A 107 3.70 14.23 6.92
N LYS A 108 3.69 13.86 8.20
CA LYS A 108 4.35 12.58 8.51
C LYS A 108 3.38 11.41 8.75
N PHE A 109 2.38 11.15 7.98
CA PHE A 109 1.67 9.93 8.18
C PHE A 109 1.97 9.05 7.00
N GLY A 110 3.18 9.19 6.48
CA GLY A 110 3.59 8.34 5.41
C GLY A 110 3.10 8.69 4.06
N GLN A 111 2.84 9.97 3.83
CA GLN A 111 2.34 10.38 2.53
C GLN A 111 3.49 10.63 1.59
N GLY A 112 4.68 10.86 2.15
CA GLY A 112 5.86 11.11 1.34
C GLY A 112 6.52 12.44 1.58
N GLY A 113 5.86 13.42 2.18
CA GLY A 113 6.50 14.67 2.48
C GLY A 113 7.84 14.47 3.14
N TYR A 114 7.94 13.46 3.97
CA TYR A 114 9.07 13.27 4.84
C TYR A 114 9.57 11.87 4.60
N LYS A 115 10.85 11.68 4.87
CA LYS A 115 11.28 10.34 5.08
C LYS A 115 10.95 10.02 6.52
N THR A 116 11.89 9.46 7.16
CA THR A 116 11.61 8.91 8.43
C THR A 116 11.71 9.99 9.48
N SER A 117 10.78 10.09 10.44
CA SER A 117 10.80 11.36 11.19
C SER A 117 10.64 11.08 12.65
N GLY A 118 11.09 12.03 13.48
CA GLY A 118 10.65 12.11 14.84
C GLY A 118 9.15 12.09 14.92
N GLY A 119 8.48 13.05 14.25
CA GLY A 119 7.08 13.28 14.50
C GLY A 119 6.18 12.25 13.85
N LEU A 120 4.98 12.17 14.41
CA LEU A 120 4.00 11.26 13.84
C LEU A 120 2.54 11.49 14.29
N HIS A 121 2.35 12.25 15.35
CA HIS A 121 1.02 12.42 15.88
C HIS A 121 0.19 13.53 15.14
N GLY A 122 0.84 14.48 14.45
CA GLY A 122 0.07 15.53 13.87
C GLY A 122 -0.42 16.47 14.95
N VAL A 123 0.33 16.64 16.04
CA VAL A 123 -0.18 17.58 17.02
C VAL A 123 0.92 18.47 17.57
N GLY A 124 2.20 18.12 17.45
CA GLY A 124 3.12 18.97 18.21
C GLY A 124 3.09 20.47 18.08
N SER A 125 3.22 20.98 16.83
CA SER A 125 3.15 22.43 16.54
C SER A 125 1.95 23.12 17.16
N SER A 126 0.79 22.46 17.01
CA SER A 126 -0.50 22.85 17.55
CA SER A 126 -0.46 22.96 17.56
C SER A 126 -0.53 22.90 19.06
N VAL A 127 0.24 22.05 19.71
CA VAL A 127 0.23 22.06 21.17
C VAL A 127 0.96 23.29 21.65
N VAL A 128 2.17 23.50 21.12
CA VAL A 128 2.95 24.67 21.47
C VAL A 128 2.18 25.98 21.29
N ASN A 129 1.48 26.12 20.16
CA ASN A 129 0.62 27.29 19.90
C ASN A 129 -0.48 27.44 20.97
N ALA A 130 -1.30 26.37 21.18
CA ALA A 130 -2.31 26.40 22.19
C ALA A 130 -1.78 26.74 23.56
N LEU A 131 -0.51 26.47 23.88
CA LEU A 131 -0.06 26.80 25.22
C LEU A 131 0.77 28.07 25.25
N SER A 132 0.61 28.96 24.26
CA SER A 132 1.45 30.16 24.17
C SER A 132 0.58 31.41 24.25
N SER A 133 1.05 32.41 25.04
CA SER A 133 0.49 33.77 25.03
C SER A 133 0.53 34.34 23.60
N TRP A 134 1.54 33.93 22.80
CA TRP A 134 1.50 34.25 21.37
C TRP A 134 2.59 33.41 20.69
N LEU A 135 2.46 33.29 19.38
CA LEU A 135 3.30 32.48 18.51
C LEU A 135 3.48 33.20 17.15
N GLU A 136 4.71 33.29 16.60
CA GLU A 136 4.92 33.84 15.25
C GLU A 136 5.68 32.90 14.29
N VAL A 137 5.07 32.53 13.19
CA VAL A 137 5.85 31.82 12.19
C VAL A 137 6.41 32.75 11.13
N GLU A 138 7.47 32.29 10.49
CA GLU A 138 7.98 33.00 9.31
C GLU A 138 8.55 31.96 8.37
N ILE A 139 7.95 31.78 7.19
CA ILE A 139 8.46 30.83 6.19
C ILE A 139 9.21 31.58 5.10
N THR A 140 10.39 31.12 4.73
CA THR A 140 11.05 31.54 3.50
C THR A 140 10.91 30.45 2.44
N ARG A 141 10.22 30.75 1.35
CA ARG A 141 10.21 29.85 0.19
C ARG A 141 10.05 30.69 -1.07
N ASP A 142 10.66 30.23 -2.17
CA ASP A 142 10.27 30.55 -3.55
C ASP A 142 10.46 32.02 -3.86
N GLY A 143 11.21 32.71 -3.04
CA GLY A 143 11.49 34.10 -3.22
C GLY A 143 10.86 35.02 -2.20
N ALA A 144 10.03 34.52 -1.31
CA ALA A 144 9.19 35.35 -0.49
C ALA A 144 9.38 34.94 0.95
N VAL A 145 9.09 35.88 1.86
CA VAL A 145 9.03 35.63 3.31
C VAL A 145 7.58 35.83 3.80
N TYR A 146 6.88 34.76 4.08
CA TYR A 146 5.54 34.82 4.65
C TYR A 146 5.61 34.80 6.16
N LYS A 147 4.57 35.23 6.81
CA LYS A 147 4.63 35.35 8.24
C LYS A 147 3.20 35.49 8.77
N GLN A 148 2.96 34.87 9.94
CA GLN A 148 1.63 34.73 10.53
C GLN A 148 1.73 34.71 12.04
N ARG A 149 0.83 35.39 12.73
CA ARG A 149 0.92 35.55 14.17
C ARG A 149 -0.36 35.08 14.89
N PHE A 150 -0.18 34.36 16.02
CA PHE A 150 -1.28 33.91 16.88
C PHE A 150 -1.18 34.49 18.31
N GLU A 151 -2.36 34.72 18.91
CA GLU A 151 -2.42 35.15 20.30
C GLU A 151 -3.53 34.41 21.01
N ASN A 152 -3.40 34.41 22.32
CA ASN A 152 -4.45 34.09 23.27
C ASN A 152 -4.78 32.60 23.27
N GLY A 153 -3.73 31.76 23.35
CA GLY A 153 -3.80 30.37 23.09
C GLY A 153 -4.07 29.97 21.66
N GLY A 154 -3.39 30.60 20.64
CA GLY A 154 -3.47 30.20 19.22
C GLY A 154 -4.71 30.57 18.42
N LYS A 155 -5.28 31.62 18.71
CA LYS A 155 -6.28 32.14 17.77
C LYS A 155 -5.57 33.16 16.83
N PRO A 156 -5.68 33.02 15.50
CA PRO A 156 -4.91 33.87 14.56
C PRO A 156 -5.27 35.33 14.56
N VAL A 157 -4.27 36.18 14.64
CA VAL A 157 -4.53 37.61 14.62
C VAL A 157 -4.06 38.25 13.31
N THR A 158 -3.23 37.55 12.50
CA THR A 158 -3.06 37.88 11.08
C THR A 158 -3.48 36.68 10.29
N THR A 159 -3.42 36.66 9.00
CA THR A 159 -3.49 35.42 8.22
C THR A 159 -2.06 35.14 7.75
N LEU A 160 -1.87 34.21 6.80
CA LEU A 160 -0.49 34.00 6.32
C LEU A 160 -0.23 35.07 5.30
N LYS A 161 0.53 36.13 5.71
CA LYS A 161 0.74 37.39 4.99
C LYS A 161 2.14 37.35 4.40
N LYS A 162 2.27 37.72 3.10
CA LYS A 162 3.57 37.95 2.47
C LYS A 162 4.09 39.29 2.92
N ILE A 163 5.23 39.25 3.61
CA ILE A 163 5.86 40.44 4.20
C ILE A 163 7.14 40.89 3.51
N GLY A 164 7.77 40.10 2.68
CA GLY A 164 8.78 40.73 1.82
C GLY A 164 9.52 39.82 0.83
N THR A 165 10.79 40.09 0.61
CA THR A 165 11.56 39.41 -0.42
C THR A 165 12.68 38.56 0.19
N ALA A 166 13.03 37.48 -0.51
CA ALA A 166 14.27 36.81 -0.18
C ALA A 166 14.84 36.21 -1.47
N PRO A 167 16.12 35.90 -1.49
CA PRO A 167 16.67 35.19 -2.63
C PRO A 167 16.02 33.81 -2.86
N LYS A 168 15.85 33.46 -4.16
CA LYS A 168 14.94 32.43 -4.71
C LYS A 168 15.31 31.00 -4.34
N SER A 169 16.53 30.72 -3.86
CA SER A 169 16.85 29.35 -3.47
C SER A 169 16.81 29.16 -1.96
N LYS A 170 16.56 30.22 -1.21
CA LYS A 170 16.69 30.27 0.23
C LYS A 170 15.38 29.86 0.81
N THR A 171 15.41 29.22 1.97
CA THR A 171 14.24 28.55 2.49
C THR A 171 14.47 28.44 3.99
N GLY A 172 13.48 27.99 4.73
CA GLY A 172 13.64 27.94 6.17
C GLY A 172 12.32 28.27 6.83
N THR A 173 12.20 27.90 8.16
CA THR A 173 11.08 28.23 9.04
C THR A 173 11.62 28.81 10.32
N LYS A 174 10.99 29.88 10.82
CA LYS A 174 11.44 30.55 12.06
C LYS A 174 10.26 30.66 13.03
N VAL A 175 10.28 29.88 14.15
CA VAL A 175 9.08 29.79 15.02
C VAL A 175 9.35 30.48 16.32
N THR A 176 8.56 31.54 16.63
CA THR A 176 8.74 32.25 17.89
C THR A 176 7.48 32.14 18.70
N PHE A 177 7.67 31.85 19.99
CA PHE A 177 6.51 31.63 20.84
C PHE A 177 6.91 32.00 22.25
N MET A 178 5.93 32.47 22.99
CA MET A 178 6.03 32.83 24.39
C MET A 178 5.16 31.86 25.23
N PRO A 179 5.69 31.05 26.14
CA PRO A 179 4.83 30.14 26.86
C PRO A 179 3.85 30.95 27.67
N ASP A 180 2.67 30.41 27.81
CA ASP A 180 1.58 31.14 28.40
C ASP A 180 1.66 31.10 29.93
N ALA A 181 2.06 32.21 30.57
CA ALA A 181 2.24 32.23 32.02
C ALA A 181 0.98 31.79 32.78
N THR A 182 -0.20 31.80 32.12
CA THR A 182 -1.41 31.42 32.86
C THR A 182 -1.52 29.90 33.07
N ILE A 183 -0.77 29.16 32.25
CA ILE A 183 -0.84 27.72 32.19
C ILE A 183 0.27 27.08 32.99
N PHE A 184 1.50 27.60 32.85
CA PHE A 184 2.70 26.98 33.39
C PHE A 184 3.02 27.60 34.71
N SER A 185 3.48 26.77 35.65
CA SER A 185 3.91 27.34 36.92
C SER A 185 5.25 28.05 36.77
N THR A 186 5.94 27.81 35.65
CA THR A 186 7.11 28.61 35.36
C THR A 186 7.28 28.67 33.86
N THR A 187 7.87 29.79 33.41
CA THR A 187 8.05 30.10 32.00
C THR A 187 9.44 30.66 31.76
N ASP A 188 10.32 30.43 32.73
CA ASP A 188 11.76 30.62 32.60
C ASP A 188 12.38 29.47 31.80
N PHE A 189 12.86 29.75 30.58
CA PHE A 189 13.49 28.67 29.87
C PHE A 189 14.87 28.54 30.46
N LYS A 190 15.38 27.33 30.50
CA LYS A 190 16.65 27.07 31.16
C LYS A 190 17.76 26.79 30.12
N TYR A 191 18.85 27.56 30.21
CA TYR A 191 19.85 27.50 29.16
C TYR A 191 20.63 26.19 29.23
N ASN A 192 20.85 25.72 30.47
CA ASN A 192 21.58 24.48 30.70
C ASN A 192 20.81 23.29 30.18
N THR A 193 19.51 23.33 30.39
CA THR A 193 18.65 22.26 29.97
C THR A 193 18.69 22.16 28.48
N ILE A 194 18.60 23.32 27.84
CA ILE A 194 18.41 23.32 26.39
C ILE A 194 19.72 22.95 25.74
N SER A 195 20.80 23.56 26.23
CA SER A 195 22.17 23.18 25.89
C SER A 195 22.34 21.66 25.88
N GLU A 196 21.96 21.03 26.98
CA GLU A 196 22.16 19.60 27.08
C GLU A 196 21.35 18.90 26.01
N ARG A 197 20.08 19.18 25.89
CA ARG A 197 19.30 18.45 24.89
C ARG A 197 19.86 18.62 23.51
N LEU A 198 20.50 19.72 23.24
CA LEU A 198 20.75 20.03 21.82
C LEU A 198 22.06 19.51 21.42
N ASN A 199 22.94 19.54 22.42
CA ASN A 199 24.12 18.71 22.35
C ASN A 199 23.73 17.32 21.94
N GLU A 200 22.86 16.71 22.71
CA GLU A 200 22.56 15.32 22.40
CA GLU A 200 22.50 15.34 22.43
C GLU A 200 21.89 15.22 21.04
N SER A 201 21.13 16.23 20.60
CA SER A 201 20.44 16.08 19.31
C SER A 201 21.44 16.16 18.18
N ALA A 202 22.51 16.93 18.42
CA ALA A 202 23.68 17.06 17.56
C ALA A 202 24.41 15.74 17.34
N PHE A 203 24.63 14.94 18.37
CA PHE A 203 25.44 13.74 18.03
C PHE A 203 24.84 12.93 16.90
N LEU A 204 23.52 13.05 16.68
CA LEU A 204 22.86 12.20 15.69
C LEU A 204 22.67 12.88 14.35
N LEU A 205 23.26 14.06 14.13
CA LEU A 205 23.01 14.88 12.93
C LEU A 205 24.36 15.42 12.41
N LYS A 206 25.06 14.53 11.67
CA LYS A 206 26.40 14.88 11.19
C LYS A 206 26.32 16.05 10.21
N ASN A 207 25.14 16.32 9.70
CA ASN A 207 25.07 17.25 8.61
C ASN A 207 24.49 18.58 9.04
N VAL A 208 24.34 18.74 10.35
CA VAL A 208 23.71 19.89 10.92
C VAL A 208 24.63 20.43 11.98
N THR A 209 24.69 21.74 12.07
CA THR A 209 25.26 22.44 13.21
C THR A 209 24.12 23.15 13.95
N LEU A 210 23.99 22.84 15.23
CA LEU A 210 22.98 23.35 16.15
C LEU A 210 23.53 24.45 17.06
N SER A 211 22.70 25.46 17.44
CA SER A 211 23.23 26.66 18.08
C SER A 211 22.31 27.02 19.26
N LEU A 212 22.87 27.49 20.38
CA LEU A 212 21.99 28.11 21.36
C LEU A 212 22.53 29.45 21.81
N THR A 213 21.70 30.52 21.66
CA THR A 213 22.03 31.86 22.20
C THR A 213 20.97 32.33 23.19
N ASP A 214 21.41 32.82 24.34
CA ASP A 214 20.45 33.24 25.37
C ASP A 214 20.58 34.77 25.54
N LYS A 215 19.78 35.54 24.80
CA LYS A 215 20.07 36.98 24.80
C LYS A 215 19.82 37.57 26.17
N ARG A 216 19.28 36.78 27.12
CA ARG A 216 19.09 37.27 28.48
C ARG A 216 20.41 37.57 29.17
N THR A 217 21.51 36.98 28.74
CA THR A 217 22.74 36.83 29.54
C THR A 217 23.99 36.84 28.65
N ASP A 218 23.84 36.76 27.33
CA ASP A 218 24.89 36.99 26.39
C ASP A 218 25.72 35.75 26.14
N GLU A 219 25.23 34.56 26.49
CA GLU A 219 26.00 33.34 26.30
C GLU A 219 25.44 32.51 25.16
N ALA A 220 26.37 31.88 24.43
CA ALA A 220 26.06 30.94 23.35
C ALA A 220 27.05 29.78 23.36
N ILE A 221 26.58 28.70 22.75
CA ILE A 221 27.31 27.49 22.45
C ILE A 221 26.90 27.05 21.05
N GLU A 222 27.82 26.35 20.37
CA GLU A 222 27.47 25.65 19.15
C GLU A 222 27.73 24.17 19.31
N PHE A 223 27.15 23.38 18.43
CA PHE A 223 27.22 21.94 18.48
C PHE A 223 27.41 21.36 17.09
N HIS A 224 28.51 20.63 16.87
CA HIS A 224 28.66 19.86 15.64
C HIS A 224 29.52 18.62 15.86
N TYR A 225 28.96 17.45 15.49
CA TYR A 225 29.68 16.20 15.55
C TYR A 225 29.77 15.49 14.18
N GLU A 226 31.00 14.92 13.90
CA GLU A 226 31.13 14.10 12.71
C GLU A 226 30.91 12.60 12.93
N ASN A 227 30.82 12.13 14.19
CA ASN A 227 30.90 10.67 14.43
C ASN A 227 29.83 10.08 15.30
N GLY A 228 28.69 10.70 15.35
CA GLY A 228 27.56 9.92 15.71
C GLY A 228 27.64 9.42 17.12
N VAL A 229 27.16 8.19 17.26
CA VAL A 229 27.18 7.53 18.52
C VAL A 229 28.58 7.22 19.02
N GLN A 230 29.61 7.10 18.18
CA GLN A 230 30.93 6.99 18.78
C GLN A 230 31.33 8.25 19.52
N ASP A 231 31.05 9.46 18.96
CA ASP A 231 31.37 10.73 19.63
C ASP A 231 30.53 10.87 20.88
N PHE A 232 29.30 10.34 20.78
CA PHE A 232 28.40 10.30 21.89
C PHE A 232 28.93 9.40 23.03
N VAL A 233 29.27 8.12 22.73
CA VAL A 233 29.82 7.30 23.81
C VAL A 233 31.07 7.96 24.36
N SER A 234 31.91 8.49 23.48
CA SER A 234 33.14 9.03 23.98
C SER A 234 32.89 10.15 24.95
N TYR A 235 31.79 10.88 24.76
CA TYR A 235 31.55 12.04 25.61
C TYR A 235 30.87 11.60 26.87
N LEU A 236 30.06 10.57 26.71
CA LEU A 236 29.45 9.96 27.87
C LEU A 236 30.50 9.54 28.88
N ASN A 237 31.72 9.13 28.44
CA ASN A 237 32.77 8.65 29.37
C ASN A 237 33.84 9.70 29.68
N GLU A 238 33.59 10.99 29.49
CA GLU A 238 34.72 11.87 29.30
C GLU A 238 35.62 11.93 30.53
N ASP A 239 35.06 12.24 31.70
CA ASP A 239 35.94 12.41 32.86
C ASP A 239 36.07 11.13 33.68
N LYS A 240 35.44 10.06 33.21
CA LYS A 240 35.63 8.72 33.69
C LYS A 240 36.91 8.14 33.13
N GLU A 241 37.29 6.99 33.64
CA GLU A 241 38.41 6.20 33.17
C GLU A 241 37.89 5.11 32.27
N ILE A 242 38.31 5.01 31.03
CA ILE A 242 37.75 3.89 30.27
C ILE A 242 38.45 2.58 30.65
N LEU A 243 37.82 1.45 30.28
CA LEU A 243 38.53 0.17 30.17
C LEU A 243 38.15 -0.52 28.86
N THR A 244 37.97 0.24 27.81
CA THR A 244 37.74 -0.42 26.53
C THR A 244 37.80 0.58 25.38
N PRO A 245 38.16 0.17 24.16
CA PRO A 245 37.96 1.07 23.02
C PRO A 245 36.48 1.26 22.87
N VAL A 246 36.10 2.31 22.15
CA VAL A 246 34.72 2.50 21.72
C VAL A 246 34.37 1.52 20.62
N LEU A 247 33.33 0.72 20.83
CA LEU A 247 32.82 -0.30 19.91
C LEU A 247 31.61 0.16 19.10
N TYR A 248 31.60 -0.13 17.83
CA TYR A 248 30.59 0.44 16.97
C TYR A 248 30.01 -0.61 16.07
N PHE A 249 28.75 -0.98 16.24
CA PHE A 249 28.06 -1.85 15.30
C PHE A 249 27.03 -1.07 14.51
N GLU A 250 26.54 -1.70 13.46
CA GLU A 250 25.71 -0.95 12.56
C GLU A 250 25.19 -1.93 11.54
N GLY A 251 23.96 -1.72 11.14
CA GLY A 251 23.32 -2.66 10.24
C GLY A 251 21.95 -2.14 9.87
N GLU A 252 21.33 -2.82 8.91
CA GLU A 252 20.10 -2.45 8.28
C GLU A 252 19.22 -3.69 8.26
N ASP A 253 17.91 -3.52 8.39
CA ASP A 253 17.01 -4.68 8.31
C ASP A 253 15.56 -4.23 8.04
N ASN A 254 14.96 -4.57 6.87
CA ASN A 254 13.52 -4.34 6.68
C ASN A 254 13.23 -2.84 6.57
N GLY A 255 14.21 -2.08 6.06
CA GLY A 255 14.17 -0.64 6.16
C GLY A 255 14.51 -0.01 7.53
N PHE A 256 14.67 -0.80 8.63
CA PHE A 256 15.18 -0.16 9.86
C PHE A 256 16.69 0.09 9.75
N GLN A 257 17.21 1.01 10.55
CA GLN A 257 18.65 1.31 10.63
CA GLN A 257 18.63 1.19 10.64
C GLN A 257 19.04 1.30 12.09
N VAL A 258 19.98 0.43 12.50
CA VAL A 258 20.49 0.38 13.87
C VAL A 258 21.89 0.91 13.81
N GLU A 259 22.26 1.73 14.81
CA GLU A 259 23.63 2.05 15.12
C GLU A 259 23.78 2.14 16.60
N VAL A 260 24.92 1.64 17.07
CA VAL A 260 25.19 1.60 18.51
C VAL A 260 26.69 1.71 18.75
N ALA A 261 27.02 2.51 19.73
CA ALA A 261 28.35 2.60 20.28
C ALA A 261 28.36 2.09 21.74
N LEU A 262 29.39 1.29 22.16
CA LEU A 262 29.52 0.85 23.56
C LEU A 262 30.96 0.99 24.08
N GLN A 263 31.06 1.29 25.38
CA GLN A 263 32.37 1.48 25.96
C GLN A 263 32.26 1.40 27.48
N TYR A 264 33.22 0.72 28.14
CA TYR A 264 33.16 0.39 29.58
C TYR A 264 34.02 1.31 30.41
N ASN A 265 33.60 1.60 31.62
CA ASN A 265 34.48 2.35 32.51
C ASN A 265 34.72 1.60 33.82
N ASP A 266 35.76 2.02 34.54
CA ASP A 266 36.04 1.43 35.83
C ASP A 266 34.87 1.54 36.81
N GLY A 267 33.71 2.09 36.40
CA GLY A 267 32.60 2.27 37.34
C GLY A 267 31.69 1.05 37.48
N PHE A 268 30.60 1.21 38.27
CA PHE A 268 29.52 0.22 38.43
C PHE A 268 28.14 0.66 37.87
N SER A 269 28.12 1.63 36.94
CA SER A 269 26.84 2.19 36.54
C SER A 269 26.66 1.83 35.11
N ASP A 270 25.43 1.61 34.68
CA ASP A 270 25.21 1.60 33.25
C ASP A 270 24.49 2.85 32.76
N ASN A 271 24.71 3.13 31.52
CA ASN A 271 24.49 4.42 30.95
C ASN A 271 24.08 4.11 29.54
N ILE A 272 22.86 3.66 29.39
CA ILE A 272 22.32 3.32 28.09
C ILE A 272 21.42 4.48 27.64
N LEU A 273 21.70 5.03 26.47
CA LEU A 273 20.86 6.11 25.99
C LEU A 273 20.26 5.68 24.67
N SER A 274 18.96 5.77 24.48
CA SER A 274 18.54 5.35 23.15
C SER A 274 17.66 6.38 22.47
N PHE A 275 17.47 6.18 21.16
CA PHE A 275 16.87 7.17 20.31
C PHE A 275 16.10 6.50 19.19
N VAL A 276 14.88 7.00 18.88
CA VAL A 276 14.13 6.60 17.68
C VAL A 276 14.01 7.82 16.83
N ASN A 277 14.46 7.66 15.59
CA ASN A 277 14.43 8.72 14.65
C ASN A 277 14.98 10.02 15.28
N ASN A 278 16.16 9.96 15.87
CA ASN A 278 16.78 11.11 16.47
C ASN A 278 16.05 11.65 17.64
N VAL A 279 14.89 11.10 18.00
CA VAL A 279 14.17 11.46 19.22
C VAL A 279 14.59 10.58 20.42
N ARG A 280 14.98 11.18 21.54
CA ARG A 280 15.41 10.50 22.73
C ARG A 280 14.34 9.62 23.40
N THR A 281 14.58 8.32 23.57
CA THR A 281 13.53 7.51 24.26
C THR A 281 13.96 7.22 25.68
N LYS A 282 13.50 7.99 26.68
CA LYS A 282 14.20 7.94 27.97
C LYS A 282 13.81 6.75 28.80
N ASP A 283 12.78 6.05 28.38
CA ASP A 283 12.22 4.86 29.00
C ASP A 283 12.50 3.66 28.10
N GLY A 284 13.41 3.78 27.17
CA GLY A 284 13.70 2.59 26.39
C GLY A 284 12.54 2.17 25.54
N GLY A 285 12.24 0.85 25.46
CA GLY A 285 11.18 0.35 24.59
C GLY A 285 11.69 -0.85 23.79
N THR A 286 10.95 -1.30 22.79
CA THR A 286 11.33 -2.57 22.22
C THR A 286 12.78 -2.59 21.71
N HIS A 287 13.40 -1.40 21.51
CA HIS A 287 14.69 -1.34 20.84
C HIS A 287 15.77 -1.36 21.89
N GLU A 288 15.69 -0.56 22.94
CA GLU A 288 16.61 -0.78 24.04
C GLU A 288 16.64 -2.26 24.51
N THR A 289 15.48 -2.82 24.88
CA THR A 289 15.34 -4.22 25.24
C THR A 289 16.09 -5.18 24.28
N GLY A 290 15.80 -5.25 22.97
CA GLY A 290 16.67 -6.09 22.14
C GLY A 290 18.16 -5.74 22.21
N LEU A 291 18.48 -4.48 22.50
CA LEU A 291 19.88 -4.18 22.67
C LEU A 291 20.41 -4.99 23.84
N LYS A 292 19.64 -4.98 24.94
CA LYS A 292 20.10 -5.55 26.18
C LYS A 292 20.03 -7.07 26.12
N SER A 293 18.95 -7.58 25.54
CA SER A 293 18.83 -9.00 25.33
C SER A 293 20.09 -9.51 24.74
N ALA A 294 20.49 -8.90 23.58
CA ALA A 294 21.55 -9.49 22.81
C ALA A 294 22.85 -9.39 23.57
N ILE A 295 23.15 -8.26 24.20
CA ILE A 295 24.39 -8.26 25.00
C ILE A 295 24.43 -9.48 25.94
N THR A 296 23.35 -9.74 26.67
CA THR A 296 23.44 -10.76 27.67
C THR A 296 23.65 -12.15 27.04
N LYS A 297 22.80 -12.50 26.08
CA LYS A 297 22.85 -13.83 25.49
C LYS A 297 24.20 -14.09 24.83
N VAL A 298 24.74 -13.08 24.12
CA VAL A 298 26.01 -13.26 23.44
C VAL A 298 27.11 -13.44 24.46
N MET A 299 27.05 -12.69 25.53
CA MET A 299 28.15 -12.82 26.48
C MET A 299 28.07 -14.11 27.35
N ASN A 300 26.89 -14.63 27.69
CA ASN A 300 26.96 -15.88 28.38
C ASN A 300 27.40 -16.98 27.40
N ASP A 301 26.99 -16.90 26.12
CA ASP A 301 27.47 -17.88 25.14
CA ASP A 301 27.47 -17.94 25.22
C ASP A 301 29.00 -17.92 25.14
N TYR A 302 29.59 -16.74 25.21
CA TYR A 302 31.02 -16.66 25.17
C TYR A 302 31.60 -17.16 26.46
N ALA A 303 31.05 -16.76 27.61
CA ALA A 303 31.26 -17.46 28.87
C ALA A 303 31.39 -18.97 28.72
N ARG A 304 30.34 -19.66 28.30
CA ARG A 304 30.45 -21.10 28.40
C ARG A 304 31.36 -21.67 27.31
N LYS A 305 31.34 -21.05 26.12
CA LYS A 305 32.21 -21.59 25.09
C LYS A 305 33.67 -21.48 25.53
N THR A 306 34.06 -20.39 26.25
CA THR A 306 35.48 -20.31 26.61
C THR A 306 35.80 -20.93 27.98
N GLY A 307 34.73 -21.34 28.72
CA GLY A 307 34.76 -22.03 29.96
C GLY A 307 34.91 -21.21 31.19
N LEU A 308 34.70 -19.87 31.15
CA LEU A 308 34.67 -19.08 32.38
C LEU A 308 33.38 -19.29 33.22
N LEU A 309 32.26 -19.64 32.55
CA LEU A 309 31.18 -20.36 33.19
C LEU A 309 31.20 -21.86 32.84
N LYS A 310 30.75 -22.68 33.82
CA LYS A 310 30.68 -24.10 33.70
C LYS A 310 29.25 -24.66 33.68
N GLU A 311 29.17 -25.97 33.54
CA GLU A 311 27.87 -26.63 33.66
C GLU A 311 27.23 -26.15 34.99
N LYS A 312 27.92 -26.48 36.13
CA LYS A 312 27.41 -26.23 37.49
C LYS A 312 26.98 -24.76 37.67
N ASP A 313 27.64 -23.84 36.95
CA ASP A 313 27.40 -22.42 37.10
C ASP A 313 26.19 -21.98 36.38
N LYS A 314 25.56 -20.98 37.00
CA LYS A 314 24.38 -20.26 36.51
C LYS A 314 24.78 -19.14 35.59
N ASN A 315 24.01 -19.01 34.51
CA ASN A 315 24.07 -17.83 33.63
C ASN A 315 24.07 -16.54 34.42
N LEU A 316 24.88 -15.59 33.99
CA LEU A 316 25.06 -14.27 34.58
C LEU A 316 23.81 -13.35 34.29
N GLU A 317 23.52 -12.41 35.17
CA GLU A 317 22.42 -11.53 34.89
C GLU A 317 22.87 -10.41 33.97
N GLY A 318 21.93 -9.91 33.15
CA GLY A 318 22.22 -8.74 32.30
C GLY A 318 22.71 -7.52 33.08
N SER A 319 22.10 -7.24 34.24
CA SER A 319 22.75 -6.34 35.18
C SER A 319 24.29 -6.55 35.34
N ASP A 320 24.83 -7.79 35.43
CA ASP A 320 26.26 -7.93 35.72
C ASP A 320 27.07 -7.40 34.54
N TYR A 321 26.65 -7.76 33.34
CA TYR A 321 27.32 -7.37 32.13
C TYR A 321 27.23 -5.86 31.86
N ARG A 322 26.29 -5.14 32.45
CA ARG A 322 26.18 -3.73 32.10
C ARG A 322 26.84 -2.77 33.10
N GLU A 323 27.48 -3.27 34.17
CA GLU A 323 28.19 -2.38 35.08
C GLU A 323 29.31 -1.67 34.32
N GLY A 324 29.50 -0.37 34.56
CA GLY A 324 30.41 0.43 33.76
C GLY A 324 30.06 0.58 32.29
N LEU A 325 28.99 -0.03 31.83
CA LEU A 325 28.56 0.12 30.46
C LEU A 325 27.98 1.54 30.23
N ALA A 326 28.31 2.09 29.01
CA ALA A 326 27.91 3.39 28.48
C ALA A 326 27.61 3.02 27.05
N ALA A 327 26.44 3.39 26.53
CA ALA A 327 26.11 2.92 25.22
C ALA A 327 25.15 3.91 24.58
N VAL A 328 25.21 4.04 23.25
CA VAL A 328 24.23 4.86 22.60
C VAL A 328 23.65 4.04 21.45
N LEU A 329 22.35 3.81 21.48
CA LEU A 329 21.66 3.10 20.43
C LEU A 329 20.82 4.15 19.70
N SER A 330 21.02 4.31 18.39
CA SER A 330 20.21 5.18 17.61
C SER A 330 19.66 4.35 16.50
N ILE A 331 18.39 4.06 16.52
CA ILE A 331 17.78 3.54 15.32
C ILE A 331 16.89 4.51 14.55
N LEU A 332 16.76 4.18 13.28
CA LEU A 332 15.88 4.78 12.38
C LEU A 332 14.80 3.75 12.17
N VAL A 333 13.54 4.07 12.47
CA VAL A 333 12.43 3.16 12.16
C VAL A 333 11.43 3.84 11.23
N PRO A 334 10.99 3.14 10.23
CA PRO A 334 10.13 3.71 9.19
C PRO A 334 8.73 4.13 9.65
N GLU A 335 8.11 5.14 9.00
CA GLU A 335 6.78 5.50 9.43
C GLU A 335 5.85 4.29 9.51
N GLU A 336 5.91 3.39 8.60
CA GLU A 336 4.79 2.47 8.64
C GLU A 336 4.94 1.44 9.76
N HIS A 337 5.93 1.58 10.60
CA HIS A 337 6.14 0.81 11.75
C HIS A 337 6.29 1.61 12.99
N LEU A 338 6.33 2.91 12.90
CA LEU A 338 6.60 3.72 14.10
C LEU A 338 5.39 3.69 15.01
N GLN A 339 5.61 3.72 16.28
CA GLN A 339 4.51 3.55 17.21
C GLN A 339 5.05 3.74 18.62
N PHE A 340 4.64 4.76 19.42
CA PHE A 340 5.16 4.94 20.77
C PHE A 340 4.11 4.49 21.78
N GLU A 341 4.44 4.33 23.07
CA GLU A 341 3.42 3.96 24.07
C GLU A 341 2.83 5.24 24.60
N GLY A 342 1.79 5.72 24.01
CA GLY A 342 1.36 7.00 24.52
C GLY A 342 1.56 8.12 23.52
N GLN A 343 1.02 9.28 23.90
CA GLN A 343 1.28 10.51 23.19
C GLN A 343 2.71 10.92 23.44
N THR A 344 3.38 10.38 24.49
CA THR A 344 4.56 11.05 25.04
C THR A 344 5.90 10.72 24.38
N LYS A 345 5.99 9.81 23.41
CA LYS A 345 7.32 9.52 22.83
C LYS A 345 8.45 9.07 23.81
N ASP A 346 8.13 8.97 25.10
CA ASP A 346 9.12 8.51 26.05
C ASP A 346 9.58 7.02 25.89
N LYS A 347 8.79 6.10 25.35
CA LYS A 347 9.40 4.81 25.08
C LYS A 347 8.77 4.19 23.89
N LEU A 348 9.61 3.49 23.09
CA LEU A 348 9.21 2.90 21.82
C LEU A 348 8.35 1.64 21.95
N GLY A 349 7.46 1.42 21.02
CA GLY A 349 6.59 0.34 21.33
C GLY A 349 6.50 -0.55 20.16
N SER A 350 7.05 -0.13 19.02
CA SER A 350 7.11 -0.95 17.80
C SER A 350 7.67 -2.39 18.05
N PRO A 351 6.84 -3.41 17.86
CA PRO A 351 7.31 -4.79 17.98
C PRO A 351 8.58 -5.12 17.15
N LEU A 352 8.58 -5.05 15.79
CA LEU A 352 9.72 -5.40 15.00
C LEU A 352 10.99 -4.71 15.48
N ALA A 353 10.98 -3.84 16.43
CA ALA A 353 12.33 -3.42 16.68
C ALA A 353 13.08 -4.31 17.67
N ARG A 354 12.42 -5.11 18.59
CA ARG A 354 13.21 -6.06 19.41
C ARG A 354 14.09 -6.99 18.56
N PRO A 355 13.53 -7.84 17.69
CA PRO A 355 14.39 -8.58 16.78
C PRO A 355 15.38 -7.74 16.06
N VAL A 356 15.00 -6.66 15.34
CA VAL A 356 16.02 -5.97 14.55
C VAL A 356 17.17 -5.62 15.49
N VAL A 357 16.89 -5.02 16.62
CA VAL A 357 18.15 -4.56 17.23
C VAL A 357 18.85 -5.74 17.80
N ASP A 358 18.12 -6.74 18.19
CA ASP A 358 18.83 -7.85 18.75
C ASP A 358 19.52 -8.67 17.70
N GLY A 359 18.96 -8.78 16.52
CA GLY A 359 19.70 -9.34 15.39
C GLY A 359 21.05 -8.65 15.14
N ILE A 360 20.96 -7.44 14.58
CA ILE A 360 22.14 -6.62 14.26
C ILE A 360 23.18 -6.68 15.38
N VAL A 361 22.80 -6.42 16.61
CA VAL A 361 23.90 -6.39 17.58
C VAL A 361 24.51 -7.78 17.80
N ALA A 362 23.69 -8.84 17.90
CA ALA A 362 24.18 -10.17 18.32
C ALA A 362 25.21 -10.69 17.36
N ASP A 363 24.80 -10.86 16.11
CA ASP A 363 25.71 -11.08 15.01
C ASP A 363 26.98 -10.24 15.14
N LYS A 364 26.85 -8.94 15.19
CA LYS A 364 28.05 -8.10 15.18
C LYS A 364 28.93 -8.30 16.41
N LEU A 365 28.30 -8.54 17.56
CA LEU A 365 29.07 -8.58 18.78
C LEU A 365 29.70 -9.98 19.05
N THR A 366 28.98 -11.10 18.76
CA THR A 366 29.61 -12.34 18.42
C THR A 366 30.90 -12.09 17.68
N PHE A 367 30.79 -11.68 16.41
CA PHE A 367 31.98 -11.59 15.56
C PHE A 367 33.14 -10.95 16.31
N PHE A 368 32.85 -10.06 17.23
CA PHE A 368 33.84 -9.16 17.77
C PHE A 368 34.58 -9.83 18.91
N LEU A 369 33.84 -10.52 19.78
CA LEU A 369 34.45 -11.31 20.86
C LEU A 369 35.29 -12.47 20.34
N MET A 370 34.77 -13.24 19.36
CA MET A 370 35.50 -14.28 18.65
C MET A 370 36.86 -13.75 18.25
N GLU A 371 37.05 -12.45 18.22
CA GLU A 371 38.24 -11.89 17.59
C GLU A 371 38.97 -10.87 18.46
N ASN A 372 38.63 -10.76 19.74
CA ASN A 372 39.19 -9.77 20.65
C ASN A 372 39.12 -10.41 22.02
N GLY A 373 39.82 -11.57 22.10
CA GLY A 373 39.56 -12.52 23.17
C GLY A 373 40.18 -12.07 24.46
N GLU A 374 41.34 -11.44 24.39
CA GLU A 374 41.85 -10.90 25.65
C GLU A 374 40.79 -9.99 26.26
N LEU A 375 40.30 -9.00 25.49
CA LEU A 375 39.30 -8.11 25.99
C LEU A 375 38.00 -8.83 26.34
N ALA A 376 37.44 -9.59 25.41
CA ALA A 376 36.30 -10.42 25.79
C ALA A 376 36.50 -11.13 27.16
N SER A 377 37.73 -11.54 27.49
CA SER A 377 37.81 -12.24 28.75
C SER A 377 37.91 -11.31 29.92
N ASN A 378 38.51 -10.13 29.76
CA ASN A 378 38.44 -9.20 30.90
C ASN A 378 37.00 -8.81 31.15
N LEU A 379 36.23 -8.71 30.07
CA LEU A 379 34.83 -8.34 30.20
C LEU A 379 34.13 -9.38 31.05
N ILE A 380 34.20 -10.68 30.58
CA ILE A 380 33.56 -11.78 31.29
C ILE A 380 34.05 -11.82 32.72
N ARG A 381 35.35 -11.71 32.90
CA ARG A 381 35.79 -11.69 34.29
C ARG A 381 35.14 -10.50 35.01
N LYS A 382 34.89 -9.38 34.33
CA LYS A 382 34.27 -8.24 35.04
C LYS A 382 32.86 -8.57 35.49
N ALA A 383 32.08 -9.21 34.62
CA ALA A 383 30.75 -9.60 35.01
C ALA A 383 30.81 -10.60 36.19
N ILE A 384 31.81 -11.49 36.21
CA ILE A 384 31.83 -12.39 37.34
C ILE A 384 32.09 -11.62 38.63
N LYS A 385 33.07 -10.71 38.65
CA LYS A 385 33.35 -10.15 39.98
C LYS A 385 32.14 -9.30 40.44
N ALA A 386 31.40 -8.68 39.47
CA ALA A 386 30.06 -8.20 39.64
C ALA A 386 29.16 -9.19 40.35
N ARG A 387 28.69 -10.24 39.64
CA ARG A 387 27.93 -11.36 40.22
C ARG A 387 28.40 -11.74 41.64
N ASP A 388 29.69 -11.69 41.92
CA ASP A 388 30.09 -12.08 43.27
C ASP A 388 29.81 -10.97 44.28
N ALA A 389 29.90 -9.71 43.86
CA ALA A 389 29.37 -8.62 44.70
C ALA A 389 27.85 -8.79 44.99
N ARG A 390 27.03 -8.88 43.95
CA ARG A 390 25.58 -9.05 44.07
C ARG A 390 25.16 -10.17 45.02
N GLU A 391 25.82 -11.37 44.82
CA GLU A 391 25.50 -12.61 45.52
C GLU A 391 26.08 -12.58 46.92
N ALA A 392 27.00 -11.62 47.17
CA ALA A 392 27.50 -11.28 48.51
C ALA A 392 26.53 -10.40 49.26
N ALA A 393 25.88 -9.54 48.51
CA ALA A 393 24.91 -8.74 49.19
C ALA A 393 23.70 -9.60 49.53
N ARG A 394 23.24 -10.51 48.62
CA ARG A 394 22.11 -11.39 49.02
C ARG A 394 22.41 -12.11 50.36
N LYS A 395 23.56 -12.82 50.45
CA LYS A 395 23.82 -13.60 51.67
C LYS A 395 23.99 -12.69 52.89
N ALA A 396 24.62 -11.51 52.72
CA ALA A 396 24.92 -10.78 53.92
C ALA A 396 23.70 -10.08 54.47
N ARG A 397 22.67 -9.90 53.61
CA ARG A 397 21.35 -9.39 53.95
C ARG A 397 20.51 -10.49 54.57
N ASP A 398 20.36 -11.60 53.84
CA ASP A 398 19.64 -12.77 54.33
C ASP A 398 20.19 -13.22 55.68
N GLU A 399 21.52 -13.27 55.80
CA GLU A 399 22.14 -13.62 57.07
C GLU A 399 21.80 -12.60 58.15
N SER A 400 21.18 -11.49 57.78
CA SER A 400 20.65 -10.55 58.75
C SER A 400 19.18 -10.74 59.09
N ARG A 401 18.45 -11.61 58.39
CA ARG A 401 17.10 -11.98 58.83
C ARG A 401 16.76 -13.44 59.19
N GLU B 6 3.15 12.40 -7.58
CA GLU B 6 3.35 11.75 -6.26
C GLU B 6 3.78 12.86 -5.24
N ILE B 7 3.62 12.60 -3.91
CA ILE B 7 4.13 13.53 -2.91
C ILE B 7 5.61 13.22 -2.67
N ASN B 8 6.43 14.26 -2.45
CA ASN B 8 7.85 13.98 -2.66
C ASN B 8 8.78 13.96 -1.49
N ILE B 9 9.06 15.15 -0.98
CA ILE B 9 10.42 15.42 -0.58
C ILE B 9 10.92 16.46 -1.56
N ASN B 10 10.88 16.27 -2.86
CA ASN B 10 11.31 17.46 -3.57
C ASN B 10 10.10 18.33 -4.02
N ASN B 11 9.16 18.65 -3.09
CA ASN B 11 7.73 18.73 -3.43
C ASN B 11 6.74 18.61 -2.28
N TYR B 12 7.13 19.22 -1.17
CA TYR B 12 6.38 19.38 0.07
C TYR B 12 5.56 20.65 -0.18
N ASN B 13 4.34 20.48 -0.70
CA ASN B 13 3.40 21.58 -0.89
C ASN B 13 2.18 21.44 0.01
N ASP B 14 1.27 22.39 -0.04
CA ASP B 14 0.02 22.32 0.74
C ASP B 14 -0.68 20.94 0.79
N ASP B 15 -0.46 20.18 -0.25
CA ASP B 15 -0.94 18.91 -0.64
C ASP B 15 -0.46 17.80 0.28
N ALA B 16 0.58 18.09 1.04
CA ALA B 16 1.36 17.13 1.74
C ALA B 16 0.97 17.09 3.19
N ILE B 17 0.24 18.08 3.64
CA ILE B 17 -0.22 18.09 5.00
C ILE B 17 -1.65 17.60 4.90
N GLN B 18 -1.97 16.63 5.74
CA GLN B 18 -3.22 15.91 5.77
C GLN B 18 -3.80 16.11 7.16
N VAL B 19 -5.12 16.07 7.21
CA VAL B 19 -5.87 16.23 8.43
C VAL B 19 -6.67 14.98 8.64
N LEU B 20 -6.43 14.28 9.76
CA LEU B 20 -7.21 13.09 10.02
C LEU B 20 -8.58 13.48 10.62
N GLU B 21 -9.65 12.93 10.05
CA GLU B 21 -10.93 12.95 10.72
C GLU B 21 -10.98 12.24 12.06
N GLY B 22 -10.07 12.53 13.02
CA GLY B 22 -10.41 12.30 14.41
C GLY B 22 -10.47 10.82 14.87
N LEU B 23 -11.64 10.12 14.72
CA LEU B 23 -11.61 8.70 14.87
C LEU B 23 -10.58 8.09 13.88
N ASP B 24 -10.47 8.64 12.67
CA ASP B 24 -9.36 8.23 11.84
C ASP B 24 -7.99 8.50 12.51
N ALA B 25 -7.82 9.60 13.23
CA ALA B 25 -6.54 9.80 13.90
C ALA B 25 -6.30 8.73 14.84
N VAL B 26 -7.37 8.14 15.39
CA VAL B 26 -7.07 7.17 16.45
C VAL B 26 -6.84 5.78 15.83
N ARG B 27 -7.56 5.41 14.76
CA ARG B 27 -7.12 4.26 14.00
C ARG B 27 -5.65 4.44 13.53
N LYS B 28 -5.17 5.66 13.22
CA LYS B 28 -3.79 5.70 12.68
C LYS B 28 -2.71 5.63 13.79
N ARG B 29 -2.98 6.13 14.99
CA ARG B 29 -1.95 6.32 15.98
C ARG B 29 -2.54 5.83 17.29
N PRO B 30 -2.94 4.52 17.28
CA PRO B 30 -3.57 3.94 18.46
C PRO B 30 -2.66 4.04 19.57
N GLY B 31 -1.37 4.01 19.32
CA GLY B 31 -0.46 4.02 20.45
C GLY B 31 -0.67 5.24 21.32
N MET B 32 -1.10 6.35 20.72
CA MET B 32 -1.26 7.56 21.47
C MET B 32 -2.45 7.42 22.45
N TYR B 33 -3.49 6.74 22.02
CA TYR B 33 -4.72 6.62 22.75
C TYR B 33 -4.79 5.39 23.66
N ILE B 34 -4.34 4.19 23.27
CA ILE B 34 -4.39 3.09 24.24
C ILE B 34 -3.04 2.50 24.62
N GLY B 35 -1.93 3.10 24.22
CA GLY B 35 -0.66 2.47 24.62
C GLY B 35 0.04 1.53 23.65
N SER B 36 -0.75 0.63 23.06
CA SER B 36 -0.30 -0.54 22.26
C SER B 36 -1.48 -1.34 21.73
N THR B 37 -1.34 -2.03 20.62
CA THR B 37 -2.38 -2.85 20.05
C THR B 37 -2.24 -4.32 20.42
N ASP B 38 -1.59 -4.62 21.52
CA ASP B 38 -1.54 -6.01 21.90
C ASP B 38 -2.67 -6.21 22.87
N GLY B 39 -2.72 -7.39 23.58
CA GLY B 39 -3.76 -7.67 24.53
C GLY B 39 -3.84 -6.66 25.64
N ALA B 40 -2.75 -6.04 26.03
CA ALA B 40 -2.88 -4.99 27.06
C ALA B 40 -3.72 -3.76 26.53
N GLY B 41 -3.26 -3.21 25.39
CA GLY B 41 -4.13 -2.47 24.55
C GLY B 41 -5.53 -2.99 24.52
N LEU B 42 -5.71 -4.28 24.20
CA LEU B 42 -7.08 -4.71 23.97
C LEU B 42 -7.92 -4.41 25.21
N HIS B 43 -7.34 -4.67 26.38
CA HIS B 43 -8.21 -4.56 27.52
C HIS B 43 -8.45 -3.10 27.94
N HIS B 44 -7.65 -2.12 27.48
CA HIS B 44 -7.94 -0.73 27.80
C HIS B 44 -9.32 -0.36 27.25
N LEU B 45 -9.73 -0.88 26.10
CA LEU B 45 -11.12 -0.67 25.66
C LEU B 45 -12.12 -1.04 26.72
N VAL B 46 -11.98 -2.22 27.32
CA VAL B 46 -12.83 -2.68 28.41
C VAL B 46 -12.77 -1.70 29.56
N TRP B 47 -11.58 -1.21 29.88
CA TRP B 47 -11.61 -0.35 31.02
C TRP B 47 -12.34 0.97 30.68
N GLU B 48 -12.11 1.55 29.51
CA GLU B 48 -12.85 2.72 29.09
C GLU B 48 -14.37 2.53 29.31
N ILE B 49 -14.96 1.43 28.82
CA ILE B 49 -16.40 1.42 29.04
C ILE B 49 -16.72 1.28 30.53
N VAL B 50 -15.96 0.45 31.29
CA VAL B 50 -16.34 0.20 32.69
C VAL B 50 -16.17 1.47 33.49
N ASP B 51 -15.13 2.24 33.20
CA ASP B 51 -14.92 3.46 33.95
C ASP B 51 -16.07 4.39 33.76
N ASN B 52 -16.75 4.25 32.62
CA ASN B 52 -17.90 5.05 32.38
C ASN B 52 -19.04 4.59 33.27
N ALA B 53 -19.25 3.27 33.40
CA ALA B 53 -20.33 2.93 34.38
C ALA B 53 -19.92 3.30 35.78
N VAL B 54 -18.65 3.39 36.04
CA VAL B 54 -18.29 3.66 37.41
C VAL B 54 -18.50 5.09 37.73
N ASP B 55 -18.13 5.97 36.81
CA ASP B 55 -18.30 7.38 37.01
C ASP B 55 -19.77 7.64 37.23
N GLU B 56 -20.64 6.93 36.53
CA GLU B 56 -22.07 7.07 36.84
C GLU B 56 -22.35 6.71 38.32
N ALA B 57 -21.83 5.53 38.77
CA ALA B 57 -22.10 5.08 40.15
C ALA B 57 -21.48 6.02 41.18
N LEU B 58 -20.29 6.55 40.91
CA LEU B 58 -19.64 7.46 41.84
C LEU B 58 -20.36 8.80 41.98
N SER B 59 -21.23 9.18 41.02
CA SER B 59 -22.11 10.35 41.13
C SER B 59 -23.44 9.97 41.82
N GLY B 60 -23.62 8.67 42.10
CA GLY B 60 -24.78 8.19 42.82
C GLY B 60 -25.75 7.33 42.02
N PHE B 61 -25.52 7.00 40.76
CA PHE B 61 -26.55 6.39 39.95
C PHE B 61 -26.11 5.00 39.59
N GLY B 62 -26.90 3.99 39.93
CA GLY B 62 -26.61 2.57 39.68
C GLY B 62 -25.96 1.73 40.79
N ASP B 63 -26.49 0.52 41.10
CA ASP B 63 -25.81 -0.33 42.06
C ASP B 63 -25.34 -1.62 41.43
N ARG B 64 -25.19 -1.68 40.12
CA ARG B 64 -24.90 -2.93 39.48
C ARG B 64 -24.39 -2.67 38.06
N ILE B 65 -23.12 -3.10 37.78
CA ILE B 65 -22.44 -3.13 36.45
C ILE B 65 -22.16 -4.58 36.03
N ASP B 66 -22.67 -4.98 34.85
CA ASP B 66 -22.58 -6.34 34.33
C ASP B 66 -21.82 -6.42 32.98
N VAL B 67 -20.46 -6.70 33.12
CA VAL B 67 -19.57 -6.96 32.01
C VAL B 67 -19.84 -8.32 31.45
N THR B 68 -19.72 -8.53 30.13
CA THR B 68 -20.06 -9.86 29.60
C THR B 68 -19.32 -10.17 28.32
N ILE B 69 -18.49 -11.22 28.30
CA ILE B 69 -17.78 -11.66 27.11
C ILE B 69 -18.73 -12.49 26.25
N ASN B 70 -19.10 -12.03 25.07
CA ASN B 70 -20.13 -12.85 24.43
C ASN B 70 -19.55 -14.01 23.63
N LYS B 71 -20.39 -15.03 23.42
CA LYS B 71 -20.01 -16.11 22.50
C LYS B 71 -19.25 -15.58 21.28
N ASP B 72 -19.78 -14.60 20.60
CA ASP B 72 -19.13 -14.21 19.35
C ASP B 72 -17.91 -13.32 19.58
N GLY B 73 -17.50 -13.08 20.78
CA GLY B 73 -16.25 -12.44 20.95
C GLY B 73 -16.30 -11.00 21.34
N SER B 74 -17.43 -10.34 21.26
CA SER B 74 -17.55 -8.95 21.66
C SER B 74 -17.83 -8.88 23.13
N LEU B 75 -17.85 -7.67 23.65
CA LEU B 75 -17.99 -7.50 25.11
C LEU B 75 -19.03 -6.42 25.45
N THR B 76 -19.71 -6.58 26.58
CA THR B 76 -20.87 -5.80 26.95
C THR B 76 -20.68 -5.23 28.33
N VAL B 77 -21.12 -3.97 28.53
CA VAL B 77 -21.11 -3.35 29.84
C VAL B 77 -22.48 -2.76 30.06
N GLN B 78 -23.25 -3.32 31.01
CA GLN B 78 -24.59 -2.83 31.34
C GLN B 78 -24.55 -2.09 32.67
N ASP B 79 -25.11 -0.91 32.77
CA ASP B 79 -25.21 -0.22 34.06
C ASP B 79 -26.64 0.26 34.29
N HIS B 80 -26.83 0.77 35.48
CA HIS B 80 -28.16 1.25 35.83
C HIS B 80 -28.07 2.71 36.24
N GLY B 81 -27.31 3.42 35.51
CA GLY B 81 -27.09 4.81 35.78
C GLY B 81 -28.17 5.49 35.02
N ARG B 82 -27.90 6.77 34.77
CA ARG B 82 -28.94 7.68 34.35
C ARG B 82 -29.28 7.42 32.90
N GLY B 83 -28.32 6.93 32.17
CA GLY B 83 -28.46 6.78 30.74
C GLY B 83 -27.72 7.88 30.07
N MET B 84 -27.36 7.64 28.82
CA MET B 84 -26.75 8.72 28.03
C MET B 84 -27.88 9.66 27.57
N PRO B 85 -27.69 10.98 27.41
CA PRO B 85 -28.79 11.82 26.94
C PRO B 85 -29.34 11.37 25.60
N THR B 86 -30.66 11.32 25.47
CA THR B 86 -31.28 10.75 24.26
C THR B 86 -31.84 11.78 23.23
N GLY B 87 -31.42 13.02 23.30
CA GLY B 87 -31.91 14.00 22.38
C GLY B 87 -30.99 14.47 21.26
N MET B 88 -31.28 15.64 20.76
CA MET B 88 -30.40 16.29 19.82
C MET B 88 -29.42 17.12 20.61
N HIS B 89 -28.12 16.90 20.37
CA HIS B 89 -27.03 17.71 20.90
C HIS B 89 -27.00 19.05 20.20
N ALA B 90 -26.32 20.01 20.82
CA ALA B 90 -26.17 21.34 20.21
C ALA B 90 -25.36 21.35 18.91
N MET B 91 -25.32 20.28 18.15
CA MET B 91 -24.46 20.31 17.02
C MET B 91 -25.05 19.47 15.93
N GLY B 92 -26.25 18.99 16.09
CA GLY B 92 -27.00 18.53 14.98
C GLY B 92 -26.86 17.09 14.63
N ILE B 93 -26.32 16.32 15.57
CA ILE B 93 -26.49 14.89 15.62
C ILE B 93 -26.82 14.56 17.04
N PRO B 94 -27.56 13.48 17.27
CA PRO B 94 -27.88 13.09 18.65
C PRO B 94 -26.71 13.19 19.63
N THR B 95 -27.01 13.45 20.90
CA THR B 95 -25.91 13.49 21.87
C THR B 95 -25.14 12.15 21.95
N VAL B 96 -25.83 11.00 21.86
CA VAL B 96 -25.14 9.72 21.98
C VAL B 96 -24.08 9.71 20.93
N GLU B 97 -24.50 10.16 19.73
CA GLU B 97 -23.59 10.15 18.60
C GLU B 97 -22.38 11.04 18.88
N VAL B 98 -22.59 12.13 19.60
CA VAL B 98 -21.45 12.91 20.08
C VAL B 98 -20.54 12.06 20.95
N ILE B 99 -21.09 11.32 21.91
CA ILE B 99 -20.23 10.62 22.84
C ILE B 99 -19.23 9.69 22.11
N PHE B 100 -19.80 8.82 21.24
CA PHE B 100 -19.11 7.79 20.50
C PHE B 100 -18.31 8.29 19.28
N THR B 101 -18.64 9.40 18.64
CA THR B 101 -17.89 9.71 17.43
C THR B 101 -17.05 10.99 17.42
N ILE B 102 -17.07 11.79 18.48
CA ILE B 102 -16.44 13.11 18.41
C ILE B 102 -15.49 13.16 19.56
N LEU B 103 -14.31 13.72 19.32
CA LEU B 103 -13.32 13.54 20.37
C LEU B 103 -13.34 14.72 21.28
N HIS B 104 -12.85 14.53 22.41
CA HIS B 104 -12.77 15.62 23.35
C HIS B 104 -14.12 16.20 23.67
N ALA B 105 -15.09 15.34 23.86
CA ALA B 105 -16.47 15.74 24.11
C ALA B 105 -16.99 14.98 25.30
N GLY B 106 -17.76 15.64 26.15
CA GLY B 106 -18.57 14.90 27.10
C GLY B 106 -18.87 15.75 28.33
N GLY B 107 -19.36 15.07 29.39
CA GLY B 107 -19.76 15.68 30.62
C GLY B 107 -18.83 15.93 31.77
N LYS B 108 -17.53 15.95 31.61
CA LYS B 108 -16.71 15.96 32.85
C LYS B 108 -15.67 17.06 32.81
N PHE B 109 -16.13 18.21 32.29
CA PHE B 109 -15.24 19.35 32.06
C PHE B 109 -15.51 20.41 33.09
N GLY B 110 -16.37 20.10 34.03
CA GLY B 110 -16.68 20.96 35.13
C GLY B 110 -18.17 21.37 35.16
N GLN B 111 -18.90 20.99 34.08
CA GLN B 111 -20.22 21.50 33.84
C GLN B 111 -21.16 21.20 35.01
N GLY B 112 -21.03 20.05 35.62
CA GLY B 112 -21.86 19.75 36.75
C GLY B 112 -22.65 18.48 36.64
N GLY B 113 -22.60 17.79 35.50
CA GLY B 113 -23.25 16.50 35.37
C GLY B 113 -22.62 15.36 36.19
N TYR B 114 -21.40 15.48 36.61
CA TYR B 114 -20.78 14.35 37.30
C TYR B 114 -20.16 14.98 38.51
N LYS B 115 -20.14 14.21 39.60
CA LYS B 115 -19.37 14.62 40.75
C LYS B 115 -17.95 14.24 40.38
N THR B 116 -17.11 14.05 41.39
CA THR B 116 -15.83 13.35 41.24
C THR B 116 -15.92 12.22 40.23
N SER B 117 -14.85 12.02 39.50
CA SER B 117 -15.00 11.10 38.38
C SER B 117 -13.62 10.85 37.76
N GLY B 118 -13.46 9.65 37.13
CA GLY B 118 -12.20 9.22 36.64
C GLY B 118 -11.94 9.73 35.27
N GLY B 119 -12.89 9.55 34.35
CA GLY B 119 -12.83 10.25 33.06
C GLY B 119 -12.82 11.78 33.21
N LEU B 120 -12.16 12.46 32.20
CA LEU B 120 -11.78 13.87 32.20
C LEU B 120 -11.24 14.27 30.83
N HIS B 121 -10.97 13.32 29.93
CA HIS B 121 -10.43 13.71 28.64
C HIS B 121 -11.53 13.75 27.60
N GLY B 122 -12.63 13.10 27.85
CA GLY B 122 -13.62 13.03 26.79
C GLY B 122 -13.14 12.33 25.56
N VAL B 123 -12.52 11.12 25.64
CA VAL B 123 -12.14 10.46 24.40
C VAL B 123 -12.61 9.04 24.43
N GLY B 124 -12.52 8.42 25.67
CA GLY B 124 -12.87 7.04 26.00
C GLY B 124 -13.87 6.33 25.06
N SER B 125 -15.16 6.70 25.07
CA SER B 125 -16.07 5.95 24.24
C SER B 125 -15.76 6.15 22.79
N SER B 126 -15.19 7.30 22.41
CA SER B 126 -14.92 7.44 20.98
C SER B 126 -13.76 6.53 20.55
N VAL B 127 -12.68 6.48 21.39
CA VAL B 127 -11.56 5.57 21.19
C VAL B 127 -12.04 4.11 21.06
N VAL B 128 -12.86 3.63 22.02
CA VAL B 128 -13.47 2.30 21.87
C VAL B 128 -14.21 2.19 20.54
N ASN B 129 -15.01 3.20 20.22
CA ASN B 129 -15.79 3.16 18.99
C ASN B 129 -14.91 3.08 17.75
N ALA B 130 -13.82 3.89 17.74
CA ALA B 130 -12.92 4.04 16.58
C ALA B 130 -12.24 2.73 16.30
N LEU B 131 -12.06 1.94 17.38
CA LEU B 131 -11.22 0.76 17.35
C LEU B 131 -12.05 -0.51 17.32
N SER B 132 -13.31 -0.45 16.80
CA SER B 132 -14.19 -1.61 16.83
C SER B 132 -14.77 -1.85 15.47
N SER B 133 -15.09 -3.06 15.22
CA SER B 133 -15.60 -3.19 13.88
C SER B 133 -17.13 -3.08 13.86
N TRP B 134 -17.74 -3.11 15.06
CA TRP B 134 -19.09 -2.66 15.24
C TRP B 134 -19.27 -2.33 16.71
N LEU B 135 -20.37 -1.58 17.03
CA LEU B 135 -20.64 -1.20 18.41
C LEU B 135 -22.10 -0.74 18.55
N GLU B 136 -22.74 -1.08 19.67
CA GLU B 136 -24.17 -0.96 19.87
C GLU B 136 -24.43 -0.32 21.20
N VAL B 137 -25.43 0.51 21.28
CA VAL B 137 -25.76 1.16 22.54
C VAL B 137 -27.22 0.95 22.79
N GLU B 138 -27.55 0.62 23.99
CA GLU B 138 -28.95 0.56 24.38
C GLU B 138 -29.09 1.51 25.58
N ILE B 139 -29.90 2.58 25.45
CA ILE B 139 -30.13 3.53 26.54
C ILE B 139 -31.53 3.35 27.06
N THR B 140 -31.65 3.39 28.37
CA THR B 140 -32.95 3.30 28.95
C THR B 140 -33.25 4.57 29.72
N ARG B 141 -34.28 5.28 29.28
CA ARG B 141 -34.56 6.58 29.82
C ARG B 141 -36.03 6.86 29.75
N ASP B 142 -36.54 7.34 30.89
CA ASP B 142 -37.84 7.99 30.93
C ASP B 142 -38.86 7.14 30.19
N GLY B 143 -38.94 5.87 30.54
CA GLY B 143 -39.95 5.01 29.99
C GLY B 143 -39.56 4.26 28.72
N ALA B 144 -38.51 4.69 28.02
CA ALA B 144 -38.16 4.30 26.66
C ALA B 144 -36.79 3.59 26.62
N VAL B 145 -36.55 2.78 25.57
CA VAL B 145 -35.22 2.21 25.27
C VAL B 145 -34.77 2.61 23.86
N TYR B 146 -33.63 3.29 23.77
CA TYR B 146 -33.04 3.76 22.50
C TYR B 146 -31.79 2.97 22.14
N LYS B 147 -31.69 2.57 20.89
CA LYS B 147 -30.54 1.83 20.44
C LYS B 147 -29.90 2.55 19.24
N GLN B 148 -28.60 2.32 19.06
CA GLN B 148 -27.93 2.77 17.84
C GLN B 148 -26.67 1.96 17.67
N ARG B 149 -26.35 1.65 16.39
CA ARG B 149 -25.19 0.87 15.96
C ARG B 149 -24.18 1.66 15.08
N PHE B 150 -22.90 1.26 15.12
CA PHE B 150 -21.84 1.80 14.32
C PHE B 150 -21.04 0.68 13.69
N GLU B 151 -20.41 0.92 12.55
CA GLU B 151 -19.60 -0.14 11.95
C GLU B 151 -18.35 0.46 11.28
N ASN B 152 -17.26 -0.34 11.25
CA ASN B 152 -16.13 -0.04 10.41
C ASN B 152 -15.48 1.24 10.86
N GLY B 153 -15.17 1.29 12.13
CA GLY B 153 -14.37 2.27 12.79
C GLY B 153 -15.22 3.37 13.42
N GLY B 154 -16.41 3.02 13.98
CA GLY B 154 -17.37 3.94 14.57
C GLY B 154 -18.12 4.76 13.54
N LYS B 155 -18.65 4.16 12.52
CA LYS B 155 -19.47 4.92 11.54
C LYS B 155 -20.94 4.67 11.81
N PRO B 156 -21.70 5.68 12.21
CA PRO B 156 -23.15 5.51 12.31
C PRO B 156 -23.71 4.75 11.13
N VAL B 157 -24.46 3.70 11.42
CA VAL B 157 -25.28 3.07 10.40
C VAL B 157 -26.73 3.17 10.71
N THR B 158 -27.05 3.57 11.93
CA THR B 158 -28.43 3.91 12.27
C THR B 158 -28.41 5.20 13.08
N THR B 159 -29.49 5.98 12.96
CA THR B 159 -29.56 7.04 13.94
C THR B 159 -29.79 6.39 15.30
N LEU B 160 -29.80 7.19 16.38
CA LEU B 160 -30.51 6.73 17.58
C LEU B 160 -31.95 6.42 17.18
N LYS B 161 -32.58 5.44 17.83
CA LYS B 161 -33.78 4.81 17.32
C LYS B 161 -34.52 4.14 18.46
N LYS B 162 -35.81 4.52 18.66
CA LYS B 162 -36.61 3.99 19.76
C LYS B 162 -37.04 2.56 19.42
N ILE B 163 -36.67 1.62 20.30
CA ILE B 163 -37.06 0.23 20.11
C ILE B 163 -37.85 -0.36 21.29
N GLY B 164 -37.90 0.26 22.48
CA GLY B 164 -38.83 -0.27 23.47
C GLY B 164 -39.17 0.66 24.62
N THR B 165 -40.21 0.26 25.36
CA THR B 165 -40.64 0.87 26.61
C THR B 165 -40.03 0.11 27.79
N ALA B 166 -40.33 0.56 29.01
CA ALA B 166 -39.72 0.05 30.23
C ALA B 166 -40.59 0.49 31.41
N PRO B 167 -40.47 -0.16 32.56
CA PRO B 167 -40.76 0.56 33.79
C PRO B 167 -40.09 1.92 33.72
N LYS B 168 -40.76 2.93 34.31
CA LYS B 168 -40.27 4.31 34.28
C LYS B 168 -39.08 4.51 35.21
N SER B 169 -39.08 3.87 36.36
CA SER B 169 -37.91 3.85 37.24
C SER B 169 -36.64 3.20 36.61
N LYS B 170 -36.80 2.52 35.46
CA LYS B 170 -35.77 1.78 34.75
C LYS B 170 -34.94 2.77 33.96
N THR B 171 -33.63 2.78 34.24
CA THR B 171 -32.73 3.61 33.45
C THR B 171 -31.39 2.89 33.26
N GLY B 172 -30.70 3.16 32.17
CA GLY B 172 -29.27 2.97 32.15
C GLY B 172 -28.76 2.69 30.75
N THR B 173 -27.41 2.53 30.71
CA THR B 173 -26.60 2.33 29.49
C THR B 173 -26.12 0.88 29.33
N LYS B 174 -26.13 0.36 28.09
CA LYS B 174 -25.61 -0.97 27.80
C LYS B 174 -24.73 -0.93 26.51
N VAL B 175 -23.37 -0.76 26.66
CA VAL B 175 -22.54 -0.78 25.47
C VAL B 175 -22.08 -2.19 25.05
N THR B 176 -21.90 -2.47 23.76
CA THR B 176 -21.39 -3.76 23.28
C THR B 176 -20.51 -3.53 22.07
N PHE B 177 -19.22 -3.92 22.14
CA PHE B 177 -18.39 -3.73 20.98
C PHE B 177 -17.55 -4.96 20.61
N MET B 178 -17.42 -5.19 19.31
CA MET B 178 -16.40 -6.05 18.72
C MET B 178 -15.12 -5.28 18.52
N PRO B 179 -14.02 -5.54 19.27
CA PRO B 179 -12.71 -4.94 18.90
C PRO B 179 -12.27 -5.38 17.54
N ASP B 180 -11.51 -4.54 16.90
CA ASP B 180 -11.24 -4.64 15.44
C ASP B 180 -10.05 -5.63 15.16
N ALA B 181 -10.33 -6.68 14.41
CA ALA B 181 -9.34 -7.67 14.13
C ALA B 181 -8.17 -7.06 13.35
N THR B 182 -8.39 -5.95 12.75
CA THR B 182 -7.44 -5.35 11.87
C THR B 182 -6.57 -4.41 12.62
N ILE B 183 -6.88 -4.15 13.87
CA ILE B 183 -6.11 -3.18 14.60
C ILE B 183 -5.19 -3.86 15.57
N PHE B 184 -5.58 -5.03 16.10
CA PHE B 184 -5.09 -5.57 17.36
C PHE B 184 -4.49 -6.88 17.00
N SER B 185 -3.27 -7.14 17.48
CA SER B 185 -2.67 -8.43 17.19
C SER B 185 -3.41 -9.62 17.89
N THR B 186 -4.05 -9.39 19.03
CA THR B 186 -5.04 -10.33 19.56
C THR B 186 -6.40 -9.66 19.86
N THR B 187 -7.51 -10.28 19.51
CA THR B 187 -8.79 -9.80 20.02
C THR B 187 -9.48 -10.77 20.97
N ASP B 188 -8.73 -11.55 21.76
CA ASP B 188 -9.23 -12.62 22.60
C ASP B 188 -9.19 -11.99 23.98
N PHE B 189 -10.38 -11.55 24.42
CA PHE B 189 -10.56 -11.03 25.77
C PHE B 189 -10.27 -12.13 26.77
N LYS B 190 -9.49 -11.80 27.81
CA LYS B 190 -9.14 -12.76 28.84
C LYS B 190 -9.97 -12.61 30.13
N TYR B 191 -10.87 -13.57 30.34
CA TYR B 191 -11.62 -13.65 31.55
C TYR B 191 -10.78 -13.49 32.79
N ASN B 192 -9.55 -13.98 32.81
CA ASN B 192 -8.75 -13.80 34.04
C ASN B 192 -8.39 -12.33 34.27
N THR B 193 -8.23 -11.56 33.18
CA THR B 193 -7.79 -10.20 33.36
C THR B 193 -8.94 -9.34 33.82
N ILE B 194 -10.09 -9.56 33.21
CA ILE B 194 -11.22 -8.77 33.55
C ILE B 194 -11.74 -9.15 34.96
N SER B 195 -11.73 -10.45 35.30
CA SER B 195 -12.07 -10.77 36.65
C SER B 195 -11.19 -9.98 37.59
N GLU B 196 -9.87 -9.92 37.36
CA GLU B 196 -9.06 -9.33 38.44
C GLU B 196 -9.29 -7.85 38.54
N ARG B 197 -9.64 -7.21 37.41
CA ARG B 197 -9.90 -5.77 37.36
C ARG B 197 -11.18 -5.44 38.07
N LEU B 198 -12.30 -6.03 37.64
CA LEU B 198 -13.54 -5.79 38.36
C LEU B 198 -13.38 -6.01 39.85
N ASN B 199 -12.73 -7.09 40.28
CA ASN B 199 -12.54 -7.31 41.69
C ASN B 199 -11.90 -6.07 42.31
N GLU B 200 -10.83 -5.57 41.68
CA GLU B 200 -10.22 -4.38 42.27
CA GLU B 200 -10.19 -4.35 42.16
C GLU B 200 -11.20 -3.21 42.28
N SER B 201 -12.08 -3.09 41.30
CA SER B 201 -12.98 -1.96 41.33
C SER B 201 -14.01 -2.10 42.43
N ALA B 202 -14.53 -3.32 42.63
CA ALA B 202 -15.65 -3.58 43.56
C ALA B 202 -15.28 -3.20 44.98
N PHE B 203 -13.99 -3.15 45.26
CA PHE B 203 -13.56 -2.77 46.58
C PHE B 203 -13.92 -1.33 46.84
N LEU B 204 -13.99 -0.57 45.79
CA LEU B 204 -13.92 0.85 45.84
C LEU B 204 -15.31 1.42 45.74
N LEU B 205 -16.32 0.57 45.77
CA LEU B 205 -17.69 1.06 45.82
C LEU B 205 -18.41 0.37 46.98
N LYS B 206 -18.17 0.81 48.23
CA LYS B 206 -18.74 0.04 49.33
C LYS B 206 -20.23 -0.37 49.12
N ASN B 207 -20.86 0.10 48.03
CA ASN B 207 -22.29 -0.10 47.76
C ASN B 207 -22.63 -0.59 46.36
N VAL B 208 -21.76 -1.34 45.66
CA VAL B 208 -22.02 -1.69 44.26
C VAL B 208 -21.68 -3.15 43.96
N THR B 209 -22.32 -3.75 42.95
CA THR B 209 -21.97 -5.12 42.64
C THR B 209 -21.45 -5.21 41.21
N LEU B 210 -20.20 -5.66 41.02
CA LEU B 210 -19.78 -5.89 39.64
C LEU B 210 -19.75 -7.37 39.25
N SER B 211 -19.93 -7.67 37.97
CA SER B 211 -20.12 -9.05 37.56
C SER B 211 -19.38 -9.34 36.26
N LEU B 212 -18.92 -10.56 36.11
CA LEU B 212 -18.41 -10.89 34.81
C LEU B 212 -19.00 -12.23 34.45
N THR B 213 -19.44 -12.33 33.17
CA THR B 213 -19.99 -13.57 32.62
C THR B 213 -19.36 -13.89 31.28
N ASP B 214 -18.90 -15.14 31.07
CA ASP B 214 -18.23 -15.42 29.82
C ASP B 214 -19.06 -16.46 29.07
N LYS B 215 -19.86 -16.03 28.05
CA LYS B 215 -20.65 -17.10 27.39
C LYS B 215 -19.80 -18.06 26.53
N ARG B 216 -18.51 -17.86 26.52
CA ARG B 216 -17.68 -18.81 25.83
C ARG B 216 -17.54 -20.11 26.66
N THR B 217 -17.43 -19.98 27.97
CA THR B 217 -17.15 -21.08 28.86
C THR B 217 -18.19 -21.27 29.94
N ASP B 218 -19.19 -20.39 30.03
CA ASP B 218 -20.10 -20.24 31.14
C ASP B 218 -19.39 -19.99 32.45
N GLU B 219 -18.18 -19.49 32.48
CA GLU B 219 -17.69 -19.13 33.77
C GLU B 219 -18.28 -17.79 34.17
N ALA B 220 -18.49 -17.58 35.47
CA ALA B 220 -19.08 -16.32 35.91
C ALA B 220 -18.61 -15.99 37.33
N ILE B 221 -18.39 -14.76 37.63
CA ILE B 221 -18.10 -14.46 39.00
C ILE B 221 -18.83 -13.17 39.27
N GLU B 222 -18.85 -12.69 40.53
CA GLU B 222 -19.61 -11.52 40.97
C GLU B 222 -18.98 -10.89 42.22
N PHE B 223 -18.78 -9.61 42.29
CA PHE B 223 -18.01 -9.06 43.41
C PHE B 223 -18.83 -8.01 44.12
N HIS B 224 -18.59 -7.91 45.42
CA HIS B 224 -19.34 -7.03 46.32
C HIS B 224 -18.61 -6.88 47.66
N TYR B 225 -18.46 -5.69 48.22
CA TYR B 225 -17.64 -5.59 49.44
C TYR B 225 -18.18 -4.56 50.44
N GLU B 226 -18.73 -5.08 51.56
CA GLU B 226 -19.32 -4.22 52.58
C GLU B 226 -18.32 -3.18 53.13
N ASN B 227 -17.00 -3.51 53.21
CA ASN B 227 -16.03 -2.59 53.79
C ASN B 227 -14.90 -2.32 52.86
N GLY B 228 -15.18 -2.33 51.57
CA GLY B 228 -14.36 -1.50 50.73
C GLY B 228 -12.84 -1.54 50.85
N VAL B 229 -12.18 -0.48 51.35
CA VAL B 229 -10.73 -0.46 51.16
C VAL B 229 -10.05 -1.35 52.22
N GLN B 230 -10.68 -1.53 53.37
CA GLN B 230 -10.19 -2.49 54.36
C GLN B 230 -10.28 -3.91 53.82
N ASP B 231 -11.45 -4.26 53.24
CA ASP B 231 -11.52 -5.59 52.63
C ASP B 231 -10.41 -5.71 51.59
N PHE B 232 -10.14 -4.62 50.83
CA PHE B 232 -9.03 -4.66 49.86
C PHE B 232 -7.67 -5.06 50.52
N VAL B 233 -7.24 -4.33 51.55
CA VAL B 233 -5.97 -4.67 52.17
C VAL B 233 -5.96 -6.16 52.58
N SER B 234 -6.93 -6.58 53.40
CA SER B 234 -7.02 -8.00 53.74
C SER B 234 -6.77 -8.80 52.48
N TYR B 235 -7.64 -8.68 51.47
CA TYR B 235 -7.45 -9.48 50.26
C TYR B 235 -6.03 -9.44 49.69
N LEU B 236 -5.24 -8.45 50.05
CA LEU B 236 -3.84 -8.48 49.67
C LEU B 236 -2.99 -9.36 50.62
N ASN B 237 -3.48 -9.60 51.83
CA ASN B 237 -2.72 -10.31 52.80
C ASN B 237 -3.33 -11.66 53.10
N GLU B 238 -4.27 -12.12 52.26
CA GLU B 238 -4.99 -13.36 52.49
C GLU B 238 -4.02 -14.48 52.87
N ASP B 239 -3.50 -15.24 51.89
CA ASP B 239 -2.78 -16.46 52.27
C ASP B 239 -1.41 -16.11 52.86
N LYS B 240 -1.29 -14.94 53.43
CA LYS B 240 -0.06 -14.36 53.97
C LYS B 240 -0.29 -14.25 55.47
N GLU B 241 0.68 -13.73 56.22
CA GLU B 241 0.65 -13.85 57.68
C GLU B 241 0.95 -12.50 58.29
N ILE B 242 -0.01 -11.92 58.96
CA ILE B 242 -0.08 -10.46 59.18
C ILE B 242 0.53 -10.08 60.54
N LEU B 243 1.19 -8.93 60.62
CA LEU B 243 1.81 -8.59 61.90
C LEU B 243 1.14 -7.39 62.56
N THR B 244 -0.09 -7.07 62.13
CA THR B 244 -0.83 -5.87 62.54
C THR B 244 -2.27 -5.94 62.05
N PRO B 245 -3.22 -5.34 62.78
CA PRO B 245 -4.54 -5.17 62.23
C PRO B 245 -4.57 -4.08 61.14
N VAL B 246 -5.51 -4.24 60.22
CA VAL B 246 -5.84 -3.24 59.25
C VAL B 246 -6.00 -1.86 59.92
N LEU B 247 -5.13 -0.90 59.61
CA LEU B 247 -5.37 0.48 59.95
C LEU B 247 -6.27 1.05 58.89
N TYR B 248 -7.26 1.83 59.30
CA TYR B 248 -8.14 2.52 58.34
C TYR B 248 -8.25 3.98 58.70
N PHE B 249 -7.70 4.84 57.85
CA PHE B 249 -7.72 6.30 58.03
C PHE B 249 -8.53 6.88 56.89
N GLU B 250 -9.51 7.76 57.16
CA GLU B 250 -10.25 8.52 56.11
C GLU B 250 -10.37 9.98 56.52
N GLY B 251 -10.61 10.87 55.56
CA GLY B 251 -10.65 12.31 55.79
C GLY B 251 -11.17 13.04 54.56
N GLU B 252 -11.31 14.37 54.71
CA GLU B 252 -11.68 15.33 53.67
C GLU B 252 -10.91 16.63 53.87
N ASP B 253 -10.89 17.45 52.79
CA ASP B 253 -9.96 18.59 52.70
C ASP B 253 -10.05 19.29 51.35
N ASN B 254 -10.17 20.61 51.35
CA ASN B 254 -10.80 21.45 50.34
C ASN B 254 -11.38 20.71 49.14
N GLY B 255 -12.25 19.71 49.44
CA GLY B 255 -12.96 18.89 48.46
C GLY B 255 -12.27 17.55 48.15
N PHE B 256 -11.07 17.34 48.65
CA PHE B 256 -10.48 16.07 48.44
C PHE B 256 -11.00 15.10 49.51
N GLN B 257 -11.13 13.87 49.10
CA GLN B 257 -11.64 12.86 49.99
C GLN B 257 -10.62 11.72 49.96
N VAL B 258 -10.05 11.35 51.07
CA VAL B 258 -9.03 10.31 50.99
C VAL B 258 -9.37 9.18 51.98
N GLU B 259 -9.10 7.92 51.56
CA GLU B 259 -9.39 6.69 52.26
C GLU B 259 -8.19 5.78 52.20
N VAL B 260 -7.70 5.31 53.33
CA VAL B 260 -6.47 4.55 53.24
C VAL B 260 -6.47 3.43 54.29
N ALA B 261 -5.94 2.24 53.88
CA ALA B 261 -5.97 1.00 54.64
C ALA B 261 -4.55 0.44 54.64
N LEU B 262 -4.11 -0.03 55.79
CA LEU B 262 -2.72 -0.45 56.02
C LEU B 262 -2.64 -1.72 56.88
N GLN B 263 -1.70 -2.57 56.54
CA GLN B 263 -1.49 -3.72 57.40
C GLN B 263 -0.22 -4.35 56.93
N TYR B 264 0.67 -4.66 57.88
CA TYR B 264 2.01 -5.16 57.64
C TYR B 264 1.96 -6.66 57.54
N ASN B 265 2.91 -7.26 56.84
CA ASN B 265 3.04 -8.71 56.88
C ASN B 265 4.49 -9.12 57.13
N ASP B 266 4.63 -10.39 57.56
CA ASP B 266 5.89 -11.10 57.77
C ASP B 266 6.87 -10.66 56.70
N GLY B 267 6.55 -10.99 55.44
CA GLY B 267 7.27 -10.49 54.28
C GLY B 267 8.13 -9.21 54.30
N PHE B 268 8.76 -8.97 53.15
CA PHE B 268 9.72 -7.91 52.96
C PHE B 268 9.39 -7.01 51.79
N SER B 269 8.37 -7.35 51.03
CA SER B 269 7.98 -6.49 49.95
C SER B 269 7.26 -5.28 50.52
N ASP B 270 7.45 -4.19 49.81
CA ASP B 270 6.56 -3.04 49.81
C ASP B 270 5.50 -3.33 48.77
N ASN B 271 4.23 -3.35 49.15
CA ASN B 271 3.15 -3.55 48.18
C ASN B 271 1.99 -2.60 48.38
N ILE B 272 1.91 -1.52 47.61
CA ILE B 272 0.94 -0.48 47.88
C ILE B 272 0.26 0.01 46.60
N LEU B 273 -1.07 0.06 46.63
CA LEU B 273 -1.84 0.27 45.44
C LEU B 273 -2.53 1.61 45.60
N SER B 274 -2.61 2.44 44.55
CA SER B 274 -3.19 3.77 44.76
C SER B 274 -4.18 4.09 43.64
N PHE B 275 -5.18 4.95 43.94
CA PHE B 275 -6.30 5.16 43.02
C PHE B 275 -6.79 6.60 43.18
N VAL B 276 -6.93 7.28 42.03
CA VAL B 276 -7.60 8.56 41.90
C VAL B 276 -8.95 8.31 41.24
N ASN B 277 -10.01 8.75 41.93
CA ASN B 277 -11.41 8.62 41.53
C ASN B 277 -11.69 7.24 40.96
N ASN B 278 -11.25 6.22 41.76
CA ASN B 278 -11.56 4.80 41.51
C ASN B 278 -10.84 4.19 40.30
N VAL B 279 -9.88 4.94 39.72
CA VAL B 279 -9.05 4.63 38.56
C VAL B 279 -7.70 4.27 39.10
N ARG B 280 -7.27 3.05 38.78
CA ARG B 280 -5.98 2.63 39.31
C ARG B 280 -4.91 3.50 38.66
N THR B 281 -4.09 4.09 39.49
CA THR B 281 -2.94 4.82 39.05
C THR B 281 -1.64 4.05 39.33
N LYS B 282 -1.32 3.09 38.41
CA LYS B 282 -0.33 2.08 38.74
C LYS B 282 1.06 2.66 38.92
N ASP B 283 1.33 3.81 38.36
CA ASP B 283 2.62 4.38 38.59
C ASP B 283 2.58 5.34 39.75
N GLY B 284 1.55 5.29 40.56
CA GLY B 284 1.63 6.21 41.69
C GLY B 284 1.25 7.68 41.40
N GLY B 285 1.80 8.56 42.18
CA GLY B 285 1.64 9.92 41.73
C GLY B 285 1.65 10.87 42.92
N THR B 286 1.07 12.06 42.73
CA THR B 286 1.13 13.04 43.80
C THR B 286 0.48 12.51 45.05
N HIS B 287 -0.54 11.65 44.93
CA HIS B 287 -1.14 11.11 46.15
C HIS B 287 -0.25 10.07 46.87
N GLU B 288 0.30 9.13 46.09
CA GLU B 288 1.12 8.13 46.72
C GLU B 288 2.29 8.79 47.42
N THR B 289 2.97 9.70 46.76
CA THR B 289 4.02 10.41 47.47
C THR B 289 3.51 10.96 48.77
N GLY B 290 2.33 11.60 48.77
CA GLY B 290 1.85 12.08 50.06
C GLY B 290 1.96 11.04 51.17
N LEU B 291 1.39 9.84 50.93
CA LEU B 291 1.38 8.76 51.94
C LEU B 291 2.80 8.35 52.38
N LYS B 292 3.60 7.91 51.40
CA LYS B 292 4.99 7.63 51.63
C LYS B 292 5.59 8.67 52.54
N SER B 293 5.46 9.93 52.17
CA SER B 293 5.95 10.95 53.08
C SER B 293 5.45 10.74 54.51
N ALA B 294 4.14 10.91 54.78
CA ALA B 294 3.78 11.10 56.18
C ALA B 294 3.96 9.83 57.01
N ILE B 295 4.11 8.64 56.37
CA ILE B 295 4.63 7.49 57.11
C ILE B 295 6.07 7.79 57.54
N THR B 296 6.95 8.05 56.59
CA THR B 296 8.30 8.19 57.08
C THR B 296 8.39 9.30 58.14
N LYS B 297 7.72 10.43 57.94
CA LYS B 297 7.77 11.46 58.97
C LYS B 297 7.23 10.94 60.30
N VAL B 298 6.06 10.30 60.31
CA VAL B 298 5.40 10.08 61.62
C VAL B 298 6.06 8.95 62.41
N MET B 299 6.43 7.86 61.73
CA MET B 299 7.33 6.83 62.28
C MET B 299 8.64 7.42 62.79
N ASN B 300 9.40 8.13 61.96
CA ASN B 300 10.66 8.66 62.50
C ASN B 300 10.43 9.58 63.68
N ASP B 301 9.54 10.58 63.54
CA ASP B 301 9.18 11.42 64.68
CA ASP B 301 9.18 11.42 64.68
C ASP B 301 8.81 10.57 65.90
N TYR B 302 7.92 9.59 65.72
CA TYR B 302 7.51 8.71 66.84
C TYR B 302 8.70 8.10 67.53
N ALA B 303 9.61 7.51 66.76
CA ALA B 303 10.67 6.74 67.40
C ALA B 303 11.66 7.67 68.09
N ARG B 304 11.81 8.91 67.59
CA ARG B 304 12.66 9.84 68.33
C ARG B 304 12.02 10.23 69.65
N LYS B 305 10.71 10.46 69.65
CA LYS B 305 10.03 10.89 70.88
C LYS B 305 10.05 9.80 71.96
N THR B 306 10.08 8.54 71.56
CA THR B 306 10.16 7.43 72.51
C THR B 306 11.58 6.87 72.67
N GLY B 307 12.62 7.59 72.22
CA GLY B 307 14.01 7.14 72.30
C GLY B 307 14.42 5.80 71.71
N LEU B 308 13.53 5.17 70.93
CA LEU B 308 13.85 3.85 70.41
C LEU B 308 14.80 3.93 69.20
N LEU B 309 14.82 5.08 68.49
CA LEU B 309 16.00 5.56 67.73
C LEU B 309 16.67 6.58 68.64
N LYS B 310 17.96 6.39 68.95
CA LYS B 310 18.55 7.24 69.97
C LYS B 310 18.81 8.65 69.39
N GLU B 311 19.31 9.54 70.24
CA GLU B 311 19.55 10.92 69.81
C GLU B 311 20.60 10.97 68.69
N LYS B 312 21.81 10.49 68.96
CA LYS B 312 22.89 10.56 67.98
C LYS B 312 22.70 9.61 66.81
N ASP B 313 21.46 9.14 66.60
CA ASP B 313 21.14 8.02 65.68
C ASP B 313 20.37 8.56 64.48
N LYS B 314 20.92 8.37 63.27
CA LYS B 314 20.31 8.96 62.07
C LYS B 314 18.88 8.41 61.85
N ASN B 315 18.13 9.06 60.96
CA ASN B 315 16.71 8.77 60.81
C ASN B 315 16.56 7.56 59.92
N LEU B 316 15.70 6.63 60.29
CA LEU B 316 15.44 5.53 59.37
C LEU B 316 15.04 6.07 58.02
N GLU B 317 15.20 5.24 56.97
CA GLU B 317 14.85 5.54 55.59
C GLU B 317 13.45 5.01 55.28
N GLY B 318 12.91 5.44 54.15
CA GLY B 318 11.54 5.07 53.85
C GLY B 318 11.36 3.59 53.57
N SER B 319 12.17 3.05 52.65
CA SER B 319 12.23 1.61 52.41
C SER B 319 12.00 0.83 53.70
N ASP B 320 12.83 1.11 54.72
CA ASP B 320 12.68 0.51 56.05
C ASP B 320 11.23 0.51 56.52
N TYR B 321 10.59 1.67 56.54
CA TYR B 321 9.28 1.73 57.15
C TYR B 321 8.21 1.14 56.28
N ARG B 322 8.49 0.93 55.00
CA ARG B 322 7.48 0.29 54.19
C ARG B 322 7.70 -1.19 54.06
N GLU B 323 8.85 -1.71 54.51
CA GLU B 323 9.15 -3.15 54.31
C GLU B 323 8.14 -4.08 54.98
N GLY B 324 7.26 -4.70 54.18
CA GLY B 324 6.19 -5.54 54.68
C GLY B 324 4.81 -4.92 54.61
N LEU B 325 4.69 -3.76 53.99
CA LEU B 325 3.49 -2.96 54.05
C LEU B 325 2.49 -3.40 53.01
N ALA B 326 1.23 -3.28 53.37
CA ALA B 326 0.11 -3.45 52.47
C ALA B 326 -0.74 -2.21 52.68
N ALA B 327 -1.09 -1.51 51.59
CA ALA B 327 -1.73 -0.21 51.71
C ALA B 327 -2.58 0.02 50.47
N VAL B 328 -3.85 0.27 50.66
CA VAL B 328 -4.67 0.71 49.57
C VAL B 328 -4.96 2.17 49.82
N LEU B 329 -4.61 3.02 48.87
CA LEU B 329 -4.88 4.46 48.98
C LEU B 329 -5.87 4.85 47.89
N SER B 330 -6.93 5.54 48.26
CA SER B 330 -8.01 5.82 47.32
C SER B 330 -8.48 7.26 47.53
N ILE B 331 -8.02 8.22 46.68
CA ILE B 331 -8.46 9.63 46.84
C ILE B 331 -9.47 9.98 45.79
N LEU B 332 -10.38 10.82 46.17
CA LEU B 332 -11.30 11.50 45.28
C LEU B 332 -10.73 12.88 45.10
N VAL B 333 -10.44 13.31 43.87
CA VAL B 333 -9.91 14.66 43.68
C VAL B 333 -10.86 15.42 42.78
N PRO B 334 -11.42 16.55 43.25
CA PRO B 334 -12.35 17.37 42.43
C PRO B 334 -11.86 17.67 40.97
N GLU B 335 -12.72 17.97 39.99
CA GLU B 335 -12.31 18.06 38.59
C GLU B 335 -11.39 19.24 38.35
N GLU B 336 -11.69 20.35 39.00
CA GLU B 336 -10.89 21.54 39.02
C GLU B 336 -9.48 21.31 39.54
N HIS B 337 -9.16 20.18 40.14
CA HIS B 337 -7.76 19.97 40.53
C HIS B 337 -7.15 18.75 39.89
N LEU B 338 -7.83 18.14 38.90
CA LEU B 338 -7.52 16.84 38.34
C LEU B 338 -6.46 16.90 37.20
N GLN B 339 -5.23 16.45 37.49
CA GLN B 339 -4.20 16.31 36.46
C GLN B 339 -3.53 14.96 36.48
N PHE B 340 -3.64 14.20 35.41
CA PHE B 340 -2.74 13.03 35.26
C PHE B 340 -1.70 13.31 34.18
N GLU B 341 -0.63 12.46 34.19
CA GLU B 341 0.59 12.67 33.37
C GLU B 341 0.48 12.09 31.97
N GLY B 342 -0.56 12.36 31.19
CA GLY B 342 -0.58 11.82 29.85
C GLY B 342 -1.89 11.15 29.45
N GLN B 343 -2.17 11.01 28.13
CA GLN B 343 -3.53 10.57 27.79
C GLN B 343 -3.93 9.29 28.71
N THR B 344 -2.98 8.54 29.28
CA THR B 344 -3.36 7.36 30.08
C THR B 344 -3.96 7.80 31.43
N LYS B 345 -3.36 7.39 32.53
CA LYS B 345 -3.92 7.71 33.83
C LYS B 345 -3.18 6.86 34.86
N ASP B 346 -1.98 6.31 34.46
CA ASP B 346 -1.04 5.61 35.38
C ASP B 346 -0.42 6.56 36.42
N LYS B 347 -0.20 7.86 36.18
CA LYS B 347 0.50 8.62 37.22
C LYS B 347 -0.32 9.90 37.47
N LEU B 348 -0.34 10.45 38.71
CA LEU B 348 -1.20 11.56 39.09
C LEU B 348 -0.41 12.85 39.33
N GLY B 349 -0.74 13.94 38.59
CA GLY B 349 0.09 15.09 38.75
C GLY B 349 -0.46 16.27 39.55
N SER B 350 -1.72 16.18 40.00
CA SER B 350 -2.34 17.13 40.93
C SER B 350 -1.46 17.52 42.09
N PRO B 351 -0.74 18.60 41.98
CA PRO B 351 0.15 19.00 43.08
C PRO B 351 -0.56 19.23 44.44
N LEU B 352 -1.86 19.59 44.45
CA LEU B 352 -2.62 19.70 45.70
C LEU B 352 -2.65 18.37 46.49
N ALA B 353 -3.01 17.24 45.85
CA ALA B 353 -2.93 15.94 46.53
C ALA B 353 -1.63 15.69 47.32
N ARG B 354 -0.55 16.43 47.05
CA ARG B 354 0.49 15.88 47.91
C ARG B 354 0.34 16.35 49.36
N PRO B 355 0.10 17.63 49.64
CA PRO B 355 -0.23 18.02 51.03
C PRO B 355 -1.57 17.47 51.54
N VAL B 356 -2.57 17.29 50.70
CA VAL B 356 -3.82 16.76 51.18
C VAL B 356 -3.53 15.48 51.97
N VAL B 357 -3.37 14.40 51.22
CA VAL B 357 -3.06 13.08 51.77
C VAL B 357 -2.01 13.16 52.88
N ASP B 358 -0.79 13.65 52.56
CA ASP B 358 0.27 13.70 53.57
C ASP B 358 -0.28 14.25 54.85
N GLY B 359 -0.99 15.38 54.76
CA GLY B 359 -1.68 15.91 55.90
C GLY B 359 -2.63 14.91 56.51
N ILE B 360 -3.66 14.43 55.81
CA ILE B 360 -4.67 13.64 56.51
C ILE B 360 -4.02 12.42 57.11
N VAL B 361 -3.32 11.62 56.28
CA VAL B 361 -2.54 10.49 56.83
C VAL B 361 -1.77 10.93 58.06
N ALA B 362 -0.93 11.95 57.90
CA ALA B 362 0.00 12.24 58.96
C ALA B 362 -0.72 12.33 60.28
N ASP B 363 -1.92 12.95 60.30
CA ASP B 363 -2.57 13.09 61.60
C ASP B 363 -3.02 11.73 62.09
N LYS B 364 -3.80 11.04 61.27
CA LYS B 364 -4.39 9.80 61.75
C LYS B 364 -3.34 8.86 62.33
N LEU B 365 -2.28 8.56 61.52
CA LEU B 365 -1.15 7.73 62.00
C LEU B 365 -0.53 8.25 63.28
N THR B 366 -0.12 9.53 63.33
CA THR B 366 0.52 9.92 64.59
C THR B 366 -0.37 9.48 65.76
N PHE B 367 -1.69 9.55 65.60
CA PHE B 367 -2.54 9.28 66.76
C PHE B 367 -2.78 7.80 66.98
N PHE B 368 -2.56 6.96 65.97
CA PHE B 368 -2.72 5.52 66.17
C PHE B 368 -1.58 4.96 67.03
N LEU B 369 -0.36 5.44 66.80
CA LEU B 369 0.78 4.92 67.54
C LEU B 369 0.74 5.34 68.99
N MET B 370 0.44 6.62 69.27
CA MET B 370 0.24 7.03 70.67
C MET B 370 -0.69 6.02 71.39
N GLU B 371 -1.63 5.38 70.66
CA GLU B 371 -2.57 4.50 71.31
C GLU B 371 -2.08 3.08 71.43
N ASN B 372 -1.46 2.54 70.38
CA ASN B 372 -0.98 1.19 70.55
C ASN B 372 0.53 1.14 70.66
N GLY B 373 1.08 1.85 71.63
CA GLY B 373 2.45 1.62 72.11
C GLY B 373 3.06 0.27 71.76
N GLU B 374 2.46 -0.86 72.18
CA GLU B 374 3.07 -2.16 71.88
C GLU B 374 3.14 -2.39 70.37
N LEU B 375 2.04 -2.15 69.67
CA LEU B 375 2.04 -2.38 68.22
C LEU B 375 3.08 -1.49 67.56
N ALA B 376 3.16 -0.23 68.00
CA ALA B 376 3.95 0.81 67.36
C ALA B 376 5.43 0.68 67.67
N SER B 377 5.76 0.32 68.90
CA SER B 377 7.13 -0.05 69.20
C SER B 377 7.58 -1.23 68.32
N ASN B 378 6.74 -2.26 68.17
CA ASN B 378 7.21 -3.40 67.40
C ASN B 378 7.42 -3.02 65.95
N LEU B 379 6.59 -2.06 65.46
CA LEU B 379 6.80 -1.51 64.10
C LEU B 379 8.13 -0.77 64.00
N ILE B 380 8.49 0.05 64.99
CA ILE B 380 9.82 0.70 64.94
C ILE B 380 10.94 -0.33 65.09
N ARG B 381 10.73 -1.42 65.81
CA ARG B 381 11.86 -2.32 65.92
C ARG B 381 12.08 -3.04 64.59
N LYS B 382 10.99 -3.36 63.87
CA LYS B 382 11.18 -4.00 62.56
C LYS B 382 11.90 -3.05 61.62
N ALA B 383 11.47 -1.79 61.61
CA ALA B 383 12.11 -0.83 60.75
C ALA B 383 13.61 -0.77 61.07
N ILE B 384 13.96 -0.81 62.36
CA ILE B 384 15.39 -0.78 62.67
C ILE B 384 16.11 -2.01 62.12
N LYS B 385 15.52 -3.19 62.32
CA LYS B 385 16.02 -4.42 61.73
C LYS B 385 16.21 -4.33 60.22
N ALA B 386 15.29 -3.67 59.52
CA ALA B 386 15.46 -3.47 58.09
C ALA B 386 16.71 -2.64 57.80
N ARG B 387 16.83 -1.41 58.33
CA ARG B 387 18.04 -0.65 57.97
C ARG B 387 19.31 -1.39 58.36
N ASP B 388 19.23 -2.27 59.37
CA ASP B 388 20.37 -3.10 59.70
C ASP B 388 20.72 -4.05 58.55
N ALA B 389 19.70 -4.72 58.01
CA ALA B 389 19.93 -5.60 56.86
C ALA B 389 20.42 -4.82 55.64
N ARG B 390 19.72 -3.74 55.31
CA ARG B 390 20.12 -2.97 54.14
C ARG B 390 21.58 -2.57 54.25
N GLU B 391 21.96 -2.06 55.41
CA GLU B 391 23.36 -1.70 55.65
C GLU B 391 24.29 -2.89 55.56
N ALA B 392 23.86 -4.06 55.97
CA ALA B 392 24.79 -5.18 55.91
C ALA B 392 25.03 -5.58 54.46
N ALA B 393 23.99 -5.47 53.64
CA ALA B 393 24.22 -5.71 52.24
C ALA B 393 25.23 -4.69 51.71
N ARG B 394 25.02 -3.41 51.96
CA ARG B 394 26.00 -2.47 51.41
C ARG B 394 27.40 -2.77 51.96
N LYS B 395 27.56 -2.90 53.28
CA LYS B 395 28.86 -3.33 53.81
C LYS B 395 29.46 -4.43 52.92
N ALA B 396 28.74 -5.54 52.78
CA ALA B 396 29.25 -6.66 51.99
C ALA B 396 29.62 -6.26 50.55
N ARG B 397 28.63 -5.77 49.76
CA ARG B 397 28.80 -5.52 48.33
C ARG B 397 30.00 -4.64 48.15
N ASP B 398 30.20 -3.76 49.10
CA ASP B 398 31.34 -2.89 49.04
C ASP B 398 32.63 -3.64 49.42
N GLU B 399 32.68 -4.40 50.50
CA GLU B 399 33.89 -5.20 50.76
C GLU B 399 34.35 -5.94 49.49
N SER B 400 33.42 -6.54 48.78
CA SER B 400 33.85 -7.30 47.64
C SER B 400 34.39 -6.42 46.46
N ARG B 401 34.73 -5.14 46.62
CA ARG B 401 35.28 -4.28 45.53
C ARG B 401 36.46 -3.38 45.99
N ILE C 7 -35.72 -4.27 -35.09
CA ILE C 7 -34.90 -3.11 -35.45
C ILE C 7 -34.14 -3.33 -36.77
N ASN C 8 -34.08 -2.27 -37.58
CA ASN C 8 -33.52 -2.32 -38.93
C ASN C 8 -32.90 -0.98 -39.26
N ILE C 9 -31.92 -1.00 -40.17
CA ILE C 9 -31.25 0.21 -40.67
C ILE C 9 -32.20 1.39 -40.67
N ASN C 10 -33.49 1.18 -41.06
CA ASN C 10 -34.43 2.30 -41.18
C ASN C 10 -35.13 2.63 -39.84
N ASN C 11 -35.12 1.71 -38.86
CA ASN C 11 -35.66 1.88 -37.51
C ASN C 11 -34.48 1.73 -36.53
N TYR C 12 -33.92 2.88 -36.10
CA TYR C 12 -32.74 2.95 -35.24
C TYR C 12 -33.03 3.71 -33.95
N ASN C 13 -33.88 3.19 -33.07
CA ASN C 13 -34.27 4.00 -31.94
C ASN C 13 -33.45 3.61 -30.70
N ASP C 14 -33.80 4.20 -29.54
CA ASP C 14 -33.06 3.96 -28.30
C ASP C 14 -33.15 2.50 -27.89
N ASP C 15 -34.17 1.83 -28.44
CA ASP C 15 -34.33 0.39 -28.31
CA ASP C 15 -34.33 0.39 -28.31
C ASP C 15 -33.19 -0.40 -28.97
N ALA C 16 -32.28 0.28 -29.66
CA ALA C 16 -31.43 -0.41 -30.60
C ALA C 16 -29.98 -0.56 -30.09
N ILE C 17 -29.78 -0.28 -28.79
CA ILE C 17 -28.54 -0.12 -28.09
C ILE C 17 -28.62 -1.04 -26.87
N GLN C 18 -27.92 -2.19 -26.92
CA GLN C 18 -27.98 -3.18 -25.86
C GLN C 18 -26.82 -2.90 -24.89
N VAL C 19 -27.04 -3.03 -23.59
CA VAL C 19 -25.89 -3.01 -22.66
C VAL C 19 -25.69 -4.41 -22.14
N LEU C 20 -24.44 -4.93 -22.31
CA LEU C 20 -23.97 -6.28 -21.88
C LEU C 20 -23.60 -6.33 -20.39
N GLU C 21 -24.26 -7.24 -19.64
CA GLU C 21 -23.84 -7.69 -18.33
C GLU C 21 -22.40 -8.13 -18.38
N GLY C 22 -21.80 -8.20 -17.20
CA GLY C 22 -20.38 -8.61 -17.14
C GLY C 22 -19.99 -9.72 -18.10
N LEU C 23 -20.18 -10.95 -17.65
CA LEU C 23 -19.66 -12.11 -18.35
C LEU C 23 -20.22 -12.27 -19.78
N ASP C 24 -21.48 -11.89 -20.02
CA ASP C 24 -21.99 -12.12 -21.38
C ASP C 24 -21.26 -11.22 -22.43
N ALA C 25 -20.39 -10.30 -21.96
CA ALA C 25 -19.63 -9.47 -22.88
C ALA C 25 -18.44 -10.23 -23.40
N VAL C 26 -17.75 -10.97 -22.49
CA VAL C 26 -16.63 -11.79 -22.91
C VAL C 26 -17.17 -12.92 -23.73
N ARG C 27 -18.38 -13.41 -23.42
CA ARG C 27 -18.85 -14.49 -24.29
C ARG C 27 -19.23 -13.99 -25.68
N LYS C 28 -19.66 -12.73 -25.84
CA LYS C 28 -20.03 -12.30 -27.17
C LYS C 28 -18.85 -11.78 -27.96
N ARG C 29 -17.79 -11.32 -27.31
CA ARG C 29 -16.53 -10.99 -27.99
C ARG C 29 -15.36 -11.72 -27.34
N PRO C 30 -15.34 -13.06 -27.42
CA PRO C 30 -14.25 -13.78 -26.81
C PRO C 30 -12.94 -13.41 -27.47
N GLY C 31 -12.92 -13.05 -28.74
CA GLY C 31 -11.66 -12.60 -29.31
C GLY C 31 -11.00 -11.44 -28.57
N MET C 32 -11.76 -10.71 -27.76
CA MET C 32 -11.26 -9.60 -26.97
C MET C 32 -10.58 -10.05 -25.69
N TYR C 33 -10.78 -11.29 -25.27
CA TYR C 33 -10.35 -11.66 -23.94
C TYR C 33 -9.30 -12.74 -23.92
N ILE C 34 -9.50 -13.79 -24.72
CA ILE C 34 -8.50 -14.78 -25.03
C ILE C 34 -8.07 -14.74 -26.49
N GLY C 35 -8.32 -13.66 -27.24
CA GLY C 35 -7.94 -13.63 -28.66
C GLY C 35 -8.32 -14.69 -29.71
N SER C 36 -8.69 -15.93 -29.31
CA SER C 36 -9.07 -16.98 -30.24
C SER C 36 -9.93 -18.01 -29.53
N THR C 37 -10.74 -18.74 -30.32
CA THR C 37 -11.68 -19.73 -29.80
C THR C 37 -11.28 -21.17 -30.08
N ASP C 38 -10.00 -21.39 -30.35
CA ASP C 38 -9.42 -22.65 -30.73
C ASP C 38 -8.43 -23.10 -29.67
N GLY C 39 -7.58 -24.06 -30.03
CA GLY C 39 -6.67 -24.63 -29.05
C GLY C 39 -5.84 -23.57 -28.38
N ALA C 40 -5.34 -22.62 -29.16
CA ALA C 40 -4.52 -21.60 -28.52
C ALA C 40 -5.30 -20.83 -27.42
N GLY C 41 -6.57 -20.45 -27.66
CA GLY C 41 -7.25 -19.72 -26.62
C GLY C 41 -7.68 -20.64 -25.47
N LEU C 42 -8.29 -21.78 -25.81
CA LEU C 42 -8.50 -22.80 -24.80
C LEU C 42 -7.32 -22.94 -23.84
N HIS C 43 -6.08 -22.99 -24.30
CA HIS C 43 -5.08 -23.03 -23.23
C HIS C 43 -4.88 -21.68 -22.54
N HIS C 44 -5.10 -20.55 -23.24
CA HIS C 44 -5.02 -19.28 -22.51
C HIS C 44 -5.83 -19.32 -21.24
N LEU C 45 -6.93 -20.08 -21.28
CA LEU C 45 -7.72 -20.29 -20.08
C LEU C 45 -6.86 -20.77 -18.91
N VAL C 46 -5.98 -21.76 -19.18
CA VAL C 46 -5.15 -22.32 -18.12
C VAL C 46 -4.15 -21.30 -17.62
N TRP C 47 -3.45 -20.61 -18.53
CA TRP C 47 -2.43 -19.71 -18.02
C TRP C 47 -3.00 -18.67 -17.13
N GLU C 48 -4.30 -18.33 -17.30
CA GLU C 48 -4.89 -17.31 -16.44
C GLU C 48 -4.89 -17.75 -14.99
N ILE C 49 -5.38 -18.97 -14.77
CA ILE C 49 -5.42 -19.52 -13.41
C ILE C 49 -4.01 -19.75 -12.87
N VAL C 50 -3.16 -20.42 -13.67
CA VAL C 50 -1.80 -20.62 -13.19
C VAL C 50 -1.23 -19.30 -12.76
N ASP C 51 -1.40 -18.30 -13.62
CA ASP C 51 -0.77 -17.03 -13.40
C ASP C 51 -1.18 -16.47 -12.06
N ASN C 52 -2.48 -16.52 -11.75
CA ASN C 52 -2.92 -16.00 -10.44
C ASN C 52 -2.28 -16.74 -9.27
N ALA C 53 -1.98 -18.03 -9.47
CA ALA C 53 -1.15 -18.83 -8.51
C ALA C 53 0.29 -18.32 -8.37
N VAL C 54 0.97 -18.33 -9.51
CA VAL C 54 2.35 -17.94 -9.61
C VAL C 54 2.47 -16.66 -8.85
N ASP C 55 1.47 -15.80 -9.14
CA ASP C 55 1.36 -14.42 -8.68
C ASP C 55 1.42 -14.37 -7.18
N GLU C 56 0.61 -15.22 -6.54
CA GLU C 56 0.69 -15.38 -5.09
C GLU C 56 2.12 -15.65 -4.63
N ALA C 57 2.76 -16.67 -5.22
CA ALA C 57 4.15 -17.01 -4.90
C ALA C 57 5.06 -15.80 -5.02
N LEU C 58 4.99 -15.08 -6.14
CA LEU C 58 5.86 -13.93 -6.33
C LEU C 58 5.69 -12.90 -5.23
N SER C 59 4.50 -12.82 -4.68
CA SER C 59 4.37 -11.91 -3.57
C SER C 59 4.65 -12.58 -2.23
N GLY C 60 5.26 -13.79 -2.19
CA GLY C 60 5.70 -14.43 -0.95
C GLY C 60 4.96 -15.69 -0.46
N PHE C 61 3.94 -16.19 -1.16
CA PHE C 61 3.08 -17.23 -0.58
C PHE C 61 2.95 -18.42 -1.50
N GLY C 62 3.09 -19.62 -0.92
CA GLY C 62 3.03 -20.90 -1.58
C GLY C 62 4.39 -21.39 -2.06
N ASP C 63 4.49 -22.67 -2.28
CA ASP C 63 5.77 -23.16 -2.72
C ASP C 63 5.59 -24.29 -3.68
N ARG C 64 4.38 -24.83 -3.74
CA ARG C 64 3.93 -25.81 -4.70
C ARG C 64 2.71 -25.24 -5.45
N ILE C 65 2.58 -25.51 -6.75
CA ILE C 65 1.36 -25.31 -7.53
C ILE C 65 1.20 -26.57 -8.36
N ASP C 66 0.02 -27.15 -8.40
CA ASP C 66 -0.09 -28.46 -9.04
C ASP C 66 -1.26 -28.52 -10.01
N VAL C 67 -0.93 -28.63 -11.29
CA VAL C 67 -1.94 -28.61 -12.35
C VAL C 67 -2.29 -30.03 -12.75
N THR C 68 -3.60 -30.30 -12.74
CA THR C 68 -4.17 -31.63 -12.94
C THR C 68 -5.29 -31.54 -13.97
N ILE C 69 -5.12 -32.26 -15.09
CA ILE C 69 -6.16 -32.54 -16.08
C ILE C 69 -6.92 -33.74 -15.53
N ASN C 70 -8.12 -33.54 -15.01
CA ASN C 70 -8.78 -34.69 -14.42
C ASN C 70 -9.35 -35.57 -15.54
N LYS C 71 -10.04 -36.64 -15.17
CA LYS C 71 -10.46 -37.54 -16.23
C LYS C 71 -11.64 -36.96 -17.04
N ASP C 72 -12.63 -36.34 -16.38
CA ASP C 72 -13.77 -35.88 -17.17
C ASP C 72 -13.35 -34.90 -18.26
N GLY C 73 -12.15 -34.32 -18.18
CA GLY C 73 -11.63 -33.42 -19.20
C GLY C 73 -11.36 -32.01 -18.73
N SER C 74 -11.85 -31.65 -17.52
CA SER C 74 -11.71 -30.33 -16.91
C SER C 74 -10.28 -30.17 -16.42
N LEU C 75 -9.98 -29.01 -15.85
CA LEU C 75 -8.64 -28.66 -15.44
C LEU C 75 -8.66 -28.05 -14.04
N THR C 76 -7.63 -28.33 -13.24
CA THR C 76 -7.58 -27.92 -11.83
C THR C 76 -6.22 -27.32 -11.48
N VAL C 77 -6.22 -26.09 -10.98
CA VAL C 77 -5.04 -25.42 -10.42
C VAL C 77 -5.25 -25.17 -8.94
N GLN C 78 -4.42 -25.87 -8.15
CA GLN C 78 -4.35 -25.81 -6.70
C GLN C 78 -3.01 -25.24 -6.27
N ASP C 79 -2.97 -24.64 -5.08
CA ASP C 79 -1.85 -23.84 -4.64
C ASP C 79 -2.09 -23.50 -3.19
N HIS C 80 -1.06 -22.93 -2.57
CA HIS C 80 -1.06 -22.77 -1.13
C HIS C 80 -0.73 -21.35 -0.80
N GLY C 81 -1.32 -20.46 -1.58
CA GLY C 81 -1.28 -19.05 -1.34
C GLY C 81 -2.23 -18.67 -0.23
N ARG C 82 -2.31 -17.38 0.02
CA ARG C 82 -3.12 -16.89 1.11
C ARG C 82 -4.57 -17.37 1.01
N GLY C 83 -5.02 -17.73 -0.22
CA GLY C 83 -6.42 -17.97 -0.52
C GLY C 83 -7.24 -16.73 -0.73
N MET C 84 -8.21 -16.73 -1.71
CA MET C 84 -9.09 -15.60 -2.00
C MET C 84 -9.76 -15.24 -0.69
N PRO C 85 -10.11 -13.98 -0.49
CA PRO C 85 -10.69 -13.55 0.80
C PRO C 85 -12.05 -14.18 1.11
N THR C 86 -12.23 -14.57 2.37
CA THR C 86 -13.42 -15.34 2.56
C THR C 86 -14.61 -14.45 2.88
N GLY C 87 -14.35 -13.17 3.12
CA GLY C 87 -15.38 -12.28 3.58
C GLY C 87 -16.44 -12.03 2.52
N MET C 88 -17.28 -11.07 2.85
CA MET C 88 -18.27 -10.52 1.94
C MET C 88 -17.78 -9.14 1.52
N HIS C 89 -17.84 -8.88 0.23
CA HIS C 89 -17.13 -7.76 -0.36
C HIS C 89 -17.99 -6.51 -0.32
N ALA C 90 -17.32 -5.36 -0.49
CA ALA C 90 -17.98 -4.08 -0.41
C ALA C 90 -19.24 -4.04 -1.24
N MET C 91 -19.21 -4.56 -2.45
CA MET C 91 -20.37 -4.31 -3.29
C MET C 91 -21.50 -5.32 -3.10
N GLY C 92 -21.49 -6.07 -2.00
CA GLY C 92 -22.61 -6.94 -1.72
C GLY C 92 -22.49 -8.45 -1.86
N ILE C 93 -21.70 -8.96 -2.80
CA ILE C 93 -21.67 -10.38 -3.13
C ILE C 93 -20.45 -10.95 -2.43
N PRO C 94 -20.29 -12.27 -2.28
CA PRO C 94 -19.06 -12.75 -1.66
C PRO C 94 -17.87 -12.28 -2.48
N THR C 95 -16.73 -12.14 -1.80
CA THR C 95 -15.56 -11.65 -2.52
C THR C 95 -15.20 -12.64 -3.61
N VAL C 96 -15.29 -13.92 -3.29
CA VAL C 96 -15.12 -14.93 -4.34
C VAL C 96 -16.08 -14.61 -5.50
N GLU C 97 -17.39 -14.45 -5.23
CA GLU C 97 -18.28 -14.05 -6.31
C GLU C 97 -17.73 -12.85 -7.08
N VAL C 98 -17.15 -11.85 -6.38
CA VAL C 98 -16.62 -10.71 -7.14
C VAL C 98 -15.50 -11.15 -8.07
N ILE C 99 -14.55 -11.91 -7.57
CA ILE C 99 -13.45 -12.29 -8.40
C ILE C 99 -13.96 -13.00 -9.62
N PHE C 100 -14.93 -13.91 -9.42
CA PHE C 100 -15.27 -14.84 -10.49
C PHE C 100 -16.39 -14.34 -11.35
N THR C 101 -17.02 -13.30 -11.01
CA THR C 101 -18.09 -12.87 -11.85
C THR C 101 -17.99 -11.44 -12.25
N ILE C 102 -17.20 -10.62 -11.54
CA ILE C 102 -17.04 -9.19 -11.88
C ILE C 102 -15.74 -9.02 -12.65
N LEU C 103 -15.80 -8.23 -13.73
CA LEU C 103 -14.76 -7.75 -14.60
C LEU C 103 -14.12 -6.50 -14.01
N HIS C 104 -12.89 -6.25 -14.37
CA HIS C 104 -12.06 -5.22 -13.73
C HIS C 104 -12.13 -5.26 -12.21
N ALA C 105 -11.92 -6.44 -11.65
CA ALA C 105 -11.90 -6.55 -10.21
C ALA C 105 -10.78 -7.46 -9.73
N GLY C 106 -10.08 -6.96 -8.70
CA GLY C 106 -8.99 -7.68 -8.07
C GLY C 106 -8.15 -6.73 -7.21
N GLY C 107 -7.03 -7.29 -6.67
CA GLY C 107 -6.16 -6.75 -5.64
C GLY C 107 -4.79 -6.41 -6.16
N LYS C 108 -4.68 -6.39 -7.48
CA LYS C 108 -3.45 -6.11 -8.20
C LYS C 108 -3.48 -4.72 -8.87
N PHE C 109 -4.16 -3.74 -8.28
CA PHE C 109 -4.26 -2.42 -8.89
C PHE C 109 -3.41 -1.40 -8.16
N GLY C 110 -2.45 -1.87 -7.41
CA GLY C 110 -1.67 -0.97 -6.62
C GLY C 110 -2.10 -0.83 -5.19
N GLN C 111 -3.01 -1.67 -4.70
CA GLN C 111 -3.53 -1.36 -3.37
C GLN C 111 -2.59 -1.86 -2.28
N GLY C 112 -1.67 -2.75 -2.66
CA GLY C 112 -0.76 -3.38 -1.73
C GLY C 112 -1.17 -4.77 -1.30
N GLY C 113 -2.37 -5.21 -1.71
CA GLY C 113 -2.67 -6.62 -1.62
C GLY C 113 -1.49 -7.47 -2.05
N TYR C 114 -0.74 -7.00 -3.02
CA TYR C 114 0.27 -7.83 -3.65
C TYR C 114 1.59 -7.08 -3.73
N LYS C 115 2.68 -7.83 -3.77
CA LYS C 115 3.94 -7.28 -4.24
C LYS C 115 3.74 -7.09 -5.75
N THR C 116 4.80 -6.75 -6.49
CA THR C 116 4.69 -6.77 -7.94
C THR C 116 4.02 -8.05 -8.38
N SER C 117 3.42 -8.06 -9.57
CA SER C 117 2.50 -9.14 -9.94
C SER C 117 2.41 -9.17 -11.44
N GLY C 118 2.03 -10.29 -11.98
CA GLY C 118 1.76 -10.32 -13.39
C GLY C 118 0.33 -9.90 -13.76
N GLY C 119 -0.64 -10.19 -12.98
CA GLY C 119 -1.96 -9.78 -13.34
C GLY C 119 -2.06 -8.32 -13.11
N LEU C 120 -3.04 -7.69 -13.76
CA LEU C 120 -3.16 -6.25 -13.55
C LEU C 120 -4.41 -5.70 -14.26
N HIS C 121 -5.11 -6.56 -15.00
CA HIS C 121 -6.31 -6.19 -15.71
C HIS C 121 -7.61 -6.37 -14.89
N GLY C 122 -7.54 -7.14 -13.81
CA GLY C 122 -8.70 -7.47 -13.05
C GLY C 122 -9.72 -8.20 -13.89
N VAL C 123 -9.31 -9.00 -14.86
CA VAL C 123 -10.39 -9.67 -15.58
C VAL C 123 -10.22 -11.13 -15.74
N GLY C 124 -9.02 -11.70 -15.51
CA GLY C 124 -8.69 -13.04 -16.01
C GLY C 124 -9.54 -14.16 -15.45
N SER C 125 -9.60 -14.24 -14.11
CA SER C 125 -10.40 -15.27 -13.45
C SER C 125 -11.82 -15.18 -13.90
N SER C 126 -12.29 -13.96 -13.97
CA SER C 126 -13.65 -13.72 -14.42
CA SER C 126 -13.64 -13.70 -14.43
C SER C 126 -13.86 -14.27 -15.82
N VAL C 127 -12.89 -14.05 -16.74
CA VAL C 127 -13.00 -14.53 -18.14
C VAL C 127 -13.01 -16.07 -18.24
N VAL C 128 -12.12 -16.76 -17.47
CA VAL C 128 -12.21 -18.22 -17.43
C VAL C 128 -13.60 -18.64 -16.98
N ASN C 129 -14.05 -18.13 -15.81
CA ASN C 129 -15.42 -18.42 -15.36
C ASN C 129 -16.39 -18.22 -16.49
N ALA C 130 -16.48 -17.04 -17.05
CA ALA C 130 -17.40 -16.81 -18.17
C ALA C 130 -17.29 -17.84 -19.30
N LEU C 131 -16.09 -18.42 -19.57
CA LEU C 131 -15.95 -19.34 -20.70
C LEU C 131 -15.99 -20.84 -20.31
N SER C 132 -16.34 -21.17 -19.08
CA SER C 132 -16.45 -22.56 -18.66
C SER C 132 -17.90 -23.00 -18.42
N SER C 133 -18.26 -24.16 -18.98
CA SER C 133 -19.52 -24.84 -18.64
C SER C 133 -19.68 -25.06 -17.16
N TRP C 134 -18.61 -24.99 -16.39
CA TRP C 134 -18.77 -24.94 -14.94
C TRP C 134 -17.39 -24.63 -14.38
N LEU C 135 -17.40 -24.14 -13.14
CA LEU C 135 -16.12 -23.95 -12.49
C LEU C 135 -16.36 -24.03 -10.99
N GLU C 136 -15.52 -24.79 -10.30
CA GLU C 136 -15.63 -24.96 -8.87
C GLU C 136 -14.40 -24.32 -8.23
N VAL C 137 -14.58 -23.52 -7.16
CA VAL C 137 -13.42 -23.04 -6.38
C VAL C 137 -13.54 -23.66 -5.02
N GLU C 138 -12.43 -24.16 -4.48
CA GLU C 138 -12.46 -24.48 -3.05
C GLU C 138 -11.26 -23.75 -2.47
N ILE C 139 -11.52 -23.04 -1.37
CA ILE C 139 -10.68 -22.01 -0.78
C ILE C 139 -10.37 -22.53 0.60
N THR C 140 -9.18 -22.20 1.12
CA THR C 140 -8.78 -22.68 2.44
C THR C 140 -8.01 -21.58 3.17
N ARG C 141 -8.68 -20.92 4.11
CA ARG C 141 -8.10 -19.94 5.04
C ARG C 141 -8.50 -20.26 6.49
N ASP C 142 -7.86 -19.58 7.44
CA ASP C 142 -8.25 -19.76 8.82
C ASP C 142 -8.29 -21.27 9.04
N GLY C 143 -9.30 -21.76 9.73
CA GLY C 143 -9.34 -23.17 10.07
C GLY C 143 -10.45 -23.89 9.33
N ALA C 144 -10.74 -23.46 8.09
CA ALA C 144 -11.90 -23.96 7.38
C ALA C 144 -11.70 -23.96 5.87
N VAL C 145 -12.57 -24.70 5.18
CA VAL C 145 -12.57 -24.90 3.72
C VAL C 145 -13.89 -24.40 3.15
N TYR C 146 -13.83 -23.38 2.27
CA TYR C 146 -14.99 -22.76 1.61
C TYR C 146 -15.09 -23.17 0.13
N LYS C 147 -16.27 -23.55 -0.34
CA LYS C 147 -16.44 -23.85 -1.76
C LYS C 147 -17.66 -23.13 -2.33
N GLN C 148 -17.45 -22.50 -3.49
CA GLN C 148 -18.51 -21.96 -4.31
C GLN C 148 -18.39 -22.54 -5.71
N ARG C 149 -19.49 -22.56 -6.42
CA ARG C 149 -19.54 -23.20 -7.71
C ARG C 149 -20.40 -22.42 -8.71
N PHE C 150 -19.89 -22.35 -9.95
CA PHE C 150 -20.44 -21.61 -11.07
C PHE C 150 -20.84 -22.56 -12.18
N GLU C 151 -21.90 -22.24 -12.90
CA GLU C 151 -22.28 -23.11 -14.01
C GLU C 151 -22.73 -22.24 -15.16
N ASN C 152 -22.76 -22.81 -16.36
CA ASN C 152 -23.48 -22.27 -17.53
C ASN C 152 -23.10 -20.81 -17.85
N GLY C 153 -21.83 -20.55 -18.08
CA GLY C 153 -21.35 -19.24 -18.51
C GLY C 153 -21.06 -18.21 -17.44
N GLY C 154 -20.95 -18.61 -16.17
CA GLY C 154 -20.52 -17.75 -15.09
C GLY C 154 -21.48 -17.66 -13.93
N LYS C 155 -22.72 -18.10 -14.11
CA LYS C 155 -23.78 -17.82 -13.12
C LYS C 155 -23.57 -18.68 -11.85
N PRO C 156 -23.76 -18.10 -10.61
CA PRO C 156 -23.36 -18.85 -9.42
C PRO C 156 -24.54 -19.60 -8.87
N VAL C 157 -24.37 -20.91 -8.67
CA VAL C 157 -25.41 -21.76 -8.09
C VAL C 157 -25.48 -21.71 -6.57
N THR C 158 -24.39 -21.32 -5.89
CA THR C 158 -24.40 -21.38 -4.43
C THR C 158 -23.60 -20.23 -3.84
N THR C 159 -24.18 -19.55 -2.86
CA THR C 159 -23.42 -18.85 -1.82
C THR C 159 -22.20 -19.68 -1.45
N LEU C 160 -21.05 -19.03 -1.49
CA LEU C 160 -19.88 -19.69 -0.96
C LEU C 160 -20.17 -20.36 0.41
N LYS C 161 -20.29 -21.70 0.49
CA LYS C 161 -20.56 -22.30 1.80
C LYS C 161 -19.24 -22.74 2.45
N LYS C 162 -19.28 -22.99 3.79
CA LYS C 162 -18.19 -23.70 4.49
C LYS C 162 -18.54 -25.17 4.48
N ILE C 163 -17.51 -25.99 4.35
CA ILE C 163 -17.76 -27.40 4.04
C ILE C 163 -16.64 -28.26 4.61
N GLY C 164 -15.86 -27.72 5.52
CA GLY C 164 -14.76 -28.50 6.06
C GLY C 164 -13.99 -27.73 7.11
N THR C 165 -13.16 -28.48 7.83
CA THR C 165 -12.09 -28.00 8.68
C THR C 165 -10.77 -28.23 7.95
N ALA C 166 -9.71 -27.54 8.40
CA ALA C 166 -8.34 -27.81 7.92
C ALA C 166 -7.34 -27.25 8.92
N PRO C 167 -6.21 -27.97 9.18
CA PRO C 167 -5.27 -27.54 10.24
C PRO C 167 -4.94 -26.06 10.24
N LYS C 168 -4.31 -25.59 11.32
CA LYS C 168 -4.00 -24.16 11.45
C LYS C 168 -3.16 -23.62 10.27
N SER C 169 -2.19 -24.40 9.81
CA SER C 169 -1.35 -23.89 8.74
C SER C 169 -2.14 -23.76 7.46
N LYS C 170 -2.96 -24.76 7.14
CA LYS C 170 -3.42 -24.95 5.75
C LYS C 170 -3.97 -23.66 5.15
N THR C 171 -3.30 -23.14 4.10
CA THR C 171 -3.91 -22.05 3.32
C THR C 171 -3.64 -22.20 1.81
N GLY C 172 -4.61 -21.76 1.00
CA GLY C 172 -4.48 -21.82 -0.45
C GLY C 172 -5.81 -22.06 -1.15
N THR C 173 -5.71 -22.20 -2.49
CA THR C 173 -6.83 -22.19 -3.43
C THR C 173 -6.74 -23.30 -4.47
N LYS C 174 -7.88 -23.82 -4.86
CA LYS C 174 -7.95 -24.86 -5.90
C LYS C 174 -9.05 -24.44 -6.85
N VAL C 175 -8.70 -24.07 -8.08
CA VAL C 175 -9.73 -23.89 -9.09
C VAL C 175 -9.77 -25.10 -10.01
N THR C 176 -11.01 -25.54 -10.35
CA THR C 176 -11.40 -26.54 -11.35
C THR C 176 -12.44 -25.94 -12.30
N PHE C 177 -12.28 -26.15 -13.61
CA PHE C 177 -13.30 -25.68 -14.54
C PHE C 177 -13.41 -26.58 -15.76
N MET C 178 -14.33 -26.24 -16.62
CA MET C 178 -14.58 -27.10 -17.77
C MET C 178 -14.77 -26.16 -18.95
N PRO C 179 -13.90 -26.18 -19.95
CA PRO C 179 -14.13 -25.35 -21.13
C PRO C 179 -15.55 -25.55 -21.64
N ASP C 180 -16.19 -24.44 -21.99
CA ASP C 180 -17.46 -24.54 -22.66
C ASP C 180 -17.24 -25.18 -24.01
N ALA C 181 -17.57 -26.49 -24.09
CA ALA C 181 -17.32 -27.39 -25.23
C ALA C 181 -18.00 -26.92 -26.51
N THR C 182 -18.78 -25.82 -26.37
CA THR C 182 -19.52 -25.11 -27.40
C THR C 182 -18.88 -23.78 -27.83
N ILE C 183 -18.22 -23.06 -26.94
CA ILE C 183 -17.53 -21.86 -27.40
C ILE C 183 -16.42 -22.24 -28.36
N PHE C 184 -15.60 -23.23 -27.98
CA PHE C 184 -14.28 -23.48 -28.54
C PHE C 184 -14.31 -24.52 -29.64
N SER C 185 -13.24 -24.51 -30.45
CA SER C 185 -12.98 -25.49 -31.49
C SER C 185 -12.76 -26.86 -30.88
N THR C 186 -12.29 -26.88 -29.65
CA THR C 186 -11.81 -28.09 -29.01
C THR C 186 -11.67 -27.78 -27.53
N THR C 187 -11.93 -28.77 -26.72
CA THR C 187 -11.62 -28.62 -25.31
C THR C 187 -10.65 -29.70 -24.88
N ASP C 188 -9.93 -30.28 -25.82
CA ASP C 188 -8.87 -31.21 -25.49
C ASP C 188 -7.67 -30.41 -24.98
N PHE C 189 -7.53 -30.36 -23.64
CA PHE C 189 -6.28 -29.93 -23.02
C PHE C 189 -5.16 -30.86 -23.41
N LYS C 190 -4.02 -30.28 -23.79
CA LYS C 190 -2.87 -31.04 -24.26
C LYS C 190 -1.68 -30.93 -23.31
N TYR C 191 -1.31 -32.09 -22.74
CA TYR C 191 -0.23 -32.23 -21.76
C TYR C 191 1.17 -31.81 -22.24
N ASN C 192 1.53 -32.08 -23.51
CA ASN C 192 2.85 -31.64 -23.97
C ASN C 192 2.99 -30.13 -23.81
N THR C 193 1.91 -29.39 -24.15
CA THR C 193 1.84 -27.94 -24.06
C THR C 193 1.91 -27.44 -22.64
N ILE C 194 1.11 -28.02 -21.75
CA ILE C 194 1.15 -27.51 -20.39
C ILE C 194 2.49 -27.86 -19.75
N SER C 195 3.06 -29.03 -20.10
CA SER C 195 4.43 -29.34 -19.78
C SER C 195 5.31 -28.15 -20.14
N GLU C 196 5.47 -27.85 -21.45
CA GLU C 196 6.45 -26.84 -21.86
C GLU C 196 6.26 -25.56 -21.08
N ARG C 197 4.99 -25.21 -20.81
CA ARG C 197 4.66 -23.94 -20.20
C ARG C 197 4.98 -23.90 -18.71
N LEU C 198 4.63 -24.93 -17.98
CA LEU C 198 5.00 -24.98 -16.56
C LEU C 198 6.49 -25.25 -16.32
N ASN C 199 7.15 -25.86 -17.28
CA ASN C 199 8.60 -25.81 -17.21
C ASN C 199 9.06 -24.38 -17.21
N GLU C 200 8.63 -23.62 -18.25
CA GLU C 200 9.14 -22.26 -18.46
C GLU C 200 8.86 -21.43 -17.25
N SER C 201 7.71 -21.69 -16.62
CA SER C 201 7.34 -20.91 -15.46
C SER C 201 8.21 -21.26 -14.28
N ALA C 202 8.56 -22.54 -14.17
CA ALA C 202 9.22 -22.97 -12.96
C ALA C 202 10.66 -22.42 -12.91
N PHE C 203 11.40 -22.43 -14.01
CA PHE C 203 12.72 -21.76 -13.95
C PHE C 203 12.73 -20.46 -13.17
N LEU C 204 11.70 -19.63 -13.44
CA LEU C 204 11.60 -18.31 -12.86
C LEU C 204 11.08 -18.29 -11.46
N LEU C 205 10.68 -19.43 -10.88
CA LEU C 205 10.15 -19.46 -9.51
C LEU C 205 11.02 -20.33 -8.63
N LYS C 206 12.21 -19.83 -8.28
CA LYS C 206 13.20 -20.81 -7.84
C LYS C 206 12.76 -21.48 -6.54
N ASN C 207 11.96 -20.79 -5.74
CA ASN C 207 11.50 -21.21 -4.43
C ASN C 207 10.35 -22.23 -4.44
N VAL C 208 9.98 -22.85 -5.57
CA VAL C 208 8.61 -23.32 -5.73
C VAL C 208 8.60 -24.49 -6.69
N THR C 209 7.64 -25.37 -6.51
CA THR C 209 7.64 -26.63 -7.25
C THR C 209 6.29 -26.75 -7.96
N LEU C 210 6.29 -26.88 -9.29
CA LEU C 210 5.03 -26.94 -10.05
C LEU C 210 4.87 -28.33 -10.68
N SER C 211 3.68 -28.96 -10.56
CA SER C 211 3.42 -30.31 -11.07
C SER C 211 2.41 -30.35 -12.22
N LEU C 212 2.64 -31.20 -13.20
CA LEU C 212 1.59 -31.50 -14.18
C LEU C 212 1.24 -32.99 -14.07
N THR C 213 0.01 -33.28 -13.62
CA THR C 213 -0.54 -34.62 -13.58
C THR C 213 -1.64 -34.74 -14.63
N ASP C 214 -1.55 -35.78 -15.47
CA ASP C 214 -2.61 -36.05 -16.42
C ASP C 214 -3.29 -37.32 -15.96
N LYS C 215 -4.58 -37.22 -15.64
CA LYS C 215 -5.32 -38.38 -15.18
C LYS C 215 -5.86 -39.21 -16.34
N ARG C 216 -6.13 -38.55 -17.48
CA ARG C 216 -6.45 -39.30 -18.69
C ARG C 216 -5.44 -40.43 -18.89
N THR C 217 -4.12 -40.09 -18.96
CA THR C 217 -3.04 -41.01 -19.32
C THR C 217 -2.17 -41.50 -18.14
N ASP C 218 -2.32 -40.93 -16.94
CA ASP C 218 -1.54 -41.22 -15.73
C ASP C 218 -0.10 -40.66 -15.81
N GLU C 219 0.26 -39.93 -16.90
CA GLU C 219 1.58 -39.36 -17.09
C GLU C 219 1.73 -38.14 -16.18
N ALA C 220 2.82 -38.05 -15.44
CA ALA C 220 3.04 -36.86 -14.62
C ALA C 220 4.48 -36.35 -14.77
N ILE C 221 4.76 -35.15 -14.21
CA ILE C 221 6.03 -34.46 -14.43
C ILE C 221 6.12 -33.29 -13.45
N GLU C 222 7.09 -33.31 -12.56
CA GLU C 222 7.30 -32.29 -11.56
C GLU C 222 8.38 -31.35 -12.06
N PHE C 223 8.32 -30.06 -11.64
CA PHE C 223 9.26 -29.01 -12.06
C PHE C 223 9.82 -28.29 -10.86
N HIS C 224 11.16 -28.21 -10.80
CA HIS C 224 11.83 -27.35 -9.85
C HIS C 224 13.27 -27.07 -10.26
N TYR C 225 13.65 -25.81 -10.07
CA TYR C 225 14.97 -25.32 -10.43
C TYR C 225 15.50 -24.44 -9.31
N GLU C 226 16.83 -24.33 -9.29
CA GLU C 226 17.53 -23.66 -8.20
C GLU C 226 18.11 -22.32 -8.63
N ASN C 227 18.81 -22.21 -9.77
CA ASN C 227 19.45 -20.93 -10.09
C ASN C 227 18.78 -20.23 -11.26
N GLY C 228 17.45 -20.19 -11.22
CA GLY C 228 16.63 -19.40 -12.11
C GLY C 228 16.95 -19.29 -13.60
N VAL C 229 17.29 -18.07 -14.02
CA VAL C 229 17.40 -17.84 -15.45
C VAL C 229 18.60 -18.54 -16.07
N GLN C 230 19.77 -18.62 -15.40
CA GLN C 230 20.90 -19.38 -16.03
C GLN C 230 20.51 -20.84 -16.31
N ASP C 231 19.86 -21.49 -15.34
CA ASP C 231 19.19 -22.76 -15.56
C ASP C 231 18.36 -22.79 -16.84
N PHE C 232 17.35 -21.89 -16.92
CA PHE C 232 16.58 -21.77 -18.16
C PHE C 232 17.50 -21.77 -19.39
N VAL C 233 18.51 -20.92 -19.40
CA VAL C 233 19.33 -20.80 -20.59
C VAL C 233 19.94 -22.14 -20.95
N SER C 234 20.65 -22.74 -19.99
CA SER C 234 21.27 -24.04 -20.29
C SER C 234 20.23 -25.08 -20.75
N TYR C 235 18.98 -25.04 -20.22
CA TYR C 235 17.93 -25.88 -20.75
C TYR C 235 17.59 -25.54 -22.19
N LEU C 236 17.89 -24.32 -22.61
CA LEU C 236 17.51 -23.84 -23.92
C LEU C 236 18.44 -24.37 -24.99
N ASN C 237 19.72 -24.59 -24.59
CA ASN C 237 20.88 -25.06 -25.37
C ASN C 237 21.17 -26.59 -25.27
N GLU C 238 20.36 -27.39 -24.52
CA GLU C 238 20.82 -28.72 -24.12
C GLU C 238 21.08 -29.62 -25.34
N ASP C 239 20.37 -29.38 -26.44
CA ASP C 239 20.59 -30.11 -27.69
C ASP C 239 21.86 -29.65 -28.40
N LYS C 240 21.98 -28.32 -28.57
CA LYS C 240 22.96 -27.56 -29.35
C LYS C 240 24.37 -27.59 -28.69
N GLU C 241 25.41 -27.36 -29.49
CA GLU C 241 26.79 -27.38 -28.96
C GLU C 241 27.18 -25.95 -28.64
N ILE C 242 27.56 -25.70 -27.47
CA ILE C 242 27.72 -24.31 -27.15
C ILE C 242 28.98 -23.73 -27.76
N LEU C 243 28.98 -22.45 -28.09
CA LEU C 243 30.17 -21.73 -28.52
C LEU C 243 30.74 -20.88 -27.38
N THR C 244 30.29 -21.10 -26.17
CA THR C 244 30.50 -20.08 -25.16
C THR C 244 29.68 -20.42 -23.93
N PRO C 245 30.03 -19.85 -22.70
CA PRO C 245 29.29 -20.22 -21.48
C PRO C 245 28.20 -19.20 -21.14
N VAL C 246 27.57 -19.43 -19.96
CA VAL C 246 26.34 -18.76 -19.51
C VAL C 246 26.67 -17.44 -18.83
N LEU C 247 26.13 -16.35 -19.35
CA LEU C 247 26.48 -15.00 -18.94
C LEU C 247 25.30 -14.43 -18.15
N TYR C 248 25.57 -13.96 -16.97
CA TYR C 248 24.50 -13.62 -16.07
C TYR C 248 24.60 -12.16 -15.65
N PHE C 249 23.47 -11.42 -15.69
CA PHE C 249 23.43 -10.02 -15.31
C PHE C 249 22.23 -9.72 -14.43
N GLU C 250 22.43 -8.88 -13.43
CA GLU C 250 21.39 -8.62 -12.49
C GLU C 250 21.59 -7.21 -11.94
N GLY C 251 20.47 -6.47 -11.79
CA GLY C 251 20.47 -5.12 -11.22
C GLY C 251 19.08 -4.59 -10.98
N GLU C 252 18.95 -3.78 -9.93
CA GLU C 252 17.83 -2.95 -9.51
C GLU C 252 17.89 -1.58 -10.20
N ASP C 253 16.71 -0.93 -10.29
CA ASP C 253 16.58 0.42 -10.81
C ASP C 253 15.20 1.03 -10.58
N ASN C 254 15.11 2.02 -9.71
CA ASN C 254 13.82 2.68 -9.58
C ASN C 254 12.77 1.73 -9.00
N GLY C 255 13.14 0.52 -8.61
CA GLY C 255 12.19 -0.53 -8.31
C GLY C 255 11.94 -1.55 -9.43
N PHE C 256 12.50 -1.37 -10.61
CA PHE C 256 12.62 -2.44 -11.59
C PHE C 256 13.75 -3.44 -11.15
N GLN C 257 13.62 -4.73 -11.54
CA GLN C 257 14.61 -5.77 -11.24
C GLN C 257 14.87 -6.57 -12.52
N VAL C 258 16.06 -6.39 -13.12
CA VAL C 258 16.49 -7.11 -14.31
C VAL C 258 17.44 -8.24 -13.91
N GLU C 259 17.15 -9.46 -14.39
CA GLU C 259 18.03 -10.60 -14.50
C GLU C 259 17.99 -11.04 -15.94
N VAL C 260 19.15 -11.24 -16.54
CA VAL C 260 19.25 -11.71 -17.93
C VAL C 260 20.42 -12.68 -18.02
N ALA C 261 20.29 -13.68 -18.89
CA ALA C 261 21.32 -14.70 -18.99
C ALA C 261 21.49 -15.14 -20.45
N LEU C 262 22.73 -15.09 -21.00
CA LEU C 262 23.03 -15.44 -22.40
C LEU C 262 24.05 -16.58 -22.58
N GLN C 263 23.89 -17.32 -23.67
CA GLN C 263 24.75 -18.45 -23.98
C GLN C 263 24.72 -18.68 -25.49
N TYR C 264 25.90 -18.69 -26.14
CA TYR C 264 25.99 -18.91 -27.59
C TYR C 264 26.10 -20.40 -27.98
N ASN C 265 25.82 -20.66 -29.26
CA ASN C 265 25.91 -22.00 -29.82
C ASN C 265 26.40 -21.93 -31.26
N ASP C 266 27.00 -23.07 -31.67
CA ASP C 266 27.65 -23.28 -32.96
C ASP C 266 26.81 -22.81 -34.13
N GLY C 267 25.50 -22.57 -33.91
CA GLY C 267 24.52 -22.48 -34.98
C GLY C 267 24.08 -21.06 -35.32
N PHE C 268 23.06 -20.99 -36.18
CA PHE C 268 22.69 -19.74 -36.81
C PHE C 268 21.47 -19.10 -36.19
N SER C 269 20.70 -19.85 -35.42
CA SER C 269 19.33 -19.47 -35.08
C SER C 269 19.30 -18.64 -33.80
N ASP C 270 18.51 -17.59 -33.83
CA ASP C 270 18.41 -16.66 -32.72
C ASP C 270 17.34 -17.18 -31.74
N ASN C 271 17.50 -16.92 -30.45
CA ASN C 271 16.44 -17.44 -29.58
C ASN C 271 16.39 -16.75 -28.22
N ILE C 272 15.63 -15.63 -28.14
CA ILE C 272 15.41 -14.88 -26.90
C ILE C 272 14.02 -15.09 -26.29
N LEU C 273 13.97 -15.12 -24.95
CA LEU C 273 12.74 -15.37 -24.18
C LEU C 273 12.61 -14.16 -23.26
N SER C 274 11.41 -13.53 -23.25
CA SER C 274 11.25 -12.39 -22.34
C SER C 274 9.97 -12.52 -21.53
N PHE C 275 10.11 -12.04 -20.32
CA PHE C 275 9.26 -12.31 -19.21
C PHE C 275 9.15 -11.01 -18.47
N VAL C 276 7.88 -10.62 -18.24
CA VAL C 276 7.53 -9.53 -17.35
C VAL C 276 6.79 -10.17 -16.22
N ASN C 277 7.17 -9.82 -15.01
CA ASN C 277 6.57 -10.41 -13.81
C ASN C 277 6.21 -11.89 -14.02
N ASN C 278 7.18 -12.72 -14.42
CA ASN C 278 7.01 -14.15 -14.73
C ASN C 278 6.04 -14.40 -15.90
N VAL C 279 5.55 -13.39 -16.57
CA VAL C 279 4.67 -13.67 -17.70
C VAL C 279 5.42 -13.57 -19.02
N ARG C 280 5.22 -14.61 -19.84
CA ARG C 280 5.76 -14.70 -21.17
C ARG C 280 5.23 -13.59 -22.09
N THR C 281 6.15 -12.76 -22.55
CA THR C 281 5.81 -11.74 -23.50
C THR C 281 6.29 -12.26 -24.86
N LYS C 282 5.45 -13.11 -25.48
CA LYS C 282 5.89 -13.82 -26.67
C LYS C 282 6.30 -12.91 -27.83
N ASP C 283 5.99 -11.60 -27.77
CA ASP C 283 6.31 -10.67 -28.85
C ASP C 283 7.23 -9.56 -28.37
N GLY C 284 7.93 -9.79 -27.29
CA GLY C 284 8.87 -8.78 -26.82
C GLY C 284 8.21 -7.53 -26.30
N GLY C 285 8.70 -6.36 -26.71
CA GLY C 285 8.31 -5.10 -26.12
C GLY C 285 9.47 -4.26 -25.62
N THR C 286 9.27 -3.41 -24.65
CA THR C 286 10.28 -2.43 -24.36
C THR C 286 11.48 -3.00 -23.67
N HIS C 287 11.29 -4.08 -22.89
CA HIS C 287 12.43 -4.71 -22.24
C HIS C 287 13.27 -5.47 -23.25
N GLU C 288 12.62 -6.36 -24.01
CA GLU C 288 13.32 -7.02 -25.10
CA GLU C 288 13.33 -7.03 -25.09
C GLU C 288 13.94 -6.01 -26.06
N THR C 289 13.30 -4.89 -26.31
CA THR C 289 14.06 -4.01 -27.19
C THR C 289 15.26 -3.45 -26.45
N GLY C 290 15.13 -3.22 -25.16
CA GLY C 290 16.28 -2.76 -24.43
C GLY C 290 17.46 -3.70 -24.56
N LEU C 291 17.23 -4.99 -24.32
CA LEU C 291 18.32 -5.94 -24.39
C LEU C 291 18.89 -5.99 -25.80
N LYS C 292 18.00 -6.26 -26.78
CA LYS C 292 18.41 -6.41 -28.16
C LYS C 292 19.36 -5.28 -28.56
N SER C 293 19.07 -4.08 -28.04
CA SER C 293 19.84 -2.91 -28.45
C SER C 293 21.15 -2.80 -27.72
N ALA C 294 21.23 -3.15 -26.42
CA ALA C 294 22.55 -3.05 -25.77
C ALA C 294 23.55 -4.05 -26.35
N ILE C 295 23.11 -5.29 -26.65
CA ILE C 295 24.02 -6.18 -27.35
C ILE C 295 24.49 -5.51 -28.66
N THR C 296 23.56 -5.02 -29.48
CA THR C 296 24.08 -4.44 -30.73
C THR C 296 25.03 -3.26 -30.46
N LYS C 297 24.74 -2.41 -29.50
CA LYS C 297 25.60 -1.26 -29.28
C LYS C 297 26.97 -1.68 -28.74
N VAL C 298 27.00 -2.67 -27.88
CA VAL C 298 28.23 -2.98 -27.18
C VAL C 298 29.13 -3.96 -27.97
N MET C 299 28.54 -4.83 -28.78
CA MET C 299 29.31 -5.58 -29.74
C MET C 299 29.94 -4.68 -30.80
N ASN C 300 29.23 -3.69 -31.35
CA ASN C 300 30.01 -2.86 -32.21
C ASN C 300 30.96 -2.01 -31.41
N ASP C 301 30.67 -1.64 -30.19
CA ASP C 301 31.69 -0.78 -29.62
C ASP C 301 32.97 -1.55 -29.46
N TYR C 302 32.85 -2.72 -28.83
CA TYR C 302 34.00 -3.62 -28.70
C TYR C 302 34.65 -3.84 -30.03
N ALA C 303 33.82 -4.11 -31.05
CA ALA C 303 34.31 -4.42 -32.39
C ALA C 303 35.24 -3.36 -32.90
N ARG C 304 34.88 -2.09 -32.71
CA ARG C 304 35.82 -1.03 -33.07
C ARG C 304 37.06 -1.10 -32.18
N LYS C 305 36.90 -1.12 -30.85
CA LYS C 305 38.10 -1.08 -29.98
C LYS C 305 39.17 -2.02 -30.51
N THR C 306 38.73 -3.23 -30.86
CA THR C 306 39.65 -4.29 -31.21
C THR C 306 40.18 -4.13 -32.61
N GLY C 307 39.55 -3.23 -33.40
CA GLY C 307 39.83 -2.97 -34.80
C GLY C 307 39.37 -4.03 -35.79
N LEU C 308 38.67 -5.07 -35.33
CA LEU C 308 38.11 -6.01 -36.29
C LEU C 308 36.92 -5.42 -37.06
N LEU C 309 36.31 -4.31 -36.59
CA LEU C 309 35.54 -3.39 -37.42
C LEU C 309 36.40 -2.13 -37.58
N LYS C 310 36.56 -1.65 -38.83
CA LYS C 310 37.58 -0.62 -39.05
C LYS C 310 37.01 0.80 -38.88
N GLU C 311 37.86 1.79 -39.08
CA GLU C 311 37.42 3.16 -38.88
C GLU C 311 36.37 3.54 -39.91
N LYS C 312 36.59 3.20 -41.18
CA LYS C 312 35.70 3.57 -42.27
C LYS C 312 34.53 2.58 -42.44
N ASP C 313 34.59 1.43 -41.77
CA ASP C 313 33.60 0.35 -41.89
C ASP C 313 32.19 0.65 -41.36
N LYS C 314 31.22 -0.13 -41.87
CA LYS C 314 29.80 -0.04 -41.48
C LYS C 314 29.51 -1.00 -40.32
N ASN C 315 28.57 -0.61 -39.44
CA ASN C 315 28.25 -1.44 -38.26
C ASN C 315 27.67 -2.78 -38.71
N LEU C 316 27.65 -3.74 -37.81
CA LEU C 316 27.01 -5.01 -38.17
C LEU C 316 25.51 -5.01 -37.74
N GLU C 317 24.65 -5.66 -38.54
CA GLU C 317 23.25 -5.64 -38.17
C GLU C 317 23.07 -6.33 -36.81
N GLY C 318 22.01 -5.93 -36.10
CA GLY C 318 21.64 -6.60 -34.86
C GLY C 318 21.44 -8.09 -35.04
N SER C 319 20.81 -8.49 -36.15
CA SER C 319 20.70 -9.92 -36.39
C SER C 319 22.06 -10.61 -36.30
N ASP C 320 23.15 -9.94 -36.63
CA ASP C 320 24.40 -10.69 -36.81
C ASP C 320 25.00 -11.08 -35.46
N TYR C 321 24.85 -10.23 -34.46
CA TYR C 321 25.28 -10.64 -33.15
C TYR C 321 24.31 -11.60 -32.51
N ARG C 322 23.08 -11.64 -33.04
CA ARG C 322 22.07 -12.54 -32.51
C ARG C 322 22.20 -13.96 -33.07
N GLU C 323 23.00 -14.17 -34.10
CA GLU C 323 23.18 -15.50 -34.69
C GLU C 323 23.80 -16.45 -33.67
N GLY C 324 23.04 -17.49 -33.32
CA GLY C 324 23.33 -18.48 -32.30
C GLY C 324 23.26 -18.01 -30.85
N LEU C 325 22.34 -17.13 -30.52
CA LEU C 325 22.13 -16.69 -29.14
C LEU C 325 20.97 -17.45 -28.53
N ALA C 326 21.12 -17.78 -27.25
CA ALA C 326 20.03 -18.09 -26.36
C ALA C 326 20.15 -17.14 -25.18
N ALA C 327 18.98 -16.64 -24.72
CA ALA C 327 18.88 -15.50 -23.83
C ALA C 327 17.61 -15.63 -23.06
N VAL C 328 17.67 -15.40 -21.75
CA VAL C 328 16.43 -15.30 -20.95
C VAL C 328 16.46 -13.96 -20.22
N LEU C 329 15.46 -13.17 -20.48
CA LEU C 329 15.28 -11.87 -19.87
C LEU C 329 14.13 -11.97 -18.88
N SER C 330 14.40 -11.86 -17.57
CA SER C 330 13.33 -11.79 -16.60
C SER C 330 13.39 -10.43 -15.90
N ILE C 331 12.34 -9.60 -16.09
CA ILE C 331 12.24 -8.33 -15.36
C ILE C 331 10.99 -8.20 -14.55
N LEU C 332 11.18 -7.63 -13.37
CA LEU C 332 10.11 -7.30 -12.43
C LEU C 332 9.93 -5.79 -12.56
N VAL C 333 8.75 -5.36 -13.01
CA VAL C 333 8.46 -3.93 -13.21
C VAL C 333 7.25 -3.58 -12.35
N PRO C 334 7.32 -2.53 -11.55
CA PRO C 334 6.29 -2.27 -10.55
C PRO C 334 4.92 -1.90 -11.12
N GLU C 335 3.87 -2.14 -10.30
CA GLU C 335 2.46 -1.94 -10.73
C GLU C 335 2.21 -0.57 -11.34
N GLU C 336 2.80 0.49 -10.74
CA GLU C 336 2.47 1.79 -11.29
C GLU C 336 2.96 1.91 -12.72
N HIS C 337 4.17 1.36 -13.02
CA HIS C 337 4.63 1.36 -14.41
C HIS C 337 4.14 0.20 -15.28
N LEU C 338 3.62 -0.87 -14.70
CA LEU C 338 3.27 -2.01 -15.53
C LEU C 338 2.21 -1.59 -16.51
N GLN C 339 2.52 -1.61 -17.80
CA GLN C 339 1.48 -1.42 -18.83
C GLN C 339 1.80 -2.31 -20.05
N PHE C 340 0.85 -3.12 -20.56
CA PHE C 340 1.04 -3.97 -21.74
C PHE C 340 0.23 -3.41 -22.92
N GLU C 341 0.77 -3.55 -24.12
CA GLU C 341 0.02 -3.32 -25.31
C GLU C 341 -1.17 -4.23 -25.51
N GLY C 342 -2.34 -4.12 -24.87
CA GLY C 342 -3.47 -4.96 -25.28
C GLY C 342 -4.08 -5.94 -24.27
N GLN C 343 -5.35 -6.40 -24.36
CA GLN C 343 -5.82 -7.42 -23.39
C GLN C 343 -4.81 -8.57 -23.06
N THR C 344 -3.85 -8.90 -23.95
CA THR C 344 -3.13 -10.18 -23.87
C THR C 344 -1.65 -10.12 -23.45
N LYS C 345 -1.11 -9.01 -22.93
CA LYS C 345 0.23 -9.28 -22.32
C LYS C 345 1.32 -9.96 -23.19
N ASP C 346 1.10 -10.20 -24.48
CA ASP C 346 2.14 -10.67 -25.37
C ASP C 346 3.23 -9.66 -25.63
N LYS C 347 3.04 -8.40 -25.25
CA LYS C 347 4.05 -7.37 -25.58
C LYS C 347 4.11 -6.28 -24.53
N LEU C 348 5.24 -5.92 -24.06
CA LEU C 348 5.29 -4.99 -22.94
C LEU C 348 5.50 -3.60 -23.45
N GLY C 349 4.77 -2.70 -22.92
CA GLY C 349 4.66 -1.37 -23.51
C GLY C 349 5.31 -0.38 -22.57
N SER C 350 5.47 -0.77 -21.30
CA SER C 350 5.95 0.09 -20.23
C SER C 350 7.20 0.78 -20.71
N PRO C 351 7.19 2.09 -20.95
CA PRO C 351 8.35 2.66 -21.67
C PRO C 351 9.62 2.68 -20.87
N LEU C 352 9.61 2.97 -19.59
CA LEU C 352 10.79 2.93 -18.77
C LEU C 352 11.49 1.60 -18.86
N ALA C 353 10.83 0.55 -19.33
CA ALA C 353 11.57 -0.66 -19.46
C ALA C 353 12.83 -0.45 -20.30
N ARG C 354 12.74 0.28 -21.47
CA ARG C 354 13.87 0.30 -22.39
C ARG C 354 15.16 0.85 -21.75
N PRO C 355 15.20 2.07 -21.20
CA PRO C 355 16.46 2.53 -20.57
C PRO C 355 16.94 1.60 -19.46
N VAL C 356 16.05 1.29 -18.51
CA VAL C 356 16.33 0.44 -17.36
C VAL C 356 17.13 -0.77 -17.80
N VAL C 357 16.58 -1.57 -18.73
CA VAL C 357 17.30 -2.78 -19.16
C VAL C 357 18.64 -2.43 -19.77
N ASP C 358 18.72 -1.34 -20.49
CA ASP C 358 20.04 -0.87 -20.88
C ASP C 358 20.93 -0.56 -19.68
N GLY C 359 20.56 0.41 -18.86
CA GLY C 359 21.56 0.94 -17.95
C GLY C 359 22.22 -0.11 -17.06
N ILE C 360 21.58 -1.28 -16.98
CA ILE C 360 21.99 -2.46 -16.24
C ILE C 360 22.83 -3.42 -17.12
N VAL C 361 22.32 -3.82 -18.27
CA VAL C 361 23.06 -4.75 -19.13
C VAL C 361 24.32 -4.11 -19.71
N ALA C 362 24.15 -3.01 -20.45
CA ALA C 362 25.19 -2.54 -21.36
C ALA C 362 26.58 -2.43 -20.70
N ASP C 363 26.71 -1.56 -19.71
CA ASP C 363 28.02 -1.39 -19.08
C ASP C 363 28.55 -2.75 -18.64
N LYS C 364 27.76 -3.53 -17.91
CA LYS C 364 28.21 -4.88 -17.48
C LYS C 364 28.73 -5.70 -18.65
N LEU C 365 28.07 -5.65 -19.79
CA LEU C 365 28.60 -6.45 -20.88
C LEU C 365 29.91 -5.88 -21.45
N THR C 366 30.05 -4.55 -21.62
CA THR C 366 31.33 -3.96 -21.98
C THR C 366 32.49 -4.54 -21.12
N PHE C 367 32.38 -4.32 -19.82
CA PHE C 367 33.42 -4.72 -18.92
C PHE C 367 33.67 -6.22 -18.99
N PHE C 368 32.69 -6.99 -19.48
CA PHE C 368 32.87 -8.43 -19.54
C PHE C 368 33.73 -8.81 -20.73
N LEU C 369 33.44 -8.26 -21.91
CA LEU C 369 34.29 -8.55 -23.05
C LEU C 369 35.72 -8.08 -22.76
N MET C 370 35.88 -6.83 -22.32
CA MET C 370 37.25 -6.33 -22.15
C MET C 370 38.09 -7.29 -21.30
N GLU C 371 37.43 -8.23 -20.65
CA GLU C 371 38.00 -9.00 -19.58
C GLU C 371 37.95 -10.47 -19.91
N ASN C 372 37.38 -10.82 -21.05
CA ASN C 372 37.48 -12.13 -21.61
C ASN C 372 37.70 -12.00 -23.12
N GLY C 373 38.83 -11.32 -23.47
CA GLY C 373 39.08 -11.02 -24.86
C GLY C 373 39.01 -12.24 -25.74
N GLU C 374 39.49 -13.40 -25.26
CA GLU C 374 39.52 -14.57 -26.13
C GLU C 374 38.14 -14.83 -26.71
N LEU C 375 37.13 -14.75 -25.85
CA LEU C 375 35.78 -15.08 -26.24
C LEU C 375 35.15 -13.95 -27.03
N ALA C 376 35.34 -12.71 -26.59
CA ALA C 376 34.91 -11.56 -27.37
C ALA C 376 35.30 -11.72 -28.81
N SER C 377 36.57 -12.08 -29.02
CA SER C 377 37.11 -12.17 -30.37
C SER C 377 36.38 -13.24 -31.11
N ASN C 378 36.14 -14.37 -30.47
CA ASN C 378 35.53 -15.46 -31.23
C ASN C 378 34.06 -15.20 -31.51
N LEU C 379 33.42 -14.40 -30.67
CA LEU C 379 32.02 -13.97 -30.86
C LEU C 379 31.94 -13.01 -32.03
N ILE C 380 32.72 -11.95 -31.97
CA ILE C 380 32.66 -10.96 -33.03
C ILE C 380 32.97 -11.63 -34.35
N ARG C 381 34.03 -12.43 -34.39
CA ARG C 381 34.28 -13.27 -35.58
C ARG C 381 33.02 -13.98 -36.01
N LYS C 382 32.29 -14.59 -35.04
CA LYS C 382 31.03 -15.26 -35.40
C LYS C 382 30.16 -14.28 -36.18
N ALA C 383 30.04 -13.06 -35.67
CA ALA C 383 29.17 -12.11 -36.33
C ALA C 383 29.65 -11.75 -37.72
N ILE C 384 30.95 -11.53 -37.89
CA ILE C 384 31.40 -11.24 -39.25
C ILE C 384 31.12 -12.41 -40.18
N LYS C 385 31.20 -13.65 -39.69
CA LYS C 385 30.85 -14.76 -40.58
C LYS C 385 29.39 -14.62 -40.98
N ALA C 386 28.56 -14.18 -40.06
CA ALA C 386 27.15 -13.95 -40.41
C ALA C 386 26.97 -12.79 -41.41
N ARG C 387 27.76 -11.70 -41.23
CA ARG C 387 27.76 -10.57 -42.17
C ARG C 387 28.10 -11.06 -43.55
N ASP C 388 29.08 -11.96 -43.65
CA ASP C 388 29.50 -12.42 -44.96
C ASP C 388 28.50 -13.40 -45.55
N ALA C 389 27.81 -14.19 -44.72
CA ALA C 389 26.77 -15.08 -45.24
C ALA C 389 25.57 -14.30 -45.75
N ARG C 390 25.11 -13.35 -44.95
CA ARG C 390 24.17 -12.35 -45.42
C ARG C 390 24.63 -11.74 -46.77
N GLU C 391 25.86 -11.20 -46.78
CA GLU C 391 26.35 -10.42 -47.92
C GLU C 391 26.45 -11.26 -49.20
N ALA C 392 27.03 -12.47 -49.12
CA ALA C 392 26.97 -13.43 -50.23
C ALA C 392 25.54 -13.85 -50.58
N ALA C 393 24.64 -13.89 -49.61
CA ALA C 393 23.26 -14.22 -49.96
C ALA C 393 22.66 -13.14 -50.87
N ARG C 394 22.97 -11.86 -50.59
CA ARG C 394 22.58 -10.78 -51.49
C ARG C 394 23.22 -10.97 -52.83
N LYS C 395 24.53 -11.19 -52.81
CA LYS C 395 25.27 -11.44 -54.05
C LYS C 395 24.54 -12.47 -54.92
N ALA C 396 24.22 -13.64 -54.37
CA ALA C 396 23.55 -14.68 -55.16
C ALA C 396 22.23 -14.21 -55.70
N ARG C 397 21.35 -13.70 -54.81
CA ARG C 397 20.04 -13.25 -55.27
C ARG C 397 20.16 -12.38 -56.51
N ASP C 398 21.10 -11.42 -56.48
CA ASP C 398 21.22 -10.49 -57.60
C ASP C 398 21.47 -11.23 -58.92
N GLU C 399 22.58 -11.98 -59.00
CA GLU C 399 23.09 -12.71 -60.17
C GLU C 399 22.08 -13.69 -60.78
N SER C 400 20.82 -13.66 -60.31
CA SER C 400 19.75 -14.44 -60.94
C SER C 400 18.55 -13.59 -61.41
N ILE D 7 -2.83 -1.05 3.62
CA ILE D 7 -3.10 -2.45 3.25
C ILE D 7 -1.86 -3.38 3.15
N ASN D 8 -1.41 -3.93 4.29
CA ASN D 8 -0.26 -4.81 4.32
C ASN D 8 -0.46 -6.00 3.37
N ILE D 9 0.62 -6.74 3.13
CA ILE D 9 0.60 -8.06 2.50
C ILE D 9 0.23 -9.16 3.50
N ASN D 10 0.37 -8.90 4.81
CA ASN D 10 -0.22 -9.73 5.85
C ASN D 10 -1.67 -9.36 6.12
N ASN D 11 -2.22 -8.41 5.33
CA ASN D 11 -3.59 -7.89 5.43
C ASN D 11 -4.36 -8.05 4.11
N TYR D 12 -4.42 -9.28 3.57
CA TYR D 12 -5.16 -9.61 2.33
C TYR D 12 -6.57 -10.09 2.68
N ASN D 13 -7.28 -9.21 3.38
CA ASN D 13 -8.67 -9.41 3.68
C ASN D 13 -9.52 -8.83 2.55
N ASP D 14 -10.76 -8.43 2.84
CA ASP D 14 -11.69 -8.05 1.79
C ASP D 14 -11.64 -6.58 1.37
N ASP D 15 -10.98 -5.71 2.15
CA ASP D 15 -10.72 -4.32 1.75
C ASP D 15 -9.75 -4.25 0.57
N ALA D 16 -8.94 -5.30 0.40
CA ALA D 16 -7.76 -5.35 -0.44
C ALA D 16 -8.06 -5.76 -1.86
N ILE D 17 -9.31 -5.79 -2.24
CA ILE D 17 -9.72 -6.07 -3.62
C ILE D 17 -10.74 -5.00 -4.00
N GLN D 18 -10.60 -4.43 -5.20
CA GLN D 18 -11.30 -3.22 -5.58
C GLN D 18 -11.90 -3.39 -6.97
N VAL D 19 -13.17 -3.06 -7.12
CA VAL D 19 -13.87 -3.04 -8.41
C VAL D 19 -13.79 -1.65 -9.01
N LEU D 20 -13.43 -1.59 -10.30
CA LEU D 20 -13.24 -0.38 -11.11
C LEU D 20 -14.54 0.02 -11.81
N GLU D 21 -14.93 1.30 -11.71
CA GLU D 21 -16.26 1.63 -12.22
C GLU D 21 -16.28 1.89 -13.73
N GLY D 22 -15.65 1.00 -14.48
CA GLY D 22 -15.59 1.22 -15.91
C GLY D 22 -14.73 2.43 -16.13
N LEU D 23 -15.25 3.45 -16.87
CA LEU D 23 -14.55 4.68 -17.17
C LEU D 23 -13.27 4.87 -16.34
N ASP D 24 -13.25 4.43 -15.08
CA ASP D 24 -12.03 4.52 -14.30
C ASP D 24 -11.04 3.38 -14.60
N ALA D 25 -11.55 2.27 -15.14
CA ALA D 25 -10.71 1.14 -15.54
C ALA D 25 -9.99 1.43 -16.84
N VAL D 26 -10.58 2.25 -17.74
CA VAL D 26 -9.79 2.55 -18.94
C VAL D 26 -8.77 3.60 -18.56
N ARG D 27 -8.97 4.36 -17.51
CA ARG D 27 -7.90 5.29 -17.23
C ARG D 27 -6.83 4.64 -16.40
N LYS D 28 -7.17 3.57 -15.67
CA LYS D 28 -6.17 2.83 -14.91
C LYS D 28 -5.40 1.89 -15.81
N ARG D 29 -6.04 1.24 -16.77
CA ARG D 29 -5.40 0.33 -17.69
C ARG D 29 -5.59 0.82 -19.13
N PRO D 30 -5.00 1.96 -19.47
CA PRO D 30 -5.04 2.38 -20.89
C PRO D 30 -4.60 1.30 -21.86
N GLY D 31 -3.53 0.52 -21.56
CA GLY D 31 -2.90 -0.27 -22.62
C GLY D 31 -4.00 -1.17 -23.16
N MET D 32 -4.97 -1.42 -22.26
CA MET D 32 -5.94 -2.45 -22.55
C MET D 32 -6.84 -1.99 -23.65
N TYR D 33 -7.03 -0.67 -23.74
CA TYR D 33 -7.92 -0.16 -24.75
C TYR D 33 -7.19 0.56 -25.89
N ILE D 34 -6.23 1.47 -25.62
CA ILE D 34 -5.62 2.06 -26.81
C ILE D 34 -4.17 1.65 -27.11
N GLY D 35 -3.79 0.45 -26.73
CA GLY D 35 -2.46 0.02 -26.98
C GLY D 35 -1.44 0.79 -26.18
N SER D 36 -1.54 2.11 -26.12
CA SER D 36 -0.44 2.83 -25.49
C SER D 36 -0.80 4.28 -25.36
N THR D 37 -0.13 4.95 -24.44
CA THR D 37 -0.48 6.31 -24.14
C THR D 37 0.46 7.29 -24.78
N ASP D 38 0.77 7.09 -26.06
CA ASP D 38 1.68 7.92 -26.90
C ASP D 38 0.96 8.31 -28.20
N GLY D 39 1.75 8.90 -29.11
CA GLY D 39 1.20 9.42 -30.35
C GLY D 39 0.37 8.42 -31.10
N ALA D 40 0.71 7.12 -30.93
CA ALA D 40 0.02 6.02 -31.60
C ALA D 40 -1.37 5.82 -31.05
N GLY D 41 -1.58 6.10 -29.76
CA GLY D 41 -2.84 5.77 -29.19
C GLY D 41 -3.66 7.02 -29.23
N LEU D 42 -2.95 8.14 -29.03
CA LEU D 42 -3.50 9.45 -29.33
C LEU D 42 -4.24 9.42 -30.65
N HIS D 43 -3.59 8.93 -31.72
CA HIS D 43 -4.35 8.80 -32.97
C HIS D 43 -5.34 7.59 -32.98
N HIS D 44 -5.46 6.93 -31.86
CA HIS D 44 -6.45 5.90 -31.79
C HIS D 44 -7.79 6.46 -31.41
N LEU D 45 -7.80 7.33 -30.40
CA LEU D 45 -8.94 8.25 -30.24
C LEU D 45 -9.56 8.66 -31.58
N VAL D 46 -8.75 9.20 -32.49
CA VAL D 46 -9.33 9.66 -33.75
C VAL D 46 -9.90 8.50 -34.54
N TRP D 47 -9.12 7.41 -34.71
CA TRP D 47 -9.66 6.27 -35.49
C TRP D 47 -10.96 5.72 -34.91
N GLU D 48 -11.10 5.78 -33.59
CA GLU D 48 -12.29 5.24 -32.95
C GLU D 48 -13.49 6.08 -33.31
N ILE D 49 -13.37 7.44 -33.31
CA ILE D 49 -14.60 8.23 -33.61
C ILE D 49 -14.91 8.24 -35.12
N VAL D 50 -13.87 8.30 -35.93
CA VAL D 50 -14.01 8.23 -37.37
C VAL D 50 -14.70 6.94 -37.80
N ASP D 51 -14.32 5.81 -37.16
CA ASP D 51 -14.94 4.54 -37.51
C ASP D 51 -16.44 4.55 -37.24
N ASN D 52 -16.89 5.09 -36.10
CA ASN D 52 -18.33 5.18 -35.85
C ASN D 52 -19.03 5.89 -37.01
N ALA D 53 -18.51 7.08 -37.38
CA ALA D 53 -19.02 7.80 -38.56
C ALA D 53 -19.15 6.88 -39.76
N VAL D 54 -18.04 6.22 -40.13
CA VAL D 54 -18.04 5.34 -41.31
C VAL D 54 -18.98 4.18 -41.12
N ASP D 55 -19.32 3.84 -39.89
CA ASP D 55 -20.20 2.70 -39.68
C ASP D 55 -21.60 3.08 -40.10
N GLU D 56 -22.02 4.30 -39.73
CA GLU D 56 -23.22 4.95 -40.28
C GLU D 56 -23.18 4.84 -41.78
N ALA D 57 -22.22 5.52 -42.41
CA ALA D 57 -21.86 5.24 -43.80
C ALA D 57 -22.11 3.81 -44.33
N LEU D 58 -21.34 2.80 -43.87
CA LEU D 58 -21.52 1.42 -44.31
C LEU D 58 -22.98 0.96 -44.28
N SER D 59 -23.78 1.34 -43.27
CA SER D 59 -25.18 0.98 -43.42
C SER D 59 -25.90 1.93 -44.34
N GLY D 60 -25.17 2.92 -44.91
CA GLY D 60 -25.73 3.84 -45.87
C GLY D 60 -26.39 5.09 -45.28
N PHE D 61 -25.60 5.87 -44.54
CA PHE D 61 -26.03 7.16 -43.98
C PHE D 61 -24.81 8.11 -44.03
N GLY D 62 -24.99 9.29 -44.64
CA GLY D 62 -23.91 10.26 -44.64
C GLY D 62 -23.11 10.45 -45.92
N ASP D 63 -23.57 11.33 -46.80
CA ASP D 63 -22.79 11.73 -47.96
C ASP D 63 -21.30 11.88 -47.62
N ARG D 64 -21.01 12.53 -46.48
CA ARG D 64 -19.75 13.18 -46.19
C ARG D 64 -19.44 12.94 -44.71
N ILE D 65 -18.22 13.33 -44.30
CA ILE D 65 -17.58 12.96 -43.03
C ILE D 65 -16.37 13.85 -42.84
N ASP D 66 -16.50 14.92 -42.08
CA ASP D 66 -15.45 15.91 -42.04
C ASP D 66 -14.78 15.87 -40.69
N VAL D 67 -13.47 15.80 -40.72
CA VAL D 67 -12.67 15.81 -39.52
C VAL D 67 -12.01 17.19 -39.45
N THR D 68 -11.62 17.59 -38.24
CA THR D 68 -11.09 18.92 -38.09
C THR D 68 -10.20 19.00 -36.89
N ILE D 69 -9.01 19.55 -37.07
CA ILE D 69 -8.13 19.86 -35.94
C ILE D 69 -8.45 21.29 -35.52
N ASN D 70 -9.06 21.48 -34.38
CA ASN D 70 -9.48 22.83 -34.08
C ASN D 70 -8.28 23.70 -33.71
N LYS D 71 -8.51 25.01 -33.72
CA LYS D 71 -7.47 25.95 -33.29
C LYS D 71 -6.90 25.53 -31.94
N ASP D 72 -7.74 24.97 -31.08
CA ASP D 72 -7.42 24.68 -29.69
C ASP D 72 -6.88 23.27 -29.48
N GLY D 73 -6.13 22.70 -30.44
CA GLY D 73 -5.52 21.37 -30.29
C GLY D 73 -6.47 20.18 -30.02
N SER D 74 -7.77 20.32 -30.29
CA SER D 74 -8.87 19.36 -30.16
C SER D 74 -9.26 18.87 -31.53
N LEU D 75 -10.14 17.87 -31.53
CA LEU D 75 -10.47 17.20 -32.77
C LEU D 75 -11.97 16.99 -32.85
N THR D 76 -12.48 17.15 -34.04
CA THR D 76 -13.89 17.02 -34.27
C THR D 76 -14.12 16.06 -35.43
N VAL D 77 -15.13 15.20 -35.34
CA VAL D 77 -15.53 14.37 -36.47
C VAL D 77 -17.05 14.47 -36.63
N GLN D 78 -17.51 15.14 -37.72
CA GLN D 78 -18.94 15.28 -38.03
C GLN D 78 -19.38 14.36 -39.16
N ASP D 79 -20.63 13.91 -39.08
CA ASP D 79 -21.19 12.95 -40.03
C ASP D 79 -22.66 13.23 -40.28
N HIS D 80 -23.14 12.78 -41.44
CA HIS D 80 -24.51 13.06 -41.85
C HIS D 80 -25.33 11.78 -41.89
N GLY D 81 -24.93 10.79 -41.10
CA GLY D 81 -25.67 9.57 -40.96
C GLY D 81 -27.03 9.81 -40.34
N ARG D 82 -27.19 9.31 -39.11
CA ARG D 82 -28.48 9.21 -38.47
C ARG D 82 -28.61 9.95 -37.15
N GLY D 83 -27.53 10.51 -36.63
CA GLY D 83 -27.56 10.93 -35.24
C GLY D 83 -27.72 9.77 -34.26
N MET D 84 -26.93 9.85 -33.19
CA MET D 84 -27.11 8.94 -32.07
C MET D 84 -28.46 9.20 -31.44
N PRO D 85 -29.26 8.16 -31.23
CA PRO D 85 -30.55 8.27 -30.55
C PRO D 85 -30.72 9.41 -29.54
N THR D 86 -31.71 10.31 -29.81
CA THR D 86 -31.91 11.50 -28.98
C THR D 86 -32.53 11.18 -27.61
N GLY D 87 -33.13 10.01 -27.47
CA GLY D 87 -33.99 9.70 -26.34
C GLY D 87 -33.30 9.09 -25.12
N MET D 88 -34.14 8.60 -24.22
CA MET D 88 -33.74 8.15 -22.89
C MET D 88 -33.71 6.64 -22.86
N HIS D 89 -32.55 6.09 -22.49
CA HIS D 89 -32.21 4.68 -22.44
C HIS D 89 -32.75 4.01 -21.19
N ALA D 90 -32.94 2.69 -21.29
CA ALA D 90 -33.48 1.91 -20.17
C ALA D 90 -32.67 2.14 -18.88
N MET D 91 -31.36 1.94 -18.93
CA MET D 91 -30.47 1.96 -17.77
C MET D 91 -30.86 3.03 -16.74
N GLY D 92 -31.72 3.99 -17.14
CA GLY D 92 -31.94 5.20 -16.39
C GLY D 92 -31.50 6.42 -17.18
N ILE D 93 -30.19 6.53 -17.46
CA ILE D 93 -29.51 7.69 -18.09
C ILE D 93 -29.96 7.78 -19.54
N PRO D 94 -29.89 8.93 -20.19
CA PRO D 94 -30.24 8.97 -21.63
C PRO D 94 -29.23 8.21 -22.49
N THR D 95 -29.72 7.73 -23.61
CA THR D 95 -28.83 7.09 -24.55
C THR D 95 -27.43 7.69 -24.66
N VAL D 96 -27.33 8.89 -25.25
CA VAL D 96 -26.05 9.53 -25.60
C VAL D 96 -25.11 9.32 -24.44
N GLU D 97 -25.54 9.88 -23.30
CA GLU D 97 -24.88 9.63 -22.02
C GLU D 97 -24.45 8.18 -21.90
N VAL D 98 -25.32 7.25 -22.27
CA VAL D 98 -24.97 5.85 -22.17
C VAL D 98 -23.73 5.56 -23.00
N ILE D 99 -23.74 6.03 -24.25
CA ILE D 99 -22.68 5.62 -25.15
C ILE D 99 -21.36 6.18 -24.70
N PHE D 100 -21.35 7.39 -24.15
CA PHE D 100 -20.03 7.92 -23.77
C PHE D 100 -19.58 7.57 -22.34
N THR D 101 -20.44 6.96 -21.50
CA THR D 101 -20.01 6.65 -20.13
C THR D 101 -20.08 5.16 -19.81
N ILE D 102 -20.71 4.36 -20.66
CA ILE D 102 -20.98 2.98 -20.32
C ILE D 102 -20.34 2.05 -21.32
N LEU D 103 -19.48 1.10 -20.77
CA LEU D 103 -18.60 0.16 -21.46
C LEU D 103 -19.34 -1.06 -21.94
N HIS D 104 -19.04 -1.50 -23.12
CA HIS D 104 -19.70 -2.71 -23.57
C HIS D 104 -21.15 -2.43 -23.77
N ALA D 105 -21.38 -1.49 -24.69
CA ALA D 105 -22.66 -0.80 -24.87
C ALA D 105 -22.64 -0.20 -26.26
N GLY D 106 -23.46 -0.75 -27.14
CA GLY D 106 -23.80 -0.10 -28.40
C GLY D 106 -24.98 -0.74 -29.09
N GLY D 107 -25.06 -0.55 -30.39
CA GLY D 107 -25.94 -1.37 -31.18
C GLY D 107 -25.32 -1.86 -32.47
N LYS D 108 -24.18 -2.54 -32.37
CA LYS D 108 -23.60 -3.38 -33.40
C LYS D 108 -23.31 -4.74 -32.79
N PHE D 109 -24.32 -5.33 -32.17
CA PHE D 109 -24.31 -6.64 -31.53
C PHE D 109 -25.29 -7.61 -32.17
N GLY D 110 -25.61 -7.40 -33.44
CA GLY D 110 -26.51 -8.27 -34.18
C GLY D 110 -27.98 -7.91 -34.14
N GLN D 111 -28.35 -6.73 -33.60
CA GLN D 111 -29.76 -6.35 -33.35
C GLN D 111 -30.48 -5.95 -34.65
N GLY D 112 -29.98 -4.89 -35.30
CA GLY D 112 -30.37 -4.45 -36.64
C GLY D 112 -29.97 -3.00 -36.91
N GLY D 113 -29.42 -2.34 -35.89
CA GLY D 113 -28.94 -0.98 -36.07
C GLY D 113 -28.08 -0.81 -37.31
N TYR D 114 -26.93 -1.57 -37.44
CA TYR D 114 -26.09 -1.42 -38.62
C TYR D 114 -26.13 -2.68 -39.43
N LYS D 115 -25.56 -2.62 -40.62
CA LYS D 115 -25.51 -3.78 -41.48
C LYS D 115 -24.24 -4.56 -41.15
N THR D 116 -23.20 -4.47 -41.97
CA THR D 116 -21.89 -4.96 -41.58
C THR D 116 -21.13 -3.79 -41.00
N SER D 117 -20.59 -3.97 -39.81
CA SER D 117 -19.96 -2.88 -39.09
C SER D 117 -18.47 -3.12 -38.97
N GLY D 118 -17.74 -2.03 -38.97
CA GLY D 118 -16.44 -2.06 -38.42
C GLY D 118 -16.40 -2.03 -36.93
N GLY D 119 -17.48 -1.62 -36.29
CA GLY D 119 -17.48 -1.59 -34.85
C GLY D 119 -18.11 -2.87 -34.32
N LEU D 120 -17.52 -3.41 -33.20
CA LEU D 120 -18.23 -4.52 -32.58
C LEU D 120 -18.07 -4.66 -31.07
N HIS D 121 -17.36 -3.80 -30.36
CA HIS D 121 -17.10 -4.16 -28.97
C HIS D 121 -17.96 -3.39 -27.97
N GLY D 122 -18.54 -2.25 -28.38
CA GLY D 122 -19.23 -1.30 -27.53
C GLY D 122 -18.33 -0.59 -26.55
N VAL D 123 -17.19 -0.05 -26.97
CA VAL D 123 -16.36 0.65 -26.01
C VAL D 123 -15.78 1.88 -26.65
N GLY D 124 -15.61 1.83 -27.98
CA GLY D 124 -14.94 2.91 -28.68
C GLY D 124 -15.06 4.27 -28.01
N SER D 125 -16.27 4.85 -28.17
CA SER D 125 -16.60 6.19 -27.73
C SER D 125 -16.39 6.36 -26.25
N SER D 126 -16.92 5.42 -25.44
CA SER D 126 -16.65 5.39 -23.98
C SER D 126 -15.16 5.51 -23.69
N VAL D 127 -14.31 4.94 -24.55
CA VAL D 127 -12.87 5.01 -24.32
C VAL D 127 -12.36 6.42 -24.61
N VAL D 128 -12.58 6.89 -25.85
CA VAL D 128 -12.25 8.27 -26.18
C VAL D 128 -12.75 9.25 -25.11
N ASN D 129 -14.02 9.20 -24.72
CA ASN D 129 -14.42 10.18 -23.72
C ASN D 129 -13.66 9.93 -22.45
N ALA D 130 -13.44 8.66 -22.18
CA ALA D 130 -12.73 8.25 -20.98
C ALA D 130 -11.32 8.83 -20.89
N LEU D 131 -10.62 9.01 -22.04
CA LEU D 131 -9.28 9.61 -22.10
C LEU D 131 -9.26 11.10 -22.61
N SER D 132 -10.36 11.85 -22.47
CA SER D 132 -10.29 13.26 -22.76
C SER D 132 -10.46 14.09 -21.50
N SER D 133 -9.85 15.30 -21.51
CA SER D 133 -10.20 16.28 -20.47
C SER D 133 -11.65 16.81 -20.64
N TRP D 134 -12.14 16.97 -21.88
CA TRP D 134 -13.56 17.20 -22.18
C TRP D 134 -13.99 16.56 -23.51
N LEU D 135 -15.31 16.62 -23.80
CA LEU D 135 -15.87 16.04 -25.02
C LEU D 135 -17.33 16.51 -25.15
N GLU D 136 -17.73 16.93 -26.36
CA GLU D 136 -19.09 17.41 -26.59
C GLU D 136 -19.66 16.75 -27.84
N VAL D 137 -20.93 16.41 -27.76
CA VAL D 137 -21.68 15.85 -28.87
C VAL D 137 -22.72 16.83 -29.34
N GLU D 138 -23.07 16.65 -30.59
CA GLU D 138 -24.28 17.26 -31.08
C GLU D 138 -24.92 16.29 -32.04
N ILE D 139 -26.07 15.73 -31.70
CA ILE D 139 -26.89 15.03 -32.69
C ILE D 139 -27.83 16.04 -33.36
N THR D 140 -27.82 16.08 -34.69
CA THR D 140 -28.94 16.67 -35.39
C THR D 140 -29.78 15.48 -35.86
N ARG D 141 -30.86 15.23 -35.12
CA ARG D 141 -31.91 14.29 -35.50
C ARG D 141 -33.22 14.96 -35.14
N ASP D 142 -34.18 14.94 -36.06
CA ASP D 142 -35.58 15.33 -35.83
C ASP D 142 -35.74 16.83 -35.58
N GLY D 143 -35.23 17.66 -36.47
CA GLY D 143 -35.20 19.09 -36.26
C GLY D 143 -34.44 19.62 -35.05
N ALA D 144 -33.75 18.77 -34.27
CA ALA D 144 -32.99 19.18 -33.10
C ALA D 144 -31.50 19.39 -33.44
N VAL D 145 -30.85 20.27 -32.67
CA VAL D 145 -29.39 20.28 -32.54
C VAL D 145 -29.12 20.18 -31.04
N TYR D 146 -28.94 18.92 -30.54
CA TYR D 146 -28.75 18.62 -29.11
C TYR D 146 -27.25 18.33 -28.78
N LYS D 147 -26.64 19.17 -27.91
CA LYS D 147 -25.26 18.99 -27.46
C LYS D 147 -25.22 18.42 -26.04
N GLN D 148 -24.23 17.53 -25.77
CA GLN D 148 -23.89 17.13 -24.39
C GLN D 148 -22.42 17.37 -24.13
N ARG D 149 -22.10 17.88 -22.92
CA ARG D 149 -20.71 18.06 -22.51
C ARG D 149 -20.27 17.07 -21.40
N PHE D 150 -18.99 16.61 -21.50
CA PHE D 150 -18.33 15.78 -20.50
C PHE D 150 -16.97 16.36 -20.15
N GLU D 151 -16.46 16.09 -18.93
CA GLU D 151 -15.14 16.58 -18.54
C GLU D 151 -14.64 15.90 -17.26
N ASN D 152 -13.39 16.26 -16.88
CA ASN D 152 -12.48 15.55 -15.93
C ASN D 152 -12.37 14.04 -16.18
N GLY D 153 -12.44 13.60 -17.45
CA GLY D 153 -12.52 12.19 -17.79
C GLY D 153 -13.88 11.49 -17.95
N GLY D 154 -14.79 12.08 -18.72
CA GLY D 154 -16.09 11.46 -18.98
C GLY D 154 -17.17 11.69 -17.95
N LYS D 155 -17.05 12.68 -17.15
CA LYS D 155 -18.20 12.92 -16.29
C LYS D 155 -19.12 14.01 -16.93
N PRO D 156 -20.44 13.79 -17.13
CA PRO D 156 -21.26 14.81 -17.77
C PRO D 156 -21.25 16.07 -16.92
N VAL D 157 -20.98 17.21 -17.55
CA VAL D 157 -21.10 18.47 -16.84
C VAL D 157 -22.41 19.15 -17.16
N THR D 158 -23.07 18.77 -18.25
CA THR D 158 -24.43 19.19 -18.56
C THR D 158 -25.10 17.98 -19.21
N THR D 159 -26.30 17.58 -18.77
CA THR D 159 -27.08 16.59 -19.51
C THR D 159 -27.39 17.12 -20.93
N LEU D 160 -27.92 16.25 -21.80
CA LEU D 160 -28.09 16.62 -23.21
C LEU D 160 -29.05 17.82 -23.37
N LYS D 161 -28.51 18.98 -23.76
CA LYS D 161 -29.32 20.19 -23.85
C LYS D 161 -30.08 20.22 -25.18
N LYS D 162 -30.83 21.32 -25.40
CA LYS D 162 -31.71 21.45 -26.55
C LYS D 162 -31.22 22.54 -27.49
N ILE D 163 -29.89 22.82 -27.46
CA ILE D 163 -29.10 23.88 -28.10
C ILE D 163 -29.64 24.51 -29.37
N GLY D 164 -30.32 23.75 -30.22
CA GLY D 164 -30.75 24.32 -31.47
C GLY D 164 -31.87 23.59 -32.17
N THR D 165 -31.93 23.81 -33.48
CA THR D 165 -33.09 23.55 -34.33
C THR D 165 -32.53 23.57 -35.74
N ALA D 166 -33.17 22.87 -36.66
CA ALA D 166 -32.53 22.59 -37.95
C ALA D 166 -33.57 22.05 -38.91
N PRO D 167 -33.26 22.04 -40.24
CA PRO D 167 -34.27 21.72 -41.27
C PRO D 167 -34.84 20.27 -41.30
N LYS D 168 -34.83 19.55 -40.18
CA LYS D 168 -35.43 18.20 -40.10
C LYS D 168 -34.63 17.21 -40.95
N SER D 169 -34.72 17.34 -42.27
CA SER D 169 -34.08 16.37 -43.15
C SER D 169 -32.62 16.11 -42.73
N LYS D 170 -31.95 17.12 -42.15
CA LYS D 170 -30.56 16.96 -41.74
C LYS D 170 -30.49 16.07 -40.50
N THR D 171 -29.79 14.94 -40.67
CA THR D 171 -29.40 14.04 -39.61
C THR D 171 -27.90 14.21 -39.54
N GLY D 172 -27.28 13.78 -38.44
CA GLY D 172 -25.83 13.64 -38.28
C GLY D 172 -25.40 13.71 -36.82
N THR D 173 -24.08 13.48 -36.59
CA THR D 173 -23.45 13.58 -35.25
C THR D 173 -22.10 14.32 -35.37
N LYS D 174 -21.73 15.18 -34.39
CA LYS D 174 -20.46 15.93 -34.41
C LYS D 174 -19.78 15.74 -33.05
N VAL D 175 -18.67 15.01 -33.03
CA VAL D 175 -17.99 14.67 -31.78
C VAL D 175 -16.65 15.37 -31.67
N THR D 176 -16.41 16.04 -30.58
CA THR D 176 -15.28 16.97 -30.45
C THR D 176 -14.61 16.64 -29.14
N PHE D 177 -13.34 16.28 -29.16
CA PHE D 177 -12.73 15.96 -27.89
C PHE D 177 -11.36 16.60 -27.85
N MET D 178 -10.88 16.81 -26.64
CA MET D 178 -9.50 17.14 -26.37
C MET D 178 -8.80 16.01 -25.61
N PRO D 179 -7.86 15.30 -26.24
CA PRO D 179 -7.14 14.22 -25.55
C PRO D 179 -6.62 14.69 -24.23
N ASP D 180 -6.91 13.92 -23.21
CA ASP D 180 -6.45 14.22 -21.87
C ASP D 180 -4.94 14.46 -21.83
N ALA D 181 -4.49 15.70 -21.94
CA ALA D 181 -3.04 15.94 -21.92
C ALA D 181 -2.38 15.50 -20.61
N THR D 182 -3.12 14.79 -19.75
CA THR D 182 -2.57 14.16 -18.56
C THR D 182 -2.32 12.69 -18.74
N ILE D 183 -3.02 12.07 -19.68
CA ILE D 183 -2.90 10.64 -19.90
C ILE D 183 -1.75 10.36 -20.85
N PHE D 184 -1.72 11.06 -22.01
CA PHE D 184 -0.83 10.79 -23.16
C PHE D 184 0.44 11.65 -23.14
N SER D 185 1.49 11.12 -23.75
CA SER D 185 2.81 11.75 -23.75
C SER D 185 2.98 12.68 -24.93
N THR D 186 1.93 12.83 -25.75
CA THR D 186 1.80 13.83 -26.78
C THR D 186 0.30 14.00 -27.00
N THR D 187 -0.15 15.26 -27.07
CA THR D 187 -1.52 15.58 -27.39
C THR D 187 -1.58 16.38 -28.66
N ASP D 188 -0.48 16.37 -29.42
CA ASP D 188 -0.33 17.11 -30.67
C ASP D 188 -0.67 16.15 -31.79
N PHE D 189 -1.89 16.21 -32.30
CA PHE D 189 -2.26 15.41 -33.46
C PHE D 189 -1.35 15.75 -34.63
N LYS D 190 -1.12 14.76 -35.51
CA LYS D 190 -0.28 14.94 -36.71
C LYS D 190 -1.20 14.88 -37.93
N TYR D 191 -1.06 15.88 -38.77
CA TYR D 191 -1.99 16.03 -39.87
C TYR D 191 -1.60 15.09 -41.01
N ASN D 192 -0.32 14.73 -41.15
CA ASN D 192 0.01 13.82 -42.23
C ASN D 192 -0.43 12.39 -41.90
N THR D 193 -0.14 11.92 -40.68
CA THR D 193 -0.84 10.75 -40.11
C THR D 193 -2.34 10.74 -40.44
N ILE D 194 -3.09 11.74 -39.94
CA ILE D 194 -4.54 11.66 -40.12
C ILE D 194 -4.94 11.70 -41.62
N SER D 195 -4.14 12.38 -42.47
CA SER D 195 -4.51 12.42 -43.90
C SER D 195 -4.27 11.07 -44.54
N GLU D 196 -3.15 10.40 -44.17
CA GLU D 196 -2.86 9.11 -44.79
C GLU D 196 -3.93 8.12 -44.37
N ARG D 197 -4.31 8.14 -43.08
CA ARG D 197 -5.40 7.25 -42.71
C ARG D 197 -6.67 7.59 -43.51
N LEU D 198 -7.16 8.84 -43.45
CA LEU D 198 -8.41 9.13 -44.17
C LEU D 198 -8.34 8.75 -45.66
N ASN D 199 -7.31 9.15 -46.41
CA ASN D 199 -7.26 8.75 -47.84
C ASN D 199 -7.33 7.23 -48.04
N GLU D 200 -6.76 6.44 -47.09
CA GLU D 200 -6.95 4.98 -47.08
C GLU D 200 -8.40 4.60 -46.77
N SER D 201 -8.97 5.17 -45.72
CA SER D 201 -10.40 5.05 -45.46
C SER D 201 -11.25 5.36 -46.71
N ALA D 202 -10.91 6.39 -47.47
CA ALA D 202 -11.81 6.75 -48.56
C ALA D 202 -11.46 6.03 -49.83
N PHE D 203 -11.00 4.81 -49.74
CA PHE D 203 -10.85 3.95 -50.91
C PHE D 203 -11.98 2.93 -51.04
N LEU D 204 -12.73 2.69 -49.94
CA LEU D 204 -13.76 1.65 -49.86
C LEU D 204 -15.16 2.20 -49.58
N LEU D 205 -15.58 3.29 -50.28
CA LEU D 205 -16.90 3.92 -50.10
C LEU D 205 -17.39 4.66 -51.33
N LYS D 206 -17.83 3.96 -52.38
CA LYS D 206 -18.14 4.63 -53.65
C LYS D 206 -19.32 5.59 -53.53
N ASN D 207 -19.63 6.01 -52.30
CA ASN D 207 -20.80 6.84 -52.03
C ASN D 207 -20.58 7.65 -50.76
N VAL D 208 -19.38 8.21 -50.59
CA VAL D 208 -19.03 8.97 -49.39
C VAL D 208 -17.78 9.81 -49.69
N THR D 209 -17.61 10.92 -48.95
CA THR D 209 -16.44 11.79 -49.11
C THR D 209 -15.91 12.27 -47.76
N LEU D 210 -14.57 12.26 -47.58
CA LEU D 210 -13.93 12.52 -46.29
C LEU D 210 -12.93 13.67 -46.35
N SER D 211 -12.76 14.41 -45.24
CA SER D 211 -12.04 15.68 -45.29
C SER D 211 -11.17 15.90 -44.06
N LEU D 212 -9.98 16.48 -44.27
CA LEU D 212 -9.14 16.96 -43.16
C LEU D 212 -8.92 18.45 -43.32
N THR D 213 -8.94 19.12 -42.16
CA THR D 213 -8.83 20.57 -42.02
C THR D 213 -8.05 20.83 -40.74
N ASP D 214 -6.85 21.39 -40.89
CA ASP D 214 -5.97 21.74 -39.77
C ASP D 214 -6.01 23.26 -39.77
N LYS D 215 -6.93 23.77 -38.94
CA LYS D 215 -7.00 25.17 -38.59
C LYS D 215 -5.61 25.70 -38.23
N ARG D 216 -5.00 25.11 -37.22
CA ARG D 216 -3.63 25.44 -36.82
C ARG D 216 -2.69 25.75 -37.99
N THR D 217 -2.89 25.07 -39.12
CA THR D 217 -2.06 25.29 -40.30
C THR D 217 -2.78 26.09 -41.42
N ASP D 218 -4.07 26.40 -41.29
CA ASP D 218 -4.90 26.80 -42.42
C ASP D 218 -4.77 25.82 -43.59
N GLU D 219 -4.28 24.60 -43.29
CA GLU D 219 -4.01 23.55 -44.28
C GLU D 219 -5.21 22.60 -44.41
N ALA D 220 -5.52 22.19 -45.66
CA ALA D 220 -6.74 21.39 -45.84
C ALA D 220 -6.67 20.54 -47.10
N ILE D 221 -7.34 19.36 -47.00
CA ILE D 221 -7.36 18.34 -48.06
C ILE D 221 -8.66 17.55 -48.05
N GLU D 222 -9.33 17.50 -49.21
CA GLU D 222 -10.55 16.72 -49.41
C GLU D 222 -10.20 15.39 -50.07
N PHE D 223 -11.04 14.38 -49.86
CA PHE D 223 -10.79 12.99 -50.26
C PHE D 223 -12.05 12.37 -50.86
N HIS D 224 -11.95 11.78 -52.08
CA HIS D 224 -12.99 10.95 -52.69
C HIS D 224 -12.48 10.20 -53.93
N TYR D 225 -12.68 8.89 -54.01
CA TYR D 225 -12.39 8.09 -55.21
C TYR D 225 -13.66 7.39 -55.71
N GLU D 226 -13.51 6.55 -56.74
CA GLU D 226 -14.64 5.75 -57.18
C GLU D 226 -14.25 4.41 -57.83
N ASN D 227 -12.95 4.15 -57.95
CA ASN D 227 -12.44 2.97 -58.66
C ASN D 227 -12.28 1.75 -57.74
N GLY D 228 -12.80 1.82 -56.50
CA GLY D 228 -12.69 0.75 -55.51
C GLY D 228 -11.26 0.40 -55.10
N VAL D 229 -11.12 -0.86 -54.72
CA VAL D 229 -9.79 -1.39 -54.51
C VAL D 229 -8.90 -1.05 -55.71
N GLN D 230 -9.48 -0.94 -56.92
CA GLN D 230 -8.64 -0.75 -58.11
C GLN D 230 -7.94 0.61 -58.13
N ASP D 231 -8.50 1.64 -57.48
CA ASP D 231 -7.70 2.86 -57.36
C ASP D 231 -6.68 2.75 -56.21
N PHE D 232 -6.95 1.94 -55.17
CA PHE D 232 -6.04 1.80 -54.03
C PHE D 232 -4.71 1.16 -54.45
N VAL D 233 -4.72 0.33 -55.48
CA VAL D 233 -3.51 -0.31 -56.00
C VAL D 233 -2.74 0.60 -56.96
N SER D 234 -3.38 1.20 -57.98
CA SER D 234 -2.68 2.16 -58.82
C SER D 234 -2.21 3.40 -58.03
N TYR D 235 -2.44 3.43 -56.72
CA TYR D 235 -1.77 4.42 -55.87
C TYR D 235 -0.57 3.78 -55.15
N LEU D 236 -0.70 2.53 -54.72
CA LEU D 236 0.44 1.74 -54.28
C LEU D 236 1.60 1.79 -55.27
N ASN D 237 1.35 1.28 -56.48
CA ASN D 237 2.27 1.47 -57.59
C ASN D 237 2.08 2.81 -58.29
N GLU D 238 1.51 3.84 -57.65
CA GLU D 238 1.44 5.14 -58.31
C GLU D 238 2.84 5.54 -58.82
N ASP D 239 3.87 5.34 -57.99
CA ASP D 239 5.23 5.70 -58.36
C ASP D 239 6.08 4.50 -58.76
N LYS D 240 5.46 3.35 -59.03
CA LYS D 240 6.18 2.15 -59.42
C LYS D 240 6.06 1.89 -60.92
N GLU D 241 7.14 1.41 -61.52
CA GLU D 241 7.07 0.98 -62.91
C GLU D 241 6.21 -0.28 -62.96
N ILE D 242 4.95 -0.13 -63.39
CA ILE D 242 3.99 -1.25 -63.41
C ILE D 242 4.38 -2.28 -64.47
N LEU D 243 4.11 -3.57 -64.17
CA LEU D 243 4.48 -4.71 -65.01
C LEU D 243 3.32 -5.70 -65.25
N THR D 244 2.06 -5.25 -65.07
CA THR D 244 0.85 -6.04 -65.27
C THR D 244 -0.32 -5.25 -64.72
N PRO D 245 -1.37 -4.98 -65.51
CA PRO D 245 -2.47 -4.12 -65.04
C PRO D 245 -3.20 -4.68 -63.83
N VAL D 246 -3.67 -3.76 -62.97
CA VAL D 246 -4.65 -4.04 -61.93
C VAL D 246 -5.63 -5.14 -62.37
N LEU D 247 -6.05 -6.02 -61.45
CA LEU D 247 -6.93 -7.14 -61.77
C LEU D 247 -7.96 -7.23 -60.65
N TYR D 248 -9.25 -7.00 -60.97
CA TYR D 248 -10.30 -6.73 -59.98
C TYR D 248 -11.30 -7.89 -59.89
N PHE D 249 -11.54 -8.45 -58.65
CA PHE D 249 -12.53 -9.53 -58.42
C PHE D 249 -13.49 -9.28 -57.25
N GLU D 250 -14.79 -9.57 -57.45
CA GLU D 250 -15.85 -9.14 -56.53
C GLU D 250 -16.97 -10.18 -56.41
N GLY D 251 -17.07 -10.88 -55.25
CA GLY D 251 -18.06 -11.92 -55.02
C GLY D 251 -18.64 -11.92 -53.61
N GLU D 252 -19.62 -12.82 -53.35
CA GLU D 252 -20.33 -12.93 -52.06
C GLU D 252 -20.81 -14.36 -51.73
N ASP D 253 -20.56 -14.83 -50.49
CA ASP D 253 -20.85 -16.22 -50.08
C ASP D 253 -21.19 -16.28 -48.59
N ASN D 254 -22.05 -17.22 -48.23
CA ASN D 254 -22.38 -17.41 -46.82
C ASN D 254 -22.76 -16.11 -46.17
N GLY D 255 -23.04 -15.11 -47.00
CA GLY D 255 -23.35 -13.77 -46.55
C GLY D 255 -22.20 -12.78 -46.40
N PHE D 256 -21.10 -12.98 -47.12
CA PHE D 256 -19.92 -12.10 -47.12
C PHE D 256 -19.77 -11.48 -48.49
N GLN D 257 -19.09 -10.31 -48.50
CA GLN D 257 -18.65 -9.68 -49.75
C GLN D 257 -17.13 -9.53 -49.70
N VAL D 258 -16.49 -9.64 -50.86
CA VAL D 258 -15.04 -9.53 -50.96
C VAL D 258 -14.71 -8.94 -52.32
N GLU D 259 -13.91 -7.88 -52.31
CA GLU D 259 -13.48 -7.21 -53.53
C GLU D 259 -11.99 -7.02 -53.37
N VAL D 260 -11.21 -7.63 -54.24
CA VAL D 260 -9.75 -7.59 -54.19
C VAL D 260 -9.28 -6.99 -55.51
N ALA D 261 -8.15 -6.28 -55.45
CA ALA D 261 -7.47 -5.88 -56.69
C ALA D 261 -5.96 -6.10 -56.59
N LEU D 262 -5.31 -6.43 -57.72
CA LEU D 262 -3.87 -6.73 -57.71
C LEU D 262 -3.10 -6.12 -58.88
N GLN D 263 -1.83 -5.76 -58.64
CA GLN D 263 -0.94 -5.30 -59.71
C GLN D 263 0.51 -5.71 -59.41
N TYR D 264 1.37 -5.68 -60.42
CA TYR D 264 2.78 -5.91 -60.19
C TYR D 264 3.59 -4.67 -60.54
N ASN D 265 4.70 -4.48 -59.85
CA ASN D 265 5.66 -3.45 -60.22
C ASN D 265 6.97 -4.11 -60.63
N ASP D 266 7.91 -3.28 -61.08
CA ASP D 266 9.22 -3.75 -61.52
C ASP D 266 9.98 -4.50 -60.41
N GLY D 267 9.54 -4.36 -59.14
CA GLY D 267 10.34 -4.71 -57.98
C GLY D 267 10.07 -6.09 -57.43
N PHE D 268 10.59 -6.35 -56.20
CA PHE D 268 10.41 -7.60 -55.46
C PHE D 268 9.73 -7.43 -54.10
N SER D 269 8.89 -6.40 -53.89
CA SER D 269 8.22 -6.25 -52.61
C SER D 269 6.95 -7.11 -52.59
N ASP D 270 6.54 -7.52 -51.38
CA ASP D 270 5.23 -8.11 -51.17
C ASP D 270 4.40 -7.10 -50.39
N ASN D 271 3.80 -6.14 -51.11
CA ASN D 271 3.00 -5.08 -50.46
C ASN D 271 1.50 -5.35 -50.67
N ILE D 272 0.82 -5.77 -49.62
CA ILE D 272 -0.60 -6.12 -49.68
C ILE D 272 -1.33 -5.70 -48.37
N LEU D 273 -2.42 -4.94 -48.51
CA LEU D 273 -3.18 -4.45 -47.35
C LEU D 273 -4.57 -5.07 -47.30
N SER D 274 -4.96 -5.57 -46.11
CA SER D 274 -6.27 -6.19 -45.91
C SER D 274 -7.13 -5.37 -44.97
N PHE D 275 -8.45 -5.43 -45.24
CA PHE D 275 -9.44 -4.61 -44.57
C PHE D 275 -10.67 -5.44 -44.26
N VAL D 276 -11.11 -5.40 -43.01
CA VAL D 276 -12.36 -6.03 -42.62
C VAL D 276 -13.33 -4.90 -42.37
N ASN D 277 -14.29 -4.69 -43.26
CA ASN D 277 -15.40 -3.81 -42.87
C ASN D 277 -14.95 -2.36 -42.79
N ASN D 278 -14.03 -1.97 -43.66
CA ASN D 278 -13.40 -0.65 -43.61
C ASN D 278 -12.54 -0.42 -42.36
N VAL D 279 -12.15 -1.49 -41.65
CA VAL D 279 -11.16 -1.41 -40.57
C VAL D 279 -9.85 -2.09 -41.04
N ARG D 280 -8.70 -1.42 -40.84
CA ARG D 280 -7.44 -1.87 -41.42
C ARG D 280 -6.76 -2.99 -40.58
N THR D 281 -6.74 -4.23 -41.06
CA THR D 281 -6.10 -5.29 -40.26
C THR D 281 -4.64 -5.47 -40.69
N LYS D 282 -3.70 -4.89 -39.91
CA LYS D 282 -2.36 -4.71 -40.44
C LYS D 282 -1.54 -5.98 -40.31
N ASP D 283 -1.89 -6.80 -39.34
CA ASP D 283 -1.30 -8.10 -39.13
C ASP D 283 -2.08 -9.16 -39.84
N GLY D 284 -3.00 -8.74 -40.70
CA GLY D 284 -3.72 -9.61 -41.60
C GLY D 284 -4.62 -10.56 -40.87
N GLY D 285 -4.59 -11.82 -41.33
CA GLY D 285 -5.37 -12.89 -40.75
C GLY D 285 -6.18 -13.68 -41.75
N THR D 286 -7.25 -14.30 -41.25
CA THR D 286 -7.93 -15.33 -42.01
C THR D 286 -8.27 -14.86 -43.44
N HIS D 287 -8.39 -13.54 -43.72
CA HIS D 287 -8.84 -13.06 -45.05
C HIS D 287 -7.66 -12.91 -46.03
N GLU D 288 -6.57 -12.38 -45.49
CA GLU D 288 -5.29 -12.46 -46.19
CA GLU D 288 -5.30 -12.47 -46.20
C GLU D 288 -4.94 -13.92 -46.47
N THR D 289 -4.81 -14.73 -45.42
CA THR D 289 -4.60 -16.16 -45.65
C THR D 289 -5.48 -16.67 -46.82
N GLY D 290 -6.80 -16.50 -46.71
CA GLY D 290 -7.66 -16.93 -47.80
C GLY D 290 -7.07 -16.57 -49.14
N LEU D 291 -6.79 -15.28 -49.34
CA LEU D 291 -6.27 -14.84 -50.63
C LEU D 291 -4.99 -15.60 -51.01
N LYS D 292 -3.99 -15.49 -50.15
CA LYS D 292 -2.71 -16.14 -50.37
C LYS D 292 -2.91 -17.60 -50.81
N SER D 293 -3.62 -18.35 -49.96
CA SER D 293 -3.91 -19.76 -50.25
C SER D 293 -4.37 -19.87 -51.68
N ALA D 294 -5.33 -19.04 -52.06
CA ALA D 294 -5.92 -19.17 -53.39
C ALA D 294 -4.89 -18.94 -54.49
N ILE D 295 -4.00 -17.97 -54.28
CA ILE D 295 -3.01 -17.68 -55.30
C ILE D 295 -2.13 -18.91 -55.57
N THR D 296 -1.48 -19.44 -54.50
CA THR D 296 -0.61 -20.61 -54.61
C THR D 296 -1.34 -21.83 -55.21
N LYS D 297 -2.46 -22.24 -54.59
CA LYS D 297 -3.26 -23.34 -55.13
C LYS D 297 -3.52 -23.16 -56.63
N VAL D 298 -3.92 -21.94 -57.04
CA VAL D 298 -4.47 -21.69 -58.37
C VAL D 298 -3.38 -21.69 -59.44
N MET D 299 -2.28 -20.94 -59.20
CA MET D 299 -1.15 -20.89 -60.14
C MET D 299 -0.30 -22.19 -60.18
N ASN D 300 -0.31 -23.02 -59.12
CA ASN D 300 0.33 -24.32 -59.26
C ASN D 300 -0.59 -25.31 -59.99
N ASP D 301 -1.91 -25.21 -59.77
CA ASP D 301 -2.83 -25.91 -60.63
C ASP D 301 -2.51 -25.57 -62.08
N TYR D 302 -2.58 -24.28 -62.42
CA TYR D 302 -2.43 -23.85 -63.80
C TYR D 302 -1.05 -24.20 -64.36
N ALA D 303 0.00 -23.76 -63.69
CA ALA D 303 1.36 -23.97 -64.19
C ALA D 303 1.64 -25.46 -64.38
N ARG D 304 1.50 -26.27 -63.31
CA ARG D 304 1.84 -27.69 -63.43
C ARG D 304 0.96 -28.38 -64.50
N LYS D 305 -0.27 -27.89 -64.67
CA LYS D 305 -1.19 -28.38 -65.69
C LYS D 305 -1.09 -27.60 -67.01
N THR D 306 -0.74 -26.30 -66.98
CA THR D 306 -0.49 -25.58 -68.23
C THR D 306 0.84 -26.01 -68.84
N GLY D 307 1.25 -27.25 -68.57
CA GLY D 307 2.52 -27.74 -69.07
C GLY D 307 3.68 -26.81 -68.77
N LEU D 308 3.77 -26.29 -67.53
CA LEU D 308 4.84 -25.36 -67.14
C LEU D 308 5.74 -25.87 -66.02
N LEU D 309 5.21 -26.27 -64.85
CA LEU D 309 5.95 -27.04 -63.86
C LEU D 309 5.86 -28.53 -64.25
N LYS D 310 7.02 -29.20 -64.42
CA LYS D 310 7.03 -30.63 -64.73
C LYS D 310 6.64 -31.44 -63.51
N GLU D 311 5.94 -32.56 -63.75
CA GLU D 311 5.57 -33.45 -62.68
C GLU D 311 6.77 -33.92 -61.88
N LYS D 312 7.99 -33.74 -62.40
CA LYS D 312 9.19 -33.88 -61.60
C LYS D 312 9.61 -32.57 -60.95
N ASP D 313 9.10 -31.44 -61.45
CA ASP D 313 9.29 -30.16 -60.80
C ASP D 313 8.26 -30.02 -59.67
N LYS D 314 8.76 -29.77 -58.45
CA LYS D 314 7.95 -29.57 -57.26
C LYS D 314 7.15 -28.28 -57.40
N ASN D 315 6.23 -28.03 -56.46
CA ASN D 315 5.45 -26.81 -56.50
C ASN D 315 6.33 -25.61 -56.19
N LEU D 316 5.92 -24.45 -56.72
CA LEU D 316 6.68 -23.22 -56.55
C LEU D 316 6.20 -22.39 -55.33
N GLU D 317 7.12 -21.54 -54.86
CA GLU D 317 6.96 -20.86 -53.58
C GLU D 317 5.88 -19.80 -53.59
N GLY D 318 4.96 -19.91 -52.66
CA GLY D 318 3.91 -18.89 -52.56
C GLY D 318 4.47 -17.50 -52.38
N SER D 319 5.64 -17.38 -51.74
CA SER D 319 6.36 -16.10 -51.74
C SER D 319 7.14 -15.89 -53.03
N ASP D 320 7.47 -16.95 -53.76
CA ASP D 320 7.98 -16.75 -55.09
C ASP D 320 6.91 -16.15 -55.99
N TYR D 321 5.61 -16.27 -55.64
CA TYR D 321 4.55 -15.73 -56.52
C TYR D 321 4.27 -14.26 -56.26
N ARG D 322 4.27 -13.85 -55.00
CA ARG D 322 3.92 -12.49 -54.66
C ARG D 322 5.10 -11.50 -54.74
N GLU D 323 6.25 -11.93 -55.32
CA GLU D 323 7.41 -11.03 -55.51
C GLU D 323 7.09 -9.95 -56.55
N GLY D 324 7.08 -8.67 -56.11
CA GLY D 324 6.67 -7.49 -56.86
C GLY D 324 5.19 -7.21 -56.80
N LEU D 325 4.46 -7.93 -55.98
CA LEU D 325 3.03 -7.93 -56.02
C LEU D 325 2.47 -6.94 -55.01
N ALA D 326 1.49 -6.17 -55.45
CA ALA D 326 0.82 -5.14 -54.66
C ALA D 326 -0.68 -5.43 -54.72
N ALA D 327 -1.28 -5.71 -53.53
CA ALA D 327 -2.66 -6.16 -53.40
C ALA D 327 -3.45 -5.34 -52.41
N VAL D 328 -4.76 -5.27 -52.65
CA VAL D 328 -5.73 -4.58 -51.78
C VAL D 328 -6.97 -5.46 -51.57
N LEU D 329 -7.14 -5.95 -50.35
CA LEU D 329 -8.25 -6.84 -50.04
C LEU D 329 -9.28 -6.05 -49.25
N SER D 330 -10.54 -6.11 -49.66
CA SER D 330 -11.60 -5.40 -48.94
C SER D 330 -12.73 -6.38 -48.74
N ILE D 331 -12.73 -7.01 -47.57
CA ILE D 331 -13.79 -7.92 -47.22
C ILE D 331 -14.76 -7.24 -46.29
N LEU D 332 -15.94 -7.84 -46.22
CA LEU D 332 -17.15 -7.30 -45.55
C LEU D 332 -17.83 -8.52 -44.96
N VAL D 333 -17.68 -8.71 -43.64
CA VAL D 333 -18.06 -9.96 -42.99
C VAL D 333 -19.19 -9.64 -42.03
N PRO D 334 -20.29 -10.40 -42.03
CA PRO D 334 -21.43 -10.09 -41.13
C PRO D 334 -21.11 -10.22 -39.64
N GLU D 335 -21.79 -9.42 -38.81
CA GLU D 335 -21.58 -9.45 -37.37
C GLU D 335 -21.73 -10.84 -36.78
N GLU D 336 -22.70 -11.63 -37.27
CA GLU D 336 -22.87 -13.03 -36.83
C GLU D 336 -21.53 -13.78 -36.88
N HIS D 337 -20.59 -13.32 -37.71
CA HIS D 337 -19.38 -14.06 -37.98
C HIS D 337 -18.11 -13.21 -37.81
N LEU D 338 -18.10 -12.21 -36.96
CA LEU D 338 -16.97 -11.30 -36.96
C LEU D 338 -16.26 -11.36 -35.62
N GLN D 339 -14.98 -11.73 -35.68
CA GLN D 339 -14.12 -11.84 -34.52
C GLN D 339 -12.78 -11.26 -34.92
N PHE D 340 -12.16 -10.44 -34.05
CA PHE D 340 -10.81 -9.92 -34.26
C PHE D 340 -9.85 -10.64 -33.28
N GLU D 341 -8.69 -10.03 -32.97
CA GLU D 341 -7.92 -10.42 -31.77
C GLU D 341 -7.69 -9.15 -30.93
N GLY D 342 -8.43 -9.05 -29.82
CA GLY D 342 -8.19 -7.99 -28.85
C GLY D 342 -8.84 -6.62 -29.10
N GLN D 343 -9.08 -5.88 -28.04
CA GLN D 343 -9.54 -4.53 -28.29
C GLN D 343 -8.48 -3.78 -29.13
N THR D 344 -7.83 -4.48 -30.06
CA THR D 344 -6.87 -3.86 -30.97
C THR D 344 -7.40 -3.88 -32.39
N LYS D 345 -8.21 -4.89 -32.71
CA LYS D 345 -8.76 -5.08 -34.05
C LYS D 345 -7.66 -5.23 -35.11
N ASP D 346 -6.46 -5.64 -34.71
CA ASP D 346 -5.42 -5.55 -35.71
C ASP D 346 -5.30 -6.79 -36.58
N LYS D 347 -6.01 -7.86 -36.23
CA LYS D 347 -5.88 -9.07 -37.02
C LYS D 347 -7.24 -9.69 -36.98
N LEU D 348 -7.60 -10.47 -37.99
CA LEU D 348 -8.95 -11.01 -38.07
C LEU D 348 -8.95 -12.49 -37.63
N GLY D 349 -9.78 -12.84 -36.65
CA GLY D 349 -9.98 -14.23 -36.26
C GLY D 349 -11.11 -15.05 -36.93
N SER D 350 -11.97 -14.44 -37.83
CA SER D 350 -13.22 -15.01 -38.33
C SER D 350 -12.92 -16.18 -39.24
N PRO D 351 -13.04 -17.36 -38.68
CA PRO D 351 -12.50 -18.53 -39.34
C PRO D 351 -13.08 -18.70 -40.74
N LEU D 352 -14.37 -18.40 -40.94
CA LEU D 352 -14.98 -18.85 -42.21
C LEU D 352 -14.52 -17.97 -43.35
N ALA D 353 -14.00 -16.77 -43.03
CA ALA D 353 -13.28 -15.97 -44.04
C ALA D 353 -12.36 -16.85 -44.90
N ARG D 354 -11.29 -17.53 -44.27
CA ARG D 354 -10.24 -18.12 -45.11
C ARG D 354 -10.91 -18.91 -46.22
N PRO D 355 -11.73 -19.93 -45.91
CA PRO D 355 -12.41 -20.65 -46.99
C PRO D 355 -13.28 -19.77 -47.88
N VAL D 356 -13.65 -18.56 -47.43
CA VAL D 356 -14.61 -17.77 -48.21
C VAL D 356 -13.93 -16.83 -49.24
N VAL D 357 -12.80 -16.19 -48.87
CA VAL D 357 -11.87 -15.55 -49.81
C VAL D 357 -11.17 -16.60 -50.69
N ASP D 358 -10.47 -17.57 -50.07
CA ASP D 358 -9.94 -18.68 -50.86
C ASP D 358 -11.01 -19.20 -51.79
N GLY D 359 -12.25 -19.20 -51.31
CA GLY D 359 -13.34 -19.72 -52.11
C GLY D 359 -13.60 -18.78 -53.26
N ILE D 360 -14.02 -17.55 -52.94
CA ILE D 360 -14.55 -16.62 -53.93
C ILE D 360 -13.47 -16.18 -54.94
N VAL D 361 -12.20 -16.12 -54.51
CA VAL D 361 -11.09 -15.48 -55.26
C VAL D 361 -10.50 -16.46 -56.28
N ALA D 362 -10.04 -17.61 -55.78
CA ALA D 362 -9.50 -18.62 -56.68
C ALA D 362 -10.45 -18.93 -57.82
N ASP D 363 -11.76 -18.92 -57.56
CA ASP D 363 -12.73 -19.16 -58.63
C ASP D 363 -12.53 -18.16 -59.77
N LYS D 364 -12.69 -16.87 -59.45
CA LYS D 364 -12.57 -15.81 -60.44
C LYS D 364 -11.21 -15.84 -61.13
N LEU D 365 -10.14 -16.11 -60.39
CA LEU D 365 -8.80 -16.10 -60.98
C LEU D 365 -8.57 -17.31 -61.89
N THR D 366 -8.98 -18.51 -61.45
CA THR D 366 -8.92 -19.69 -62.30
C THR D 366 -9.59 -19.39 -63.64
N PHE D 367 -10.89 -19.08 -63.62
CA PHE D 367 -11.55 -18.78 -64.92
C PHE D 367 -10.99 -17.52 -65.60
N PHE D 368 -10.17 -16.70 -64.91
CA PHE D 368 -9.57 -15.49 -65.47
C PHE D 368 -8.31 -15.77 -66.29
N LEU D 369 -7.24 -16.21 -65.62
CA LEU D 369 -6.09 -16.74 -66.35
C LEU D 369 -6.52 -17.72 -67.45
N MET D 370 -7.69 -18.38 -67.29
CA MET D 370 -8.29 -19.25 -68.31
C MET D 370 -9.05 -18.43 -69.33
N GLU D 371 -8.56 -17.20 -69.56
CA GLU D 371 -9.06 -16.31 -70.59
C GLU D 371 -8.12 -15.13 -70.81
N ASN D 372 -6.87 -15.25 -70.36
CA ASN D 372 -5.84 -14.23 -70.55
C ASN D 372 -4.48 -14.88 -70.66
N GLY D 373 -4.38 -15.97 -71.42
CA GLY D 373 -3.26 -16.89 -71.34
C GLY D 373 -1.87 -16.28 -71.44
N GLU D 374 -1.73 -15.17 -72.17
CA GLU D 374 -0.41 -14.58 -72.41
C GLU D 374 0.29 -14.25 -71.10
N LEU D 375 -0.26 -13.29 -70.35
CA LEU D 375 0.26 -12.98 -69.03
C LEU D 375 0.45 -14.27 -68.23
N ALA D 376 -0.64 -15.00 -67.94
CA ALA D 376 -0.58 -16.19 -67.06
C ALA D 376 0.69 -16.99 -67.32
N SER D 377 0.89 -17.38 -68.59
CA SER D 377 2.13 -18.01 -68.99
C SER D 377 3.36 -17.09 -68.81
N ASN D 378 3.19 -15.77 -68.62
CA ASN D 378 4.31 -14.85 -68.40
C ASN D 378 4.60 -14.59 -66.91
N LEU D 379 3.56 -14.28 -66.12
CA LEU D 379 3.70 -14.18 -64.66
C LEU D 379 4.22 -15.48 -64.04
N ILE D 380 3.90 -16.65 -64.62
CA ILE D 380 4.58 -17.84 -64.11
C ILE D 380 6.07 -17.78 -64.42
N ARG D 381 6.44 -17.11 -65.53
CA ARG D 381 7.86 -16.92 -65.85
C ARG D 381 8.55 -15.97 -64.86
N LYS D 382 7.81 -15.05 -64.23
CA LYS D 382 8.38 -14.32 -63.10
C LYS D 382 8.57 -15.24 -61.89
N ALA D 383 7.53 -16.03 -61.53
CA ALA D 383 7.65 -16.90 -60.34
C ALA D 383 8.75 -17.96 -60.45
N ILE D 384 9.12 -18.38 -61.69
CA ILE D 384 10.14 -19.43 -61.85
C ILE D 384 11.55 -18.85 -61.65
N LYS D 385 11.83 -17.70 -62.20
CA LYS D 385 13.07 -17.04 -61.85
C LYS D 385 13.08 -16.71 -60.35
N ALA D 386 11.97 -16.23 -59.81
CA ALA D 386 11.88 -16.04 -58.37
C ALA D 386 12.29 -17.31 -57.63
N ARG D 387 11.92 -18.51 -58.13
CA ARG D 387 12.32 -19.74 -57.43
C ARG D 387 13.81 -19.97 -57.62
N ASP D 388 14.25 -20.06 -58.90
CA ASP D 388 15.64 -20.19 -59.36
C ASP D 388 16.53 -18.96 -58.98
N ALA D 389 16.17 -18.16 -57.95
CA ALA D 389 16.86 -16.94 -57.57
C ALA D 389 16.79 -16.73 -56.08
N ARG D 390 15.77 -17.31 -55.44
CA ARG D 390 15.79 -17.53 -54.00
C ARG D 390 16.63 -18.75 -53.67
N GLU D 391 16.45 -19.83 -54.46
CA GLU D 391 17.21 -21.07 -54.37
C GLU D 391 18.69 -20.77 -54.17
N ALA D 392 19.22 -20.05 -55.15
CA ALA D 392 20.51 -19.38 -55.13
C ALA D 392 20.91 -18.90 -53.74
N ALA D 393 20.26 -17.83 -53.28
CA ALA D 393 20.63 -17.22 -52.02
C ALA D 393 20.73 -18.26 -50.90
N ARG D 394 19.81 -19.23 -50.86
CA ARG D 394 19.97 -20.33 -49.90
C ARG D 394 21.36 -20.95 -50.02
N LYS D 395 21.71 -21.44 -51.23
CA LYS D 395 23.06 -22.01 -51.41
C LYS D 395 24.15 -21.09 -50.90
N ALA D 396 24.00 -19.77 -51.11
CA ALA D 396 25.01 -18.83 -50.62
C ALA D 396 25.06 -18.77 -49.10
N ARG D 397 23.90 -18.63 -48.44
CA ARG D 397 23.86 -18.66 -46.98
C ARG D 397 24.65 -19.86 -46.47
N ASP D 398 24.32 -21.04 -46.99
CA ASP D 398 24.87 -22.24 -46.39
C ASP D 398 26.30 -22.52 -46.86
N GLU D 399 26.79 -21.84 -47.91
CA GLU D 399 28.17 -21.99 -48.36
C GLU D 399 29.16 -21.25 -47.46
N SER D 400 28.75 -20.07 -46.88
CA SER D 400 29.60 -19.25 -45.99
C SER D 400 29.69 -19.83 -44.59
N ARG D 401 29.03 -20.98 -44.43
CA ARG D 401 28.64 -21.68 -43.19
C ARG D 401 29.33 -23.06 -43.15
PG ANP G . 4.18 15.24 16.22
O1G ANP G . 4.20 13.73 16.41
O2G ANP G . 3.83 15.82 17.69
O3G ANP G . 5.38 16.25 16.09
PB ANP G . 4.33 16.24 13.47
O1B ANP G . 3.78 15.74 12.12
O2B ANP G . 5.81 16.86 13.52
N3B ANP G . 3.74 15.16 14.61
PA ANP G . 3.76 18.85 14.18
O1A ANP G . 2.41 19.29 14.47
O2A ANP G . 4.69 18.96 15.42
O3A ANP G . 3.37 17.48 13.68
O5' ANP G . 4.01 19.52 12.80
C5' ANP G . 3.02 19.05 11.77
C4' ANP G . 3.51 19.30 10.35
O4' ANP G . 3.99 20.64 10.25
C3' ANP G . 4.71 18.48 9.85
O3' ANP G . 4.35 17.21 9.32
C2' ANP G . 5.31 19.40 8.78
O2' ANP G . 4.71 19.33 7.49
C1' ANP G . 5.01 20.78 9.28
N9 ANP G . 6.15 21.41 9.89
C8 ANP G . 6.31 21.65 11.21
N7 ANP G . 7.40 22.29 11.53
C5 ANP G . 8.05 22.41 10.33
C6 ANP G . 9.31 22.91 9.99
N6 ANP G . 10.18 23.35 10.91
N1 ANP G . 9.64 22.93 8.69
C2 ANP G . 8.77 22.47 7.78
N3 ANP G . 7.56 21.95 7.98
C4 ANP G . 7.25 21.93 9.29
HNB1 ANP G . 2.83 15.11 14.55
H5'1 ANP G . 2.18 19.52 11.91
H5'2 ANP G . 2.87 18.09 11.90
H4' ANP G . 2.78 19.20 9.71
H3' ANP G . 5.33 18.38 10.59
HO3' ANP G . 4.60 17.17 8.48
H2' ANP G . 6.26 19.28 8.73
HO2' ANP G . 3.95 18.87 7.54
H1' ANP G . 4.69 21.32 8.54
H8 ANP G . 5.64 21.42 11.87
HN61 ANP G . 11.03 23.57 10.67
HN62 ANP G . 9.92 23.42 11.79
H2 ANP G . 9.07 22.49 6.86
MG MG H . 6.38 17.48 15.34
PG ANP I . -12.34 10.06 29.51
O1G ANP I . -12.10 9.78 28.03
O2G ANP I . -11.12 10.48 30.50
O3G ANP I . -13.09 8.66 29.86
PB ANP I . -15.06 10.85 29.42
O1B ANP I . -15.78 10.04 30.57
O2B ANP I . -15.38 12.14 29.77
N3B ANP I . -13.53 11.19 29.91
PA ANP I . -15.75 9.38 27.50
O1A ANP I . -15.85 9.13 26.01
O2A ANP I . -15.31 8.00 28.04
O3A ANP I . -14.86 10.42 27.99
O5' ANP I . -17.07 9.95 28.07
C5' ANP I . -17.90 10.86 27.22
C4' ANP I . -19.12 11.30 27.94
O4' ANP I . -20.23 10.43 27.59
C3' ANP I . -19.05 11.25 29.45
O3' ANP I . -18.41 12.40 30.00
C2' ANP I . -20.51 11.11 29.83
O2' ANP I . -21.24 12.32 29.90
C1' ANP I . -21.08 10.27 28.69
N9 ANP I . -21.12 8.86 29.03
C8 ANP I . -20.20 7.90 28.67
N7 ANP I . -20.48 6.70 29.15
C5 ANP I . -21.63 6.88 29.89
C6 ANP I . -22.44 5.99 30.61
N6 ANP I . -22.22 4.69 30.74
N1 ANP I . -23.54 6.49 31.18
C2 ANP I . -23.79 7.78 31.08
N3 ANP I . -23.11 8.72 30.42
C4 ANP I . -22.05 8.20 29.83
HNB1 ANP I . -13.53 11.33 30.81
H5'1 ANP I . -18.15 10.37 26.41
H5'2 ANP I . -17.37 11.64 26.97
H4' ANP I . -19.37 12.20 27.67
H3' ANP I . -18.57 10.45 29.71
HO3' ANP I . -17.52 12.28 29.99
H2' ANP I . -20.59 10.60 30.65
HO2' ANP I . -20.85 12.93 29.40
H1' ANP I . -21.96 10.61 28.49
H8 ANP I . -19.44 8.08 28.14
HN61 ANP I . -22.93 4.10 30.81
HN62 ANP I . -21.36 4.38 30.77
H2 ANP I . -24.59 8.09 31.53
MG MG J . -14.82 7.82 30.20
PG ANP K . -5.45 -10.04 -14.79
O1G ANP K . -6.83 -9.91 -15.30
O2G ANP K . -4.38 -9.63 -15.86
O3G ANP K . -5.59 -11.58 -14.65
PB ANP K . -5.87 -10.10 -12.02
O1B ANP K . -4.92 -11.39 -11.67
O2B ANP K . -5.77 -9.32 -10.79
N3B ANP K . -5.19 -9.27 -13.30
PA ANP K . -7.87 -11.96 -12.28
O1A ANP K . -9.22 -12.22 -12.94
O2A ANP K . -7.03 -13.25 -12.58
O3A ANP K . -7.31 -10.49 -12.40
O5' ANP K . -7.94 -12.02 -10.73
C5' ANP K . -8.84 -11.24 -9.92
C4' ANP K . -8.32 -11.15 -8.49
O4' ANP K . -8.65 -12.35 -7.77
C3' ANP K . -6.80 -11.04 -8.34
O3' ANP K . -6.29 -9.72 -8.53
C2' ANP K . -6.56 -11.58 -6.93
O2' ANP K . -6.55 -10.61 -5.91
C1' ANP K . -7.65 -12.64 -6.81
N9 ANP K . -7.17 -14.03 -7.03
C8 ANP K . -7.38 -14.82 -8.13
N7 ANP K . -6.87 -16.02 -8.02
C5 ANP K . -6.30 -16.01 -6.77
C6 ANP K . -5.59 -17.00 -6.05
N6 ANP K . -5.31 -18.22 -6.53
N1 ANP K . -5.14 -16.67 -4.82
C2 ANP K . -5.40 -15.44 -4.35
N3 ANP K . -6.06 -14.45 -4.94
C4 ANP K . -6.47 -14.79 -6.15
HNB1 ANP K . -5.54 -8.43 -13.34
H5'1 ANP K . -9.72 -11.65 -9.92
H5'2 ANP K . -8.92 -10.33 -10.29
H4' ANP K . -8.73 -10.41 -8.01
H3' ANP K . -6.40 -11.65 -8.98
HO3' ANP K . -5.42 -9.77 -8.70
H2' ANP K . -5.71 -12.05 -6.94
HO2' ANP K . -6.31 -11.00 -5.14
H1' ANP K . -8.02 -12.57 -5.93
H8 ANP K . -7.85 -14.52 -8.90
HN61 ANP K . -4.64 -18.72 -6.14
HN62 ANP K . -5.77 -18.55 -7.25
H2 ANP K . -5.07 -15.26 -3.46
MG MG L . -5.03 -12.98 -13.09
PG ANP M . -16.32 -0.63 -31.03
O1G ANP M . -16.04 -1.83 -31.98
O2G ANP M . -15.91 -0.57 -29.58
O3G ANP M . -15.79 0.65 -31.75
PB ANP M . -19.16 0.34 -31.01
O1B ANP M . -18.91 0.97 -32.46
O2B ANP M . -20.37 -0.52 -30.85
N3B ANP M . -18.02 -0.88 -31.04
PA ANP M . -18.54 2.64 -29.57
O1A ANP M . -17.30 3.18 -30.30
O2A ANP M . -18.71 3.10 -28.11
O3A ANP M . -18.87 1.12 -29.71
O5' ANP M . -19.86 3.14 -30.26
C5' ANP M . -21.08 3.11 -29.40
C4' ANP M . -22.39 3.21 -30.15
O4' ANP M . -22.76 4.61 -30.27
C3' ANP M . -22.43 2.66 -31.56
O3' ANP M . -22.72 1.26 -31.63
C2' ANP M . -23.55 3.49 -32.22
O2' ANP M . -24.82 2.91 -32.05
C1' ANP M . -23.43 4.83 -31.49
N9 ANP M . -22.68 5.79 -32.28
C8 ANP M . -21.38 6.20 -32.18
N7 ANP M . -21.02 7.05 -33.11
C5 ANP M . -22.17 7.22 -33.87
C6 ANP M . -22.46 7.96 -35.03
N6 ANP M . -21.61 8.80 -35.63
N1 ANP M . -23.70 7.84 -35.55
C2 ANP M . -24.58 7.04 -34.95
N3 ANP M . -24.43 6.29 -33.87
C4 ANP M . -23.19 6.42 -33.37
HNB1 ANP M . -18.24 -1.52 -30.43
H5'1 ANP M . -21.03 3.84 -28.77
H5'2 ANP M . -21.08 2.27 -28.90
H4' ANP M . -23.10 2.79 -29.64
H3' ANP M . -21.60 2.85 -31.99
HO3' ANP M . -22.44 0.94 -32.41
H2' ANP M . -23.34 3.63 -33.15
HO2' ANP M . -25.42 3.35 -32.53
H1' ANP M . -24.33 5.16 -31.33
H8 ANP M . -20.80 5.92 -31.48
HN61 ANP M . -21.75 9.05 -36.50
HN62 ANP M . -20.88 9.12 -35.16
H2 ANP M . -25.46 7.01 -35.37
MG MG N . -16.87 2.28 -32.59
PA ANP O . 6.93 -0.62 44.60
O1A ANP O . 6.77 -1.70 43.59
O2A ANP O . 5.74 -0.70 45.58
O3A ANP O . 6.80 0.82 43.93
O5' ANP O . 8.44 -0.71 45.31
C5' ANP O . 9.74 -1.28 44.77
C4' ANP O . 10.71 -0.17 44.27
O4' ANP O . 12.07 -0.44 44.70
C3' ANP O . 10.78 0.11 42.77
O3' ANP O . 9.95 1.21 42.39
C2' ANP O . 12.27 0.41 42.49
O2' ANP O . 12.41 1.72 41.95
C1' ANP O . 12.96 0.30 43.86
N9 ANP O . 14.28 -0.35 43.90
C8 ANP O . 14.87 -0.88 45.01
N7 ANP O . 16.07 -1.38 44.81
C5 ANP O . 16.29 -1.17 43.45
C6 ANP O . 17.36 -1.49 42.61
N6 ANP O . 18.46 -2.10 43.01
N1 ANP O . 17.27 -1.13 41.32
C2 ANP O . 16.17 -0.53 40.89
N3 ANP O . 15.08 -0.17 41.58
C4 ANP O . 15.20 -0.53 42.88
H5'1 ANP O . 9.53 -1.89 44.03
H5'2 ANP O . 10.17 -1.80 45.48
H4' ANP O . 10.46 0.67 44.70
H3' ANP O . 10.53 -0.69 42.30
HO3' ANP O . 9.71 1.11 41.54
H2' ANP O . 12.64 -0.26 41.91
HO2' ANP O . 12.23 1.70 41.07
H1' ANP O . 13.03 1.20 44.22
H8 ANP O . 14.45 -0.87 45.87
HN61 ANP O . 18.92 -2.66 42.43
HN62 ANP O . 18.76 -1.99 43.87
H2 ANP O . 16.15 -0.29 39.95
#